data_7UOE
#
_entry.id   7UOE
#
_cell.length_a   1.00
_cell.length_b   1.00
_cell.length_c   1.00
_cell.angle_alpha   90.00
_cell.angle_beta   90.00
_cell.angle_gamma   90.00
#
_symmetry.space_group_name_H-M   'P 1'
#
loop_
_entity.id
_entity.type
_entity.pdbx_description
1 polymer 'RNA-directed RNA polymerase'
2 polymer 'Non-structural protein 8'
3 polymer 'Non-structural protein 7'
4 polymer 'Product RNA (35-MER)'
5 polymer 'Template RNA (55-MER)'
6 non-polymer 'ZINC ION'
7 non-polymer 'MAGNESIUM ION'
8 non-polymer "CYTIDINE-5'-TRIPHOSPHATE"
9 non-polymer "3'-DEOXYURIDINE-5'-MONOPHOSPHATE"
10 water water
#
loop_
_entity_poly.entity_id
_entity_poly.type
_entity_poly.pdbx_seq_one_letter_code
_entity_poly.pdbx_strand_id
1 'polypeptide(L)'
;SADAQSFLNRVCGVSAARLTPCGTGTSTDVVYRAFDIYNDKVAGFAKFLKTNCCRFQEKDEDDNLIDSYFVVKRHTFSNY
QHEETIYNLLKDCPAVAKHDFFKFRIDGDMVPHISRQRLTKYTMADLVYALRHFDEGNCDTLKEILVTYNCCDDDYFNKK
DWYDFVENPDILRVYANLGERVRQALLKTVQFCDAMRNAGIVGVLTLDNQDLNGNWYDFGDFIQTTPGSGVPVVDSYYSL
LMPILTLTRALTAESHVDTDLTKPYIKWDLLKYDFTEERLKLFDRYFKYWDQTYHPNCVNCLDDRCILHCANFNVLFSTV
FPPTSFGPLVRKIFVDGVPFVVSTGYHFRELGVVHNQDVNLHSSRLSFKELLVYAADPAMHAASGNLLLDKRTTCFSVAA
LTNNVAFQTVKPGNFNKDFYDFAVSKGFFKEGSSVELKHFFFAQDGNAAISDYDYYRYNLPTMCDIRQLLFVVEVVDKYF
DCYDGGCINANQVIVNNLDKSAGFPFNKWGKARLYYDSMSYEDQDALFAYTKRNVIPTITQMNLKYAISAKNRARTVAGV
SICSTMTNRQFHQKLLKSIAATRGATVVIGTSKFYGGWHNMLKTVYSDVENPHLMGWDYPKCDRAMPNMLRIMASLVLAR
KHTTCCSLSHRFYRLANECAQVLSEMVMCGGSLYVKPGGTSSGDATTAYANSVFNICQAVTANVNALLSTDGNKIADKYV
RNLQHRLYECLYRNRDVDTDFVNEFYAYLRKHFSMMILSDDAVVCFNSTYASQGLVASIKNFKSVLYYQNNVFMSEAKCW
TETDLTKGPHEFCSQHTMLVKQGDDYVYLPYPDPSRILGAGCFVDDIVKTDGTLMIERFVSLAIDAYPLTKHPNQEYADV
FHLYLQYIRKLHDELTGHMLDMYSVMLTNDNTSRYWEPEFYEAMYTPHTVLQ
;
A
2 'polypeptide(L)'
;AIASEFSSLPSYAAFATAQEAYEQAVANGDSEVVLKKLKKSLNVAKSEFDRDAAMQRKLEKMADQAMTQMYKQARSEDKR
AKVTSAMQTMLFTMLRKLDNDALNNIINNARDGCVPLNIIPLTTAAKLMVVIPDYNTYKNTCDGTTFTYASALWEIQQVV
DADSKIVQLSEISMDNSPNLAWPLIVTALRANSAVKLQ
;
B,D
3 'polypeptide(L)'
;VACTKEVHMSKMSDVKCTSVVLLSVLQQLRVESSSKLWAQCVQLHNDILLAKDTTEAFEKMVSLLSVLLSMQGAVDINKL
CEEMLDNRATLQ
;
C
4 'polyribonucleotide' CGCGUAGCAUGCUACGUCAUUCUCCACGCGAAGCA P
5 'polyribonucleotide' CUAUCCCCAUUUUGUUGUGAUGCUUCGCGUGGAGAAUGACGUAGCAUGCUACGCG T
#
# COMPACT_ATOMS: atom_id res chain seq x y z
N SER A 1 -13.27 6.88 -66.94
CA SER A 1 -13.01 7.54 -65.62
C SER A 1 -13.27 9.04 -65.70
N ALA A 2 -13.98 9.47 -66.75
CA ALA A 2 -14.32 10.88 -66.89
C ALA A 2 -15.22 11.35 -65.77
N ASP A 3 -16.22 10.56 -65.39
CA ASP A 3 -17.11 10.95 -64.30
C ASP A 3 -16.34 11.03 -62.98
N ALA A 4 -15.51 10.03 -62.71
CA ALA A 4 -14.74 10.02 -61.46
C ALA A 4 -13.77 11.19 -61.42
N GLN A 5 -13.09 11.48 -62.52
CA GLN A 5 -12.14 12.58 -62.53
C GLN A 5 -12.84 13.92 -62.42
N SER A 6 -14.02 14.05 -63.04
CA SER A 6 -14.80 15.27 -62.89
C SER A 6 -15.25 15.48 -61.45
N PHE A 7 -15.67 14.39 -60.78
CA PHE A 7 -16.02 14.50 -59.37
C PHE A 7 -14.81 14.89 -58.54
N LEU A 8 -13.64 14.31 -58.85
CA LEU A 8 -12.42 14.68 -58.14
C LEU A 8 -12.07 16.14 -58.32
N ASN A 9 -12.23 16.68 -59.53
CA ASN A 9 -11.97 18.09 -59.79
C ASN A 9 -12.99 19.00 -59.11
N ARG A 10 -14.26 18.58 -59.04
CA ARG A 10 -15.28 19.41 -58.41
C ARG A 10 -15.05 19.52 -56.91
N VAL A 11 -14.58 18.43 -56.28
CA VAL A 11 -14.35 18.46 -54.84
C VAL A 11 -13.25 19.46 -54.50
N CYS A 12 -12.35 19.73 -55.43
CA CYS A 12 -11.30 20.73 -55.16
C CYS A 12 -11.90 22.09 -54.87
N GLY A 13 -12.90 22.50 -55.65
CA GLY A 13 -13.64 23.72 -55.33
C GLY A 13 -12.79 24.97 -55.31
N VAL A 14 -11.96 25.16 -56.34
CA VAL A 14 -11.15 26.37 -56.52
C VAL A 14 -9.87 26.23 -55.70
N SER A 15 -9.98 25.71 -54.48
CA SER A 15 -8.80 25.50 -53.64
C SER A 15 -7.99 24.34 -54.18
N ALA A 16 -6.89 24.66 -54.86
CA ALA A 16 -6.01 23.63 -55.42
C ALA A 16 -5.50 22.76 -54.29
N ALA A 17 -5.91 21.49 -54.26
CA ALA A 17 -5.64 20.62 -53.12
C ALA A 17 -5.22 19.22 -53.53
N ARG A 18 -4.79 19.02 -54.77
CA ARG A 18 -4.05 17.81 -55.15
C ARG A 18 -4.67 16.56 -54.53
N LEU A 19 -5.92 16.29 -54.85
CA LEU A 19 -6.64 15.23 -54.17
C LEU A 19 -6.32 13.87 -54.78
N THR A 20 -6.40 12.83 -53.94
CA THR A 20 -6.31 11.43 -54.36
C THR A 20 -7.38 10.65 -53.61
N PRO A 21 -8.18 9.84 -54.30
CA PRO A 21 -9.29 9.17 -53.63
C PRO A 21 -8.82 8.15 -52.59
N CYS A 22 -9.73 7.84 -51.67
CA CYS A 22 -9.56 6.73 -50.74
C CYS A 22 -10.40 5.52 -51.10
N GLY A 23 -11.38 5.67 -52.00
CA GLY A 23 -12.18 4.57 -52.48
C GLY A 23 -12.29 4.62 -53.98
N THR A 24 -12.94 3.60 -54.53
CA THR A 24 -13.06 3.46 -55.99
C THR A 24 -14.09 4.46 -56.51
N GLY A 25 -13.61 5.53 -57.13
CA GLY A 25 -14.52 6.48 -57.74
C GLY A 25 -15.40 7.17 -56.73
N THR A 26 -16.62 7.49 -57.14
CA THR A 26 -17.60 8.15 -56.29
C THR A 26 -18.22 7.22 -55.26
N SER A 27 -17.90 5.93 -55.29
CA SER A 27 -18.41 5.00 -54.31
C SER A 27 -18.04 5.47 -52.91
N THR A 28 -19.02 5.41 -52.00
CA THR A 28 -18.85 5.96 -50.67
C THR A 28 -17.89 5.11 -49.85
N ASP A 29 -16.97 5.78 -49.16
CA ASP A 29 -16.00 5.09 -48.32
C ASP A 29 -16.64 4.66 -47.00
N VAL A 30 -16.11 3.59 -46.43
CA VAL A 30 -16.61 3.01 -45.19
C VAL A 30 -15.47 2.97 -44.19
N VAL A 31 -15.71 3.47 -42.97
CA VAL A 31 -14.71 3.44 -41.92
C VAL A 31 -15.36 3.07 -40.60
N TYR A 32 -14.52 2.61 -39.67
CA TYR A 32 -14.94 2.15 -38.34
C TYR A 32 -14.40 3.16 -37.34
N ARG A 33 -15.27 4.05 -36.89
CA ARG A 33 -14.87 5.22 -36.11
C ARG A 33 -15.71 5.34 -34.85
N ALA A 34 -15.18 6.04 -33.86
CA ALA A 34 -15.85 6.25 -32.59
C ALA A 34 -16.79 7.43 -32.68
N PHE A 35 -18.04 7.24 -32.27
CA PHE A 35 -19.07 8.27 -32.28
C PHE A 35 -19.71 8.37 -30.91
N ASP A 36 -19.92 9.60 -30.45
CA ASP A 36 -20.62 9.88 -29.19
C ASP A 36 -22.06 10.24 -29.55
N ILE A 37 -22.92 9.22 -29.66
CA ILE A 37 -24.24 9.38 -30.24
C ILE A 37 -25.29 9.26 -29.15
N TYR A 38 -26.41 9.97 -29.35
CA TYR A 38 -27.57 9.87 -28.47
C TYR A 38 -28.78 10.33 -29.26
N ASN A 39 -29.73 9.44 -29.48
CA ASN A 39 -30.98 9.76 -30.14
C ASN A 39 -32.06 8.85 -29.58
N ASP A 40 -33.23 8.81 -30.22
CA ASP A 40 -34.32 7.98 -29.71
C ASP A 40 -34.04 6.50 -29.86
N LYS A 41 -33.11 6.11 -30.73
CA LYS A 41 -32.80 4.70 -30.97
C LYS A 41 -31.65 4.20 -30.12
N VAL A 42 -30.50 4.86 -30.17
CA VAL A 42 -29.29 4.38 -29.53
C VAL A 42 -28.67 5.52 -28.72
N ALA A 43 -27.84 5.14 -27.75
CA ALA A 43 -27.08 6.10 -26.96
C ALA A 43 -25.80 5.44 -26.48
N GLY A 44 -24.69 6.12 -26.65
CA GLY A 44 -23.42 5.62 -26.16
C GLY A 44 -22.26 6.24 -26.90
N PHE A 45 -21.07 5.96 -26.37
CA PHE A 45 -19.80 6.39 -26.94
C PHE A 45 -19.09 5.12 -27.38
N ALA A 46 -19.37 4.68 -28.60
CA ALA A 46 -18.92 3.40 -29.12
C ALA A 46 -18.39 3.57 -30.52
N LYS A 47 -17.74 2.51 -31.02
CA LYS A 47 -17.22 2.48 -32.38
C LYS A 47 -18.31 1.97 -33.30
N PHE A 48 -18.79 2.83 -34.18
CA PHE A 48 -19.76 2.48 -35.21
C PHE A 48 -19.07 2.45 -36.56
N LEU A 49 -19.84 2.11 -37.59
CA LEU A 49 -19.36 2.01 -38.96
C LEU A 49 -20.10 3.04 -39.79
N LYS A 50 -19.38 4.00 -40.36
CA LYS A 50 -19.97 5.03 -41.20
C LYS A 50 -19.68 4.72 -42.66
N THR A 51 -20.69 4.89 -43.50
CA THR A 51 -20.64 4.55 -44.92
C THR A 51 -21.31 5.62 -45.75
N ASN A 52 -21.27 6.87 -45.29
CA ASN A 52 -21.97 7.97 -45.95
C ASN A 52 -21.01 9.13 -46.21
N CYS A 53 -19.75 8.82 -46.48
CA CYS A 53 -18.75 9.85 -46.75
C CYS A 53 -17.71 9.31 -47.71
N CYS A 54 -17.22 10.19 -48.58
CA CYS A 54 -16.13 9.89 -49.50
C CYS A 54 -14.91 10.72 -49.07
N ARG A 55 -13.78 10.05 -48.87
CA ARG A 55 -12.57 10.70 -48.40
C ARG A 55 -11.57 10.85 -49.55
N PHE A 56 -11.07 12.07 -49.71
CA PHE A 56 -10.04 12.38 -50.70
C PHE A 56 -8.86 12.99 -49.96
N GLN A 57 -7.75 12.26 -49.90
CA GLN A 57 -6.58 12.73 -49.17
C GLN A 57 -5.81 13.71 -50.03
N GLU A 58 -5.43 14.84 -49.44
CA GLU A 58 -4.58 15.81 -50.11
C GLU A 58 -3.12 15.41 -49.96
N LYS A 59 -2.34 15.62 -51.01
CA LYS A 59 -0.93 15.25 -51.03
C LYS A 59 -0.07 16.48 -51.22
N ASP A 60 1.06 16.50 -50.50
CA ASP A 60 1.97 17.63 -50.55
C ASP A 60 2.46 17.85 -51.99
N GLU A 61 3.09 19.00 -52.20
CA GLU A 61 3.56 19.36 -53.53
C GLU A 61 4.55 18.36 -54.10
N ASP A 62 5.22 17.58 -53.24
CA ASP A 62 6.18 16.58 -53.67
C ASP A 62 5.63 15.16 -53.61
N ASP A 63 4.34 14.99 -53.90
CA ASP A 63 3.69 13.69 -53.94
C ASP A 63 3.74 12.97 -52.60
N ASN A 64 3.90 13.72 -51.50
CA ASN A 64 3.90 13.14 -50.16
C ASN A 64 2.53 13.40 -49.52
N LEU A 65 1.83 12.32 -49.19
CA LEU A 65 0.52 12.45 -48.57
C LEU A 65 0.62 13.20 -47.25
N ILE A 66 -0.26 14.17 -47.04
CA ILE A 66 -0.35 14.90 -45.79
C ILE A 66 -1.66 14.56 -45.10
N ASP A 67 -1.79 14.99 -43.85
CA ASP A 67 -2.97 14.71 -43.04
C ASP A 67 -4.07 15.74 -43.31
N SER A 68 -4.49 15.80 -44.58
CA SER A 68 -5.56 16.69 -45.00
C SER A 68 -6.50 15.92 -45.91
N TYR A 69 -7.77 15.87 -45.56
CA TYR A 69 -8.77 15.10 -46.27
C TYR A 69 -9.94 15.98 -46.64
N PHE A 70 -10.56 15.68 -47.78
CA PHE A 70 -11.77 16.37 -48.25
C PHE A 70 -12.90 15.36 -48.16
N VAL A 71 -13.58 15.34 -47.02
CA VAL A 71 -14.65 14.38 -46.77
C VAL A 71 -15.90 14.89 -47.46
N VAL A 72 -16.38 14.14 -48.46
CA VAL A 72 -17.54 14.53 -49.25
C VAL A 72 -18.72 13.71 -48.76
N LYS A 73 -19.74 14.40 -48.28
CA LYS A 73 -20.93 13.81 -47.68
C LYS A 73 -22.10 13.93 -48.66
N ARG A 74 -22.85 12.84 -48.80
CA ARG A 74 -24.03 12.80 -49.65
C ARG A 74 -25.27 12.93 -48.79
N HIS A 75 -26.18 13.82 -49.20
CA HIS A 75 -27.26 14.28 -48.34
C HIS A 75 -28.59 14.22 -49.05
N THR A 76 -29.65 14.15 -48.25
CA THR A 76 -30.99 14.50 -48.71
C THR A 76 -31.05 16.01 -48.88
N PHE A 77 -31.84 16.46 -49.86
CA PHE A 77 -31.86 17.88 -50.19
C PHE A 77 -32.25 18.73 -48.98
N SER A 78 -33.11 18.19 -48.10
CA SER A 78 -33.57 18.97 -46.95
C SER A 78 -32.42 19.28 -46.00
N ASN A 79 -31.65 18.26 -45.61
CA ASN A 79 -30.52 18.51 -44.73
C ASN A 79 -29.42 19.29 -45.44
N TYR A 80 -29.30 19.16 -46.75
CA TYR A 80 -28.39 19.98 -47.52
C TYR A 80 -28.73 21.46 -47.43
N GLN A 81 -30.02 21.80 -47.53
CA GLN A 81 -30.45 23.17 -47.28
C GLN A 81 -30.21 23.59 -45.83
N HIS A 82 -30.55 22.71 -44.88
CA HIS A 82 -30.45 23.07 -43.47
C HIS A 82 -29.02 23.35 -43.04
N GLU A 83 -28.07 22.53 -43.46
CA GLU A 83 -26.68 22.73 -43.05
C GLU A 83 -26.09 23.98 -43.71
N GLU A 84 -26.51 24.29 -44.93
CA GLU A 84 -25.98 25.47 -45.61
C GLU A 84 -26.35 26.74 -44.86
N THR A 85 -27.60 26.82 -44.39
CA THR A 85 -28.02 28.01 -43.64
C THR A 85 -27.22 28.16 -42.36
N ILE A 86 -27.02 27.06 -41.63
CA ILE A 86 -26.26 27.14 -40.38
C ILE A 86 -24.82 27.53 -40.66
N TYR A 87 -24.21 26.92 -41.68
CA TYR A 87 -22.81 27.25 -41.99
C TYR A 87 -22.67 28.72 -42.37
N ASN A 88 -23.59 29.24 -43.19
CA ASN A 88 -23.51 30.64 -43.57
C ASN A 88 -23.54 31.55 -42.34
N LEU A 89 -24.20 31.10 -41.26
CA LEU A 89 -24.14 31.83 -40.01
C LEU A 89 -22.80 31.65 -39.32
N LEU A 90 -22.23 30.44 -39.38
CA LEU A 90 -21.00 30.10 -38.69
C LEU A 90 -19.77 30.23 -39.58
N LYS A 91 -19.90 30.80 -40.78
CA LYS A 91 -18.76 30.89 -41.69
C LYS A 91 -17.62 31.70 -41.08
N ASP A 92 -17.95 32.87 -40.49
CA ASP A 92 -16.92 33.78 -40.02
C ASP A 92 -16.10 33.23 -38.86
N CYS A 93 -16.59 32.19 -38.19
CA CYS A 93 -15.85 31.61 -37.09
C CYS A 93 -14.58 30.95 -37.60
N PRO A 94 -13.41 31.18 -36.98
CA PRO A 94 -12.19 30.52 -37.45
C PRO A 94 -12.03 29.09 -36.96
N ALA A 95 -12.91 28.61 -36.09
CA ALA A 95 -12.85 27.25 -35.58
C ALA A 95 -13.83 26.32 -36.29
N VAL A 96 -14.27 26.67 -37.48
CA VAL A 96 -15.22 25.89 -38.26
C VAL A 96 -14.54 25.45 -39.55
N ALA A 97 -14.59 24.15 -39.83
CA ALA A 97 -13.97 23.62 -41.03
C ALA A 97 -14.67 24.19 -42.27
N LYS A 98 -13.87 24.54 -43.28
CA LYS A 98 -14.42 25.08 -44.51
C LYS A 98 -15.34 24.06 -45.18
N HIS A 99 -16.53 24.49 -45.57
CA HIS A 99 -17.50 23.65 -46.24
C HIS A 99 -17.72 24.14 -47.67
N ASP A 100 -18.05 23.20 -48.54
CA ASP A 100 -18.34 23.51 -49.94
C ASP A 100 -19.59 22.73 -50.33
N PHE A 101 -20.68 23.45 -50.56
CA PHE A 101 -21.96 22.83 -50.91
C PHE A 101 -22.14 22.88 -52.41
N PHE A 102 -22.34 21.73 -53.05
CA PHE A 102 -22.56 21.69 -54.48
C PHE A 102 -23.54 20.58 -54.82
N LYS A 103 -23.88 20.48 -56.10
CA LYS A 103 -24.73 19.42 -56.62
C LYS A 103 -24.03 18.74 -57.79
N PHE A 104 -24.03 17.40 -57.77
CA PHE A 104 -23.37 16.62 -58.80
C PHE A 104 -24.37 15.69 -59.45
N ARG A 105 -24.31 15.59 -60.77
CA ARG A 105 -25.22 14.72 -61.53
C ARG A 105 -24.66 13.30 -61.51
N ILE A 106 -25.16 12.48 -60.58
CA ILE A 106 -24.64 11.12 -60.44
C ILE A 106 -25.07 10.27 -61.63
N ASP A 107 -26.36 9.95 -61.72
CA ASP A 107 -26.89 9.19 -62.85
C ASP A 107 -27.85 10.03 -63.69
N GLY A 108 -28.86 10.64 -63.07
CA GLY A 108 -29.82 11.43 -63.82
C GLY A 108 -30.45 12.55 -63.01
N ASP A 109 -29.92 12.81 -61.82
CA ASP A 109 -30.45 13.83 -60.93
C ASP A 109 -29.28 14.51 -60.23
N MET A 110 -29.52 15.73 -59.75
CA MET A 110 -28.48 16.51 -59.10
C MET A 110 -28.48 16.15 -57.62
N VAL A 111 -27.66 15.18 -57.24
CA VAL A 111 -27.52 14.76 -55.86
C VAL A 111 -26.74 15.83 -55.10
N PRO A 112 -27.18 16.24 -53.91
CA PRO A 112 -26.42 17.24 -53.16
C PRO A 112 -25.18 16.64 -52.50
N HIS A 113 -24.12 17.43 -52.44
CA HIS A 113 -22.85 17.04 -51.84
C HIS A 113 -22.34 18.16 -50.96
N ILE A 114 -21.79 17.79 -49.80
CA ILE A 114 -21.22 18.73 -48.85
C ILE A 114 -19.80 18.28 -48.58
N SER A 115 -18.83 19.08 -49.02
CA SER A 115 -17.42 18.75 -48.89
C SER A 115 -16.83 19.51 -47.71
N ARG A 116 -16.44 18.78 -46.67
CA ARG A 116 -15.64 19.36 -45.59
C ARG A 116 -14.17 19.25 -45.99
N GLN A 117 -13.48 20.39 -45.97
CA GLN A 117 -12.17 20.50 -46.59
C GLN A 117 -11.06 20.51 -45.55
N ARG A 118 -9.97 19.80 -45.87
CA ARG A 118 -8.77 19.76 -45.03
C ARG A 118 -9.10 19.27 -43.62
N LEU A 119 -9.86 18.19 -43.54
CA LEU A 119 -10.14 17.53 -42.28
C LEU A 119 -9.04 16.52 -41.97
N THR A 120 -8.77 16.36 -40.68
CA THR A 120 -7.85 15.34 -40.22
C THR A 120 -8.47 13.95 -40.40
N LYS A 121 -7.60 12.94 -40.47
CA LYS A 121 -8.09 11.58 -40.61
C LYS A 121 -8.97 11.17 -39.44
N TYR A 122 -8.49 11.38 -38.22
CA TYR A 122 -9.20 11.05 -37.01
C TYR A 122 -9.81 12.29 -36.37
N THR A 123 -10.73 12.06 -35.44
CA THR A 123 -11.41 13.11 -34.71
C THR A 123 -10.98 13.08 -33.25
N MET A 124 -11.49 14.04 -32.47
CA MET A 124 -11.26 14.01 -31.03
C MET A 124 -11.95 12.81 -30.40
N ALA A 125 -13.07 12.37 -30.97
CA ALA A 125 -13.73 11.17 -30.48
C ALA A 125 -12.83 9.95 -30.63
N ASP A 126 -12.11 9.86 -31.74
CA ASP A 126 -11.21 8.73 -31.94
C ASP A 126 -10.08 8.73 -30.92
N LEU A 127 -9.48 9.89 -30.65
CA LEU A 127 -8.43 9.96 -29.63
C LEU A 127 -8.97 9.60 -28.25
N VAL A 128 -10.13 10.14 -27.90
CA VAL A 128 -10.70 9.88 -26.58
C VAL A 128 -11.06 8.41 -26.43
N TYR A 129 -11.63 7.80 -27.47
CA TYR A 129 -11.97 6.38 -27.40
C TYR A 129 -10.73 5.51 -27.35
N ALA A 130 -9.68 5.87 -28.11
CA ALA A 130 -8.47 5.09 -28.11
C ALA A 130 -7.81 5.09 -26.74
N LEU A 131 -7.83 6.23 -26.06
CA LEU A 131 -7.20 6.31 -24.74
C LEU A 131 -8.10 5.83 -23.61
N ARG A 132 -9.42 5.88 -23.78
CA ARG A 132 -10.34 5.42 -22.75
C ARG A 132 -10.77 3.97 -22.92
N HIS A 133 -10.39 3.32 -24.01
CA HIS A 133 -10.68 1.92 -24.25
C HIS A 133 -9.41 1.21 -24.73
N PHE A 134 -8.32 1.46 -24.01
CA PHE A 134 -7.01 0.99 -24.47
C PHE A 134 -6.93 -0.53 -24.40
N ASP A 135 -6.59 -1.14 -25.52
CA ASP A 135 -6.37 -2.58 -25.61
C ASP A 135 -5.00 -2.79 -26.24
N GLU A 136 -4.05 -3.28 -25.44
CA GLU A 136 -2.70 -3.50 -25.95
C GLU A 136 -2.71 -4.47 -27.12
N GLY A 137 -3.67 -5.38 -27.17
CA GLY A 137 -3.72 -6.33 -28.27
C GLY A 137 -3.94 -5.66 -29.62
N ASN A 138 -4.83 -4.68 -29.67
CA ASN A 138 -5.12 -3.94 -30.90
C ASN A 138 -5.32 -2.48 -30.55
N CYS A 139 -4.24 -1.70 -30.63
CA CYS A 139 -4.30 -0.23 -30.51
C CYS A 139 -3.60 0.32 -31.75
N ASP A 140 -4.36 0.45 -32.84
CA ASP A 140 -3.83 0.96 -34.10
C ASP A 140 -4.20 2.41 -34.34
N THR A 141 -5.40 2.83 -33.93
CA THR A 141 -5.74 4.24 -33.99
C THR A 141 -4.82 5.07 -33.09
N LEU A 142 -4.54 4.57 -31.89
CA LEU A 142 -3.65 5.30 -30.99
C LEU A 142 -2.25 5.38 -31.55
N LYS A 143 -1.73 4.27 -32.07
CA LYS A 143 -0.39 4.28 -32.66
C LYS A 143 -0.33 5.22 -33.85
N GLU A 144 -1.35 5.21 -34.70
CA GLU A 144 -1.33 6.07 -35.88
C GLU A 144 -1.46 7.53 -35.48
N ILE A 145 -2.24 7.83 -34.45
CA ILE A 145 -2.31 9.20 -33.94
C ILE A 145 -0.95 9.65 -33.42
N LEU A 146 -0.28 8.79 -32.65
CA LEU A 146 1.02 9.15 -32.10
C LEU A 146 2.05 9.38 -33.19
N VAL A 147 2.08 8.50 -34.19
CA VAL A 147 3.08 8.64 -35.25
C VAL A 147 2.75 9.83 -36.14
N THR A 148 1.47 10.05 -36.45
CA THR A 148 1.10 11.09 -37.40
C THR A 148 1.43 12.48 -36.90
N TYR A 149 1.44 12.69 -35.58
CA TYR A 149 1.70 14.00 -35.01
C TYR A 149 3.08 14.07 -34.34
N ASN A 150 3.97 13.15 -34.68
CA ASN A 150 5.36 13.22 -34.24
C ASN A 150 5.50 13.13 -32.73
N CYS A 151 4.51 12.51 -32.07
CA CYS A 151 4.66 12.24 -30.64
C CYS A 151 5.79 11.24 -30.40
N CYS A 152 5.89 10.23 -31.26
CA CYS A 152 6.98 9.27 -31.20
C CYS A 152 7.26 8.79 -32.62
N ASP A 153 8.18 7.85 -32.74
CA ASP A 153 8.51 7.23 -34.01
C ASP A 153 7.83 5.87 -34.11
N ASP A 154 7.55 5.45 -35.35
CA ASP A 154 6.84 4.20 -35.55
C ASP A 154 7.58 3.01 -34.96
N ASP A 155 8.90 3.12 -34.79
CA ASP A 155 9.68 2.08 -34.14
C ASP A 155 9.55 2.10 -32.63
N TYR A 156 9.00 3.18 -32.05
CA TYR A 156 8.82 3.25 -30.61
C TYR A 156 7.94 2.13 -30.08
N PHE A 157 7.10 1.56 -30.92
CA PHE A 157 6.20 0.49 -30.51
C PHE A 157 6.86 -0.89 -30.61
N ASN A 158 8.08 -0.96 -31.12
CA ASN A 158 8.81 -2.22 -31.11
C ASN A 158 9.23 -2.62 -29.71
N LYS A 159 9.19 -1.70 -28.75
CA LYS A 159 9.44 -2.05 -27.36
C LYS A 159 8.35 -3.00 -26.86
N LYS A 160 8.68 -3.77 -25.83
CA LYS A 160 7.70 -4.57 -25.12
C LYS A 160 7.18 -3.74 -23.95
N ASP A 161 5.86 -3.65 -23.84
CA ASP A 161 5.23 -2.80 -22.84
C ASP A 161 5.61 -1.35 -23.05
N TRP A 162 5.50 -0.86 -24.30
CA TRP A 162 5.69 0.56 -24.56
C TRP A 162 4.57 1.40 -23.96
N TYR A 163 3.42 0.79 -23.69
CA TYR A 163 2.24 1.47 -23.19
C TYR A 163 2.17 1.49 -21.67
N ASP A 164 3.09 0.82 -21.00
CA ASP A 164 3.01 0.61 -19.56
C ASP A 164 3.57 1.82 -18.83
N PHE A 165 2.75 2.42 -17.96
CA PHE A 165 3.21 3.56 -17.19
C PHE A 165 4.33 3.17 -16.23
N VAL A 166 4.26 1.96 -15.66
CA VAL A 166 5.27 1.52 -14.70
C VAL A 166 6.51 1.01 -15.42
N GLU A 167 6.33 0.07 -16.34
CA GLU A 167 7.46 -0.49 -17.08
C GLU A 167 8.09 0.54 -18.02
N ASN A 168 7.30 1.43 -18.61
CA ASN A 168 7.79 2.43 -19.56
C ASN A 168 7.26 3.80 -19.16
N PRO A 169 7.87 4.44 -18.16
CA PRO A 169 7.42 5.79 -17.77
C PRO A 169 7.51 6.81 -18.91
N ASP A 170 8.44 6.62 -19.85
CA ASP A 170 8.59 7.55 -20.96
C ASP A 170 7.33 7.68 -21.79
N ILE A 171 6.42 6.71 -21.73
CA ILE A 171 5.15 6.84 -22.45
C ILE A 171 4.46 8.13 -22.05
N LEU A 172 4.57 8.52 -20.77
CA LEU A 172 3.98 9.78 -20.35
C LEU A 172 4.47 10.92 -21.24
N ARG A 173 5.78 11.03 -21.42
CA ARG A 173 6.32 12.04 -22.32
C ARG A 173 5.67 11.94 -23.70
N VAL A 174 5.58 10.72 -24.23
CA VAL A 174 5.00 10.52 -25.56
C VAL A 174 3.56 11.01 -25.58
N TYR A 175 2.83 10.80 -24.49
CA TYR A 175 1.46 11.30 -24.44
C TYR A 175 1.45 12.81 -24.26
N ALA A 176 2.39 13.35 -23.49
CA ALA A 176 2.42 14.79 -23.25
C ALA A 176 2.59 15.58 -24.54
N ASN A 177 3.23 14.99 -25.55
CA ASN A 177 3.38 15.67 -26.83
C ASN A 177 2.03 15.98 -27.47
N LEU A 178 1.00 15.20 -27.18
CA LEU A 178 -0.34 15.48 -27.67
C LEU A 178 -0.99 16.66 -26.96
N GLY A 179 -0.54 16.98 -25.75
CA GLY A 179 -1.29 17.92 -24.93
C GLY A 179 -1.59 19.22 -25.64
N GLU A 180 -0.59 19.82 -26.28
CA GLU A 180 -0.82 21.11 -26.92
C GLU A 180 -1.94 21.00 -27.94
N ARG A 181 -1.92 19.97 -28.79
CA ARG A 181 -3.02 19.80 -29.73
C ARG A 181 -4.35 19.80 -28.99
N VAL A 182 -4.47 18.97 -27.96
CA VAL A 182 -5.71 18.94 -27.20
C VAL A 182 -6.03 20.34 -26.69
N ARG A 183 -5.04 21.04 -26.13
CA ARG A 183 -5.30 22.39 -25.65
C ARG A 183 -5.89 23.25 -26.75
N GLN A 184 -5.28 23.23 -27.93
CA GLN A 184 -5.81 24.04 -29.03
C GLN A 184 -7.26 23.67 -29.29
N ALA A 185 -7.55 22.36 -29.34
CA ALA A 185 -8.94 21.94 -29.52
C ALA A 185 -9.84 22.62 -28.51
N LEU A 186 -9.48 22.54 -27.22
CA LEU A 186 -10.29 23.19 -26.20
C LEU A 186 -10.50 24.65 -26.55
N LEU A 187 -9.41 25.37 -26.85
CA LEU A 187 -9.56 26.77 -27.20
C LEU A 187 -10.56 26.94 -28.32
N LYS A 188 -10.38 26.18 -29.41
CA LYS A 188 -11.28 26.33 -30.54
C LYS A 188 -12.71 26.01 -30.15
N THR A 189 -12.90 24.99 -29.31
CA THR A 189 -14.26 24.70 -28.86
C THR A 189 -14.91 25.95 -28.30
N VAL A 190 -14.21 26.65 -27.41
CA VAL A 190 -14.77 27.86 -26.83
C VAL A 190 -15.17 28.82 -27.94
N GLN A 191 -14.25 29.07 -28.88
CA GLN A 191 -14.60 29.94 -30.00
C GLN A 191 -15.88 29.49 -30.67
N PHE A 192 -15.95 28.21 -31.02
CA PHE A 192 -17.16 27.69 -31.66
C PHE A 192 -18.37 28.03 -30.81
N CYS A 193 -18.33 27.73 -29.52
CA CYS A 193 -19.46 28.01 -28.66
C CYS A 193 -19.83 29.49 -28.75
N ASP A 194 -18.85 30.38 -28.64
CA ASP A 194 -19.13 31.80 -28.75
C ASP A 194 -19.88 32.08 -30.04
N ALA A 195 -19.38 31.58 -31.18
CA ALA A 195 -20.07 31.80 -32.44
C ALA A 195 -21.52 31.37 -32.33
N MET A 196 -21.76 30.15 -31.84
CA MET A 196 -23.13 29.69 -31.68
C MET A 196 -23.93 30.68 -30.85
N ARG A 197 -23.40 31.07 -29.68
CA ARG A 197 -24.13 31.99 -28.83
C ARG A 197 -24.40 33.29 -29.56
N ASN A 198 -23.42 33.77 -30.33
CA ASN A 198 -23.62 35.03 -31.05
C ASN A 198 -24.53 34.84 -32.26
N ALA A 199 -24.60 33.63 -32.80
CA ALA A 199 -25.41 33.36 -33.98
C ALA A 199 -26.81 32.86 -33.65
N GLY A 200 -27.11 32.62 -32.37
CA GLY A 200 -28.41 32.12 -31.98
C GLY A 200 -28.67 30.72 -32.47
N ILE A 201 -27.67 29.85 -32.31
CA ILE A 201 -27.75 28.46 -32.75
C ILE A 201 -27.70 27.57 -31.52
N VAL A 202 -28.64 26.64 -31.44
CA VAL A 202 -28.75 25.72 -30.30
C VAL A 202 -28.41 24.32 -30.81
N GLY A 203 -27.43 23.68 -30.17
CA GLY A 203 -27.03 22.35 -30.59
C GLY A 203 -26.11 21.72 -29.58
N VAL A 204 -25.87 20.43 -29.79
CA VAL A 204 -25.03 19.62 -28.91
C VAL A 204 -23.68 19.44 -29.58
N LEU A 205 -22.61 19.69 -28.83
CA LEU A 205 -21.26 19.50 -29.33
C LEU A 205 -20.78 18.11 -28.94
N THR A 206 -20.35 17.34 -29.94
CA THR A 206 -19.85 15.99 -29.74
C THR A 206 -18.40 15.91 -30.21
N LEU A 207 -17.65 14.99 -29.62
CA LEU A 207 -16.24 14.86 -29.95
C LEU A 207 -16.02 14.49 -31.41
N ASP A 208 -16.92 13.69 -31.98
CA ASP A 208 -16.73 13.20 -33.34
C ASP A 208 -16.99 14.26 -34.40
N ASN A 209 -17.50 15.42 -34.03
CA ASN A 209 -17.70 16.54 -34.95
C ASN A 209 -16.56 17.53 -34.91
N GLN A 210 -15.45 17.18 -34.28
CA GLN A 210 -14.25 18.00 -34.25
C GLN A 210 -13.06 17.14 -34.61
N ASP A 211 -12.17 17.66 -35.45
CA ASP A 211 -10.96 16.94 -35.82
C ASP A 211 -9.82 17.31 -34.87
N LEU A 212 -8.68 16.65 -35.05
CA LEU A 212 -7.52 16.88 -34.19
C LEU A 212 -6.80 18.17 -34.53
N ASN A 213 -7.29 18.95 -35.50
CA ASN A 213 -6.87 20.34 -35.68
C ASN A 213 -7.78 21.31 -34.95
N GLY A 214 -8.84 20.82 -34.31
CA GLY A 214 -9.75 21.66 -33.57
C GLY A 214 -10.93 22.21 -34.35
N ASN A 215 -10.99 21.95 -35.66
CA ASN A 215 -12.09 22.46 -36.47
C ASN A 215 -13.37 21.67 -36.23
N TRP A 216 -14.50 22.31 -36.49
CA TRP A 216 -15.81 21.75 -36.25
C TRP A 216 -16.59 21.64 -37.55
N TYR A 217 -17.47 20.64 -37.60
CA TYR A 217 -18.30 20.41 -38.79
C TYR A 217 -19.58 19.70 -38.36
N ASP A 218 -20.36 19.27 -39.34
CA ASP A 218 -21.64 18.58 -39.17
C ASP A 218 -22.81 19.57 -39.30
N PHE A 219 -23.19 20.21 -38.20
CA PHE A 219 -24.28 21.18 -38.19
C PHE A 219 -25.62 20.56 -38.56
N GLY A 220 -25.75 19.24 -38.43
CA GLY A 220 -26.98 18.59 -38.82
C GLY A 220 -28.11 18.76 -37.84
N ASP A 221 -27.80 18.85 -36.55
CA ASP A 221 -28.81 18.96 -35.49
C ASP A 221 -28.78 20.33 -34.81
N PHE A 222 -28.34 21.35 -35.52
CA PHE A 222 -28.34 22.71 -35.03
C PHE A 222 -29.62 23.41 -35.49
N ILE A 223 -30.24 24.17 -34.59
CA ILE A 223 -31.53 24.80 -34.84
C ILE A 223 -31.40 26.29 -34.56
N GLN A 224 -32.10 27.09 -35.38
CA GLN A 224 -32.04 28.53 -35.28
C GLN A 224 -32.72 29.03 -34.01
N THR A 225 -32.32 30.22 -33.57
CA THR A 225 -32.87 30.86 -32.39
C THR A 225 -32.51 32.35 -32.47
N THR A 226 -32.93 33.10 -31.47
CA THR A 226 -32.58 34.51 -31.43
C THR A 226 -31.06 34.65 -31.46
N PRO A 227 -30.52 35.61 -32.24
CA PRO A 227 -29.06 35.61 -32.46
C PRO A 227 -28.22 35.57 -31.20
N GLY A 228 -28.63 36.25 -30.14
CA GLY A 228 -27.86 36.27 -28.92
C GLY A 228 -28.19 35.19 -27.91
N SER A 229 -29.05 34.23 -28.26
CA SER A 229 -29.55 33.24 -27.31
C SER A 229 -29.14 31.82 -27.68
N GLY A 230 -28.00 31.66 -28.35
CA GLY A 230 -27.49 30.34 -28.62
C GLY A 230 -27.12 29.62 -27.34
N VAL A 231 -27.37 28.31 -27.31
CA VAL A 231 -27.16 27.50 -26.11
C VAL A 231 -26.36 26.25 -26.47
N PRO A 232 -25.03 26.33 -26.55
CA PRO A 232 -24.25 25.11 -26.72
C PRO A 232 -24.45 24.14 -25.57
N VAL A 233 -24.49 22.85 -25.90
CA VAL A 233 -24.53 21.77 -24.92
C VAL A 233 -23.21 21.02 -25.02
N VAL A 234 -22.46 20.97 -23.92
CA VAL A 234 -21.09 20.51 -23.95
C VAL A 234 -20.80 19.49 -22.86
N ASP A 235 -21.84 18.98 -22.19
CA ASP A 235 -21.61 18.05 -21.10
C ASP A 235 -20.86 16.81 -21.57
N SER A 236 -21.37 16.15 -22.61
CA SER A 236 -20.73 14.93 -23.08
C SER A 236 -19.34 15.21 -23.62
N TYR A 237 -19.19 16.29 -24.40
CA TYR A 237 -17.89 16.64 -24.96
C TYR A 237 -16.83 16.78 -23.87
N TYR A 238 -17.03 17.74 -22.97
CA TYR A 238 -16.04 18.02 -21.95
C TYR A 238 -15.86 16.84 -21.00
N SER A 239 -16.96 16.19 -20.62
CA SER A 239 -16.86 15.11 -19.64
C SER A 239 -16.09 13.91 -20.22
N LEU A 240 -16.36 13.56 -21.48
CA LEU A 240 -15.60 12.49 -22.13
C LEU A 240 -14.16 12.87 -22.36
N LEU A 241 -13.88 14.16 -22.60
CA LEU A 241 -12.51 14.60 -22.82
C LEU A 241 -11.69 14.72 -21.54
N MET A 242 -12.34 14.86 -20.38
CA MET A 242 -11.61 15.16 -19.16
C MET A 242 -10.48 14.18 -18.84
N PRO A 243 -10.66 12.86 -18.92
CA PRO A 243 -9.53 11.96 -18.59
C PRO A 243 -8.32 12.17 -19.49
N ILE A 244 -8.50 12.75 -20.68
CA ILE A 244 -7.40 12.95 -21.60
C ILE A 244 -6.65 14.25 -21.36
N LEU A 245 -7.21 15.17 -20.58
CA LEU A 245 -6.56 16.46 -20.37
C LEU A 245 -5.37 16.36 -19.42
N THR A 246 -5.36 15.40 -18.51
CA THR A 246 -4.24 15.19 -17.62
C THR A 246 -3.26 14.13 -18.14
N LEU A 247 -3.75 13.14 -18.89
CA LEU A 247 -2.86 12.15 -19.47
C LEU A 247 -1.92 12.80 -20.48
N THR A 248 -2.45 13.72 -21.29
CA THR A 248 -1.65 14.45 -22.26
C THR A 248 -1.07 15.74 -21.71
N ARG A 249 -1.37 16.08 -20.46
CA ARG A 249 -0.88 17.32 -19.84
C ARG A 249 -1.14 18.51 -20.77
N ALA A 250 -2.43 18.76 -21.02
CA ALA A 250 -2.81 19.77 -21.99
C ALA A 250 -2.43 21.17 -21.53
N LEU A 251 -2.69 21.49 -20.26
CA LEU A 251 -2.54 22.85 -19.74
C LEU A 251 -1.09 23.19 -19.38
N THR A 252 -0.13 22.41 -19.84
CA THR A 252 1.27 22.74 -19.58
C THR A 252 1.63 24.11 -20.12
N ALA A 253 1.05 24.50 -21.26
CA ALA A 253 1.34 25.82 -21.81
C ALA A 253 1.00 26.92 -20.82
N GLU A 254 0.06 26.68 -19.91
CA GLU A 254 -0.32 27.71 -18.95
C GLU A 254 0.79 28.02 -17.96
N SER A 255 1.80 27.17 -17.88
CA SER A 255 2.93 27.41 -16.99
C SER A 255 3.96 28.36 -17.57
N HIS A 256 3.81 28.76 -18.83
CA HIS A 256 4.75 29.62 -19.52
C HIS A 256 4.17 31.01 -19.70
N VAL A 257 5.05 32.02 -19.65
CA VAL A 257 4.60 33.38 -19.84
C VAL A 257 4.02 33.54 -21.24
N ASP A 258 2.89 34.24 -21.32
CA ASP A 258 2.12 34.39 -22.56
C ASP A 258 1.57 33.06 -23.07
N THR A 259 1.55 32.03 -22.22
CA THR A 259 1.00 30.73 -22.58
C THR A 259 1.67 30.19 -23.86
N ASP A 260 2.99 30.30 -23.89
CA ASP A 260 3.79 29.91 -25.05
C ASP A 260 4.85 28.91 -24.59
N LEU A 261 4.86 27.73 -25.21
CA LEU A 261 5.83 26.71 -24.83
C LEU A 261 7.26 27.12 -25.13
N THR A 262 7.47 28.07 -26.04
CA THR A 262 8.82 28.55 -26.30
C THR A 262 9.33 29.47 -25.19
N LYS A 263 8.45 30.32 -24.67
CA LYS A 263 8.85 31.24 -23.62
C LYS A 263 9.05 30.49 -22.30
N PRO A 264 9.78 31.07 -21.36
CA PRO A 264 10.08 30.37 -20.10
C PRO A 264 8.89 30.31 -19.17
N TYR A 265 9.06 29.54 -18.10
CA TYR A 265 8.00 29.37 -17.11
C TYR A 265 7.71 30.70 -16.42
N ILE A 266 6.47 30.86 -15.96
CA ILE A 266 6.10 32.03 -15.16
C ILE A 266 6.84 31.96 -13.83
N LYS A 267 7.31 33.11 -13.36
CA LYS A 267 8.00 33.20 -12.08
C LYS A 267 7.01 33.73 -11.05
N TRP A 268 6.24 32.80 -10.48
CA TRP A 268 5.24 33.16 -9.49
C TRP A 268 5.90 33.68 -8.21
N ASP A 269 5.20 34.57 -7.52
CA ASP A 269 5.66 35.00 -6.21
C ASP A 269 5.76 33.80 -5.28
N LEU A 270 6.86 33.72 -4.54
CA LEU A 270 7.10 32.53 -3.72
C LEU A 270 6.18 32.50 -2.50
N LEU A 271 5.74 33.65 -2.02
CA LEU A 271 4.85 33.74 -0.87
C LEU A 271 3.38 33.61 -1.24
N LYS A 272 3.07 33.50 -2.53
CA LYS A 272 1.69 33.43 -2.97
C LYS A 272 1.14 32.02 -2.77
N TYR A 273 -0.10 31.95 -2.28
CA TYR A 273 -0.78 30.66 -2.12
C TYR A 273 -2.22 30.68 -2.60
N ASP A 274 -2.82 31.85 -2.84
CA ASP A 274 -4.22 31.95 -3.22
C ASP A 274 -4.27 32.18 -4.73
N PHE A 275 -4.52 31.11 -5.48
CA PHE A 275 -4.67 31.18 -6.92
C PHE A 275 -6.13 31.12 -7.35
N THR A 276 -7.05 31.55 -6.48
CA THR A 276 -8.47 31.45 -6.79
C THR A 276 -8.81 32.21 -8.06
N GLU A 277 -8.29 33.43 -8.21
CA GLU A 277 -8.55 34.20 -9.42
C GLU A 277 -7.88 33.55 -10.63
N GLU A 278 -6.71 32.96 -10.45
CA GLU A 278 -6.07 32.25 -11.55
C GLU A 278 -6.89 31.02 -11.95
N ARG A 279 -7.42 30.30 -10.97
CA ARG A 279 -8.27 29.15 -11.27
C ARG A 279 -9.51 29.58 -12.04
N LEU A 280 -10.14 30.68 -11.61
CA LEU A 280 -11.31 31.18 -12.32
C LEU A 280 -10.96 31.60 -13.74
N LYS A 281 -9.80 32.24 -13.93
CA LYS A 281 -9.39 32.63 -15.28
C LYS A 281 -9.17 31.41 -16.16
N LEU A 282 -8.53 30.37 -15.63
CA LEU A 282 -8.36 29.13 -16.40
C LEU A 282 -9.70 28.53 -16.77
N PHE A 283 -10.62 28.46 -15.81
CA PHE A 283 -11.93 27.87 -16.07
C PHE A 283 -12.66 28.63 -17.15
N ASP A 284 -12.62 29.96 -17.11
CA ASP A 284 -13.31 30.75 -18.11
C ASP A 284 -12.61 30.65 -19.46
N ARG A 285 -11.28 30.51 -19.46
CA ARG A 285 -10.55 30.40 -20.71
C ARG A 285 -10.87 29.11 -21.43
N TYR A 286 -10.99 28.00 -20.70
CA TYR A 286 -11.17 26.70 -21.35
C TYR A 286 -12.59 26.18 -21.25
N PHE A 287 -13.13 26.03 -20.04
CA PHE A 287 -14.50 25.55 -19.86
C PHE A 287 -15.46 26.71 -19.64
N LYS A 288 -15.59 27.56 -20.66
CA LYS A 288 -16.43 28.75 -20.52
C LYS A 288 -17.90 28.39 -20.48
N TYR A 289 -18.34 27.43 -21.30
CA TYR A 289 -19.75 27.10 -21.43
C TYR A 289 -20.15 25.88 -20.62
N TRP A 290 -19.25 25.38 -19.76
CA TRP A 290 -19.63 24.38 -18.76
C TRP A 290 -20.56 25.06 -17.75
N ASP A 291 -21.85 24.70 -17.79
CA ASP A 291 -22.90 25.49 -17.16
C ASP A 291 -23.20 25.07 -15.73
N GLN A 292 -22.24 24.48 -15.02
CA GLN A 292 -22.39 24.19 -13.61
C GLN A 292 -21.37 25.01 -12.82
N THR A 293 -21.81 25.57 -11.70
CA THR A 293 -20.97 26.49 -10.95
C THR A 293 -19.71 25.80 -10.47
N TYR A 294 -18.59 26.50 -10.61
CA TYR A 294 -17.28 26.01 -10.18
C TYR A 294 -16.80 26.85 -9.00
N HIS A 295 -16.47 26.18 -7.90
CA HIS A 295 -15.94 26.83 -6.72
C HIS A 295 -14.46 26.55 -6.63
N PRO A 296 -13.58 27.52 -6.86
CA PRO A 296 -12.14 27.24 -6.73
C PRO A 296 -11.76 26.72 -5.36
N ASN A 297 -12.38 27.23 -4.31
CA ASN A 297 -12.21 26.73 -2.95
C ASN A 297 -13.44 25.93 -2.60
N CYS A 298 -13.25 24.64 -2.33
CA CYS A 298 -14.37 23.72 -2.10
C CYS A 298 -15.01 23.92 -0.74
N VAL A 299 -14.51 24.84 0.08
CA VAL A 299 -15.20 25.18 1.32
C VAL A 299 -16.56 25.81 1.02
N ASN A 300 -16.74 26.33 -0.18
CA ASN A 300 -17.98 26.98 -0.58
C ASN A 300 -18.91 26.05 -1.35
N CYS A 301 -18.58 24.77 -1.45
CA CYS A 301 -19.40 23.83 -2.18
C CYS A 301 -20.67 23.50 -1.40
N LEU A 302 -21.70 23.08 -2.15
CA LEU A 302 -23.03 22.87 -1.58
C LEU A 302 -23.19 21.48 -0.96
N ASP A 303 -22.64 20.45 -1.59
CA ASP A 303 -22.69 19.10 -1.06
C ASP A 303 -21.49 18.33 -1.57
N ASP A 304 -21.43 17.04 -1.25
CA ASP A 304 -20.28 16.22 -1.65
C ASP A 304 -20.22 16.03 -3.16
N ARG A 305 -21.37 15.99 -3.83
CA ARG A 305 -21.36 15.92 -5.30
C ARG A 305 -20.74 17.18 -5.89
N CYS A 306 -21.13 18.34 -5.39
CA CYS A 306 -20.50 19.58 -5.83
C CYS A 306 -19.03 19.59 -5.47
N ILE A 307 -18.67 19.04 -4.30
CA ILE A 307 -17.27 19.01 -3.91
C ILE A 307 -16.45 18.20 -4.90
N LEU A 308 -16.94 17.02 -5.30
CA LEU A 308 -16.22 16.24 -6.30
C LEU A 308 -16.16 16.97 -7.63
N HIS A 309 -17.27 17.59 -8.04
CA HIS A 309 -17.29 18.32 -9.29
C HIS A 309 -16.20 19.38 -9.32
N CYS A 310 -16.12 20.21 -8.28
CA CYS A 310 -15.16 21.30 -8.28
C CYS A 310 -13.74 20.83 -7.97
N ALA A 311 -13.59 19.73 -7.23
CA ALA A 311 -12.28 19.18 -6.97
C ALA A 311 -11.66 18.59 -8.23
N ASN A 312 -12.47 18.10 -9.16
CA ASN A 312 -11.94 17.67 -10.45
C ASN A 312 -11.24 18.83 -11.17
N PHE A 313 -11.92 19.97 -11.24
CA PHE A 313 -11.33 21.13 -11.89
C PHE A 313 -10.12 21.63 -11.11
N ASN A 314 -10.18 21.60 -9.78
CA ASN A 314 -9.02 22.01 -8.99
C ASN A 314 -7.84 21.09 -9.24
N VAL A 315 -8.08 19.79 -9.40
CA VAL A 315 -7.02 18.86 -9.76
C VAL A 315 -6.41 19.26 -11.10
N LEU A 316 -7.26 19.57 -12.08
CA LEU A 316 -6.75 19.98 -13.38
C LEU A 316 -5.89 21.25 -13.28
N PHE A 317 -6.38 22.24 -12.53
CA PHE A 317 -5.75 23.56 -12.53
C PHE A 317 -4.54 23.63 -11.61
N SER A 318 -4.45 22.78 -10.59
CA SER A 318 -3.32 22.83 -9.67
C SER A 318 -2.03 22.39 -10.33
N THR A 319 -2.11 21.67 -11.45
CA THR A 319 -0.91 21.30 -12.20
C THR A 319 -0.24 22.51 -12.83
N VAL A 320 -0.90 23.66 -12.84
CA VAL A 320 -0.33 24.87 -13.43
C VAL A 320 0.47 25.70 -12.43
N PHE A 321 0.29 25.46 -11.13
CA PHE A 321 0.80 26.32 -10.09
C PHE A 321 2.01 25.70 -9.41
N PRO A 322 2.89 26.52 -8.83
CA PRO A 322 4.14 25.98 -8.28
C PRO A 322 3.88 25.02 -7.13
N PRO A 323 4.64 23.93 -7.03
CA PRO A 323 4.41 22.98 -5.93
C PRO A 323 4.64 23.56 -4.55
N THR A 324 5.44 24.62 -4.42
CA THR A 324 5.72 25.19 -3.12
C THR A 324 4.54 25.92 -2.51
N SER A 325 3.49 26.20 -3.29
CA SER A 325 2.33 26.93 -2.81
C SER A 325 1.31 26.04 -2.13
N PHE A 326 1.45 24.72 -2.22
CA PHE A 326 0.50 23.78 -1.63
C PHE A 326 1.06 23.23 -0.33
N GLY A 327 0.21 23.13 0.68
CA GLY A 327 0.60 22.66 1.97
C GLY A 327 0.08 23.56 3.08
N PRO A 328 0.50 23.31 4.31
CA PRO A 328 0.02 24.12 5.43
C PRO A 328 0.35 25.60 5.22
N LEU A 329 -0.60 26.46 5.60
CA LEU A 329 -0.41 27.89 5.56
C LEU A 329 -0.07 28.35 6.97
N VAL A 330 1.21 28.64 7.21
CA VAL A 330 1.70 28.89 8.55
C VAL A 330 1.68 30.38 8.83
N ARG A 331 1.05 30.74 9.94
CA ARG A 331 1.03 32.09 10.46
C ARG A 331 1.91 32.15 11.72
N LYS A 332 2.22 33.37 12.15
CA LYS A 332 2.95 33.59 13.38
C LYS A 332 1.96 34.01 14.46
N ILE A 333 1.82 33.17 15.48
CA ILE A 333 0.97 33.47 16.63
C ILE A 333 1.88 33.82 17.79
N PHE A 334 1.30 34.43 18.81
CA PHE A 334 2.04 34.78 20.03
C PHE A 334 1.36 34.09 21.20
N VAL A 335 2.07 33.14 21.81
CA VAL A 335 1.56 32.41 22.97
C VAL A 335 2.45 32.74 24.15
N ASP A 336 1.83 33.23 25.24
CA ASP A 336 2.55 33.63 26.44
C ASP A 336 3.64 34.67 26.13
N GLY A 337 3.51 35.36 25.00
CA GLY A 337 4.46 36.36 24.59
C GLY A 337 5.50 35.88 23.59
N VAL A 338 5.71 34.56 23.48
CA VAL A 338 6.72 34.03 22.57
C VAL A 338 6.08 33.74 21.22
N PRO A 339 6.80 33.95 20.10
CA PRO A 339 6.20 33.75 18.78
C PRO A 339 6.33 32.30 18.31
N PHE A 340 5.19 31.64 18.13
CA PHE A 340 5.11 30.34 17.50
C PHE A 340 4.77 30.49 16.01
N VAL A 341 5.17 29.50 15.23
CA VAL A 341 4.76 29.38 13.83
C VAL A 341 3.81 28.18 13.77
N VAL A 342 2.56 28.44 13.43
CA VAL A 342 1.52 27.42 13.50
C VAL A 342 0.73 27.43 12.20
N SER A 343 0.34 26.23 11.75
CA SER A 343 -0.47 26.10 10.55
C SER A 343 -1.88 26.61 10.82
N THR A 344 -2.26 27.69 10.14
CA THR A 344 -3.58 28.29 10.28
C THR A 344 -4.38 28.14 9.00
N GLY A 345 -4.22 27.01 8.32
CA GLY A 345 -4.90 26.77 7.07
C GLY A 345 -4.18 25.72 6.27
N TYR A 346 -4.58 25.60 5.01
CA TYR A 346 -4.02 24.60 4.12
C TYR A 346 -4.44 24.86 2.67
N HIS A 347 -3.50 24.74 1.75
CA HIS A 347 -3.78 24.89 0.32
C HIS A 347 -3.76 23.50 -0.31
N PHE A 348 -4.94 22.96 -0.61
CA PHE A 348 -5.10 21.65 -1.20
C PHE A 348 -5.14 21.74 -2.71
N ARG A 349 -4.46 20.79 -3.37
CA ARG A 349 -4.52 20.71 -4.82
C ARG A 349 -5.96 20.56 -5.30
N GLU A 350 -6.79 19.84 -4.54
CA GLU A 350 -8.17 19.59 -4.92
C GLU A 350 -9.15 20.55 -4.26
N LEU A 351 -8.98 20.83 -2.98
CA LEU A 351 -9.97 21.61 -2.23
C LEU A 351 -9.67 23.10 -2.19
N GLY A 352 -8.57 23.55 -2.81
CA GLY A 352 -8.29 24.98 -2.78
C GLY A 352 -7.79 25.42 -1.40
N VAL A 353 -8.00 26.69 -1.10
CA VAL A 353 -7.51 27.28 0.13
C VAL A 353 -8.55 27.10 1.22
N VAL A 354 -8.12 26.57 2.36
CA VAL A 354 -8.97 26.41 3.55
C VAL A 354 -8.29 27.13 4.69
N HIS A 355 -9.07 27.83 5.51
CA HIS A 355 -8.55 28.58 6.64
C HIS A 355 -9.21 28.09 7.92
N ASN A 356 -8.40 27.84 8.94
CA ASN A 356 -8.93 27.42 10.23
C ASN A 356 -9.85 28.49 10.79
N GLN A 357 -10.98 28.04 11.35
CA GLN A 357 -11.96 28.97 11.88
C GLN A 357 -11.62 29.45 13.28
N ASP A 358 -10.83 28.70 14.04
CA ASP A 358 -10.44 29.04 15.40
C ASP A 358 -8.94 29.25 15.42
N VAL A 359 -8.50 30.47 15.10
CA VAL A 359 -7.09 30.83 15.15
C VAL A 359 -6.90 31.84 16.28
N ASN A 360 -6.55 31.34 17.46
CA ASN A 360 -6.46 32.17 18.67
C ASN A 360 -5.07 32.78 18.72
N LEU A 361 -4.97 34.06 18.36
CA LEU A 361 -3.73 34.80 18.53
C LEU A 361 -3.62 35.30 19.96
N HIS A 362 -2.39 35.63 20.36
CA HIS A 362 -2.12 36.15 21.70
C HIS A 362 -2.67 35.22 22.77
N SER A 363 -2.43 33.92 22.60
CA SER A 363 -2.82 32.95 23.61
C SER A 363 -1.97 33.12 24.87
N SER A 364 -2.54 32.73 26.00
CA SER A 364 -1.87 32.89 27.28
C SER A 364 -1.22 31.61 27.79
N ARG A 365 -1.77 30.45 27.44
CA ARG A 365 -1.22 29.18 27.89
C ARG A 365 -1.60 28.09 26.91
N LEU A 366 -0.81 27.02 26.90
CA LEU A 366 -1.08 25.84 26.08
C LEU A 366 -1.50 24.70 27.00
N SER A 367 -2.69 24.16 26.76
CA SER A 367 -3.11 22.96 27.46
C SER A 367 -2.54 21.73 26.75
N PHE A 368 -2.92 20.55 27.23
CA PHE A 368 -2.41 19.33 26.60
C PHE A 368 -2.87 19.21 25.16
N LYS A 369 -4.12 19.60 24.88
CA LYS A 369 -4.65 19.46 23.53
C LYS A 369 -3.94 20.40 22.56
N GLU A 370 -3.77 21.67 22.94
CA GLU A 370 -3.07 22.62 22.08
C GLU A 370 -1.61 22.23 21.90
N LEU A 371 -0.97 21.79 22.98
CA LEU A 371 0.42 21.35 22.88
C LEU A 371 0.54 20.16 21.93
N LEU A 372 -0.38 19.21 22.02
CA LEU A 372 -0.38 18.06 21.12
C LEU A 372 -0.59 18.50 19.68
N VAL A 373 -1.50 19.44 19.45
CA VAL A 373 -1.77 19.92 18.09
C VAL A 373 -0.53 20.59 17.52
N TYR A 374 0.13 21.44 18.30
CA TYR A 374 1.32 22.11 17.81
C TYR A 374 2.46 21.13 17.56
N ALA A 375 2.62 20.14 18.43
CA ALA A 375 3.65 19.13 18.22
C ALA A 375 3.40 18.34 16.94
N ALA A 376 2.13 18.00 16.68
CA ALA A 376 1.80 17.25 15.47
C ALA A 376 2.10 18.06 14.22
N ASP A 377 1.82 19.36 14.26
CA ASP A 377 1.94 20.18 13.06
C ASP A 377 3.36 20.14 12.52
N PRO A 378 3.55 20.01 11.21
CA PRO A 378 4.90 20.10 10.64
C PRO A 378 5.43 21.52 10.49
N ALA A 379 4.71 22.52 11.01
CA ALA A 379 5.17 23.90 10.86
C ALA A 379 6.47 24.14 11.59
N MET A 380 6.54 23.75 12.87
CA MET A 380 7.76 23.94 13.65
C MET A 380 8.89 23.08 13.10
N HIS A 381 8.61 21.81 12.83
CA HIS A 381 9.66 20.89 12.39
C HIS A 381 10.25 21.33 11.05
N ALA A 382 9.40 21.74 10.12
CA ALA A 382 9.88 22.16 8.81
C ALA A 382 10.51 23.55 8.86
N ALA A 383 9.97 24.44 9.69
CA ALA A 383 10.50 25.79 9.76
C ALA A 383 11.86 25.83 10.43
N SER A 384 12.07 25.01 11.45
CA SER A 384 13.33 24.99 12.18
C SER A 384 14.34 24.01 11.60
N GLY A 385 13.95 23.20 10.62
CA GLY A 385 14.87 22.26 10.02
C GLY A 385 15.70 22.88 8.91
N ASN A 386 16.68 22.10 8.45
CA ASN A 386 17.54 22.54 7.37
C ASN A 386 16.80 22.40 6.04
N LEU A 387 17.44 22.82 4.96
CA LEU A 387 16.89 22.66 3.62
C LEU A 387 17.42 21.37 3.02
N LEU A 388 16.55 20.64 2.33
CA LEU A 388 16.87 19.34 1.77
C LEU A 388 16.71 19.38 0.25
N LEU A 389 17.68 18.83 -0.45
CA LEU A 389 17.68 18.69 -1.90
C LEU A 389 17.91 17.24 -2.28
N ASP A 390 17.15 16.35 -1.65
CA ASP A 390 17.32 14.91 -1.87
C ASP A 390 17.10 14.58 -3.34
N LYS A 391 18.17 14.19 -4.04
CA LYS A 391 18.11 13.83 -5.45
C LYS A 391 17.81 12.36 -5.67
N ARG A 392 17.72 11.57 -4.60
CA ARG A 392 17.39 10.16 -4.73
C ARG A 392 15.94 9.94 -5.15
N THR A 393 15.11 10.97 -5.10
CA THR A 393 13.70 10.85 -5.39
C THR A 393 13.24 12.05 -6.21
N THR A 394 12.05 11.94 -6.79
CA THR A 394 11.40 13.04 -7.48
C THR A 394 10.32 13.70 -6.63
N CYS A 395 9.94 13.08 -5.52
CA CYS A 395 8.98 13.71 -4.62
C CYS A 395 9.58 14.94 -3.98
N PHE A 396 8.75 15.96 -3.80
CA PHE A 396 9.23 17.24 -3.30
C PHE A 396 9.75 17.09 -1.88
N SER A 397 11.00 17.46 -1.67
CA SER A 397 11.65 17.39 -0.36
C SER A 397 11.56 18.76 0.29
N VAL A 398 11.17 18.78 1.57
CA VAL A 398 10.89 20.03 2.26
C VAL A 398 12.08 20.43 3.13
N ALA A 399 12.43 19.60 4.10
CA ALA A 399 13.45 19.96 5.07
C ALA A 399 14.14 18.72 5.58
N ALA A 400 15.32 18.92 6.15
CA ALA A 400 16.05 17.87 6.85
C ALA A 400 16.00 18.17 8.34
N LEU A 401 15.34 17.30 9.10
CA LEU A 401 15.16 17.54 10.53
C LEU A 401 16.39 17.20 11.35
N THR A 402 17.36 16.50 10.77
CA THR A 402 18.59 16.16 11.47
C THR A 402 19.77 16.43 10.55
N ASN A 403 20.93 16.68 11.16
CA ASN A 403 22.13 16.99 10.38
C ASN A 403 22.69 15.77 9.65
N ASN A 404 22.22 14.56 9.94
CA ASN A 404 22.65 13.36 9.26
C ASN A 404 21.45 12.65 8.65
N VAL A 405 21.62 12.15 7.44
CA VAL A 405 20.59 11.36 6.78
C VAL A 405 20.62 9.95 7.34
N ALA A 406 19.44 9.40 7.60
CA ALA A 406 19.32 8.07 8.18
C ALA A 406 19.16 7.04 7.08
N PHE A 407 20.06 6.05 7.07
CA PHE A 407 20.00 4.94 6.13
C PHE A 407 19.62 3.70 6.92
N GLN A 408 18.39 3.22 6.71
CA GLN A 408 17.87 2.06 7.42
C GLN A 408 17.87 0.86 6.48
N THR A 409 18.57 -0.19 6.89
CA THR A 409 18.64 -1.43 6.15
C THR A 409 17.61 -2.41 6.67
N VAL A 410 17.30 -3.42 5.86
CA VAL A 410 16.45 -4.54 6.24
C VAL A 410 17.34 -5.76 6.36
N LYS A 411 17.26 -6.44 7.48
CA LYS A 411 18.14 -7.56 7.78
C LYS A 411 17.48 -8.88 7.40
N PRO A 412 18.26 -9.91 7.14
CA PRO A 412 17.68 -11.19 6.72
C PRO A 412 16.98 -11.90 7.88
N GLY A 413 16.13 -12.85 7.51
CA GLY A 413 15.44 -13.63 8.51
C GLY A 413 16.32 -14.68 9.14
N ASN A 414 15.87 -15.19 10.29
CA ASN A 414 16.61 -16.20 11.01
C ASN A 414 16.18 -17.58 10.55
N PHE A 415 17.16 -18.46 10.35
CA PHE A 415 16.93 -19.78 9.80
C PHE A 415 16.67 -20.76 10.94
N ASN A 416 15.53 -21.45 10.88
CA ASN A 416 15.18 -22.48 11.86
C ASN A 416 15.70 -23.80 11.33
N LYS A 417 16.95 -24.12 11.66
CA LYS A 417 17.60 -25.30 11.10
C LYS A 417 17.00 -26.59 11.64
N ASP A 418 16.41 -26.54 12.84
CA ASP A 418 15.79 -27.74 13.40
C ASP A 418 14.61 -28.19 12.53
N PHE A 419 13.70 -27.26 12.23
CA PHE A 419 12.54 -27.61 11.43
C PHE A 419 12.94 -28.00 10.01
N TYR A 420 13.93 -27.30 9.43
CA TYR A 420 14.37 -27.65 8.08
C TYR A 420 15.01 -29.03 8.05
N ASP A 421 15.84 -29.35 9.04
CA ASP A 421 16.43 -30.69 9.10
C ASP A 421 15.34 -31.75 9.25
N PHE A 422 14.35 -31.49 10.09
CA PHE A 422 13.23 -32.41 10.24
C PHE A 422 12.51 -32.60 8.91
N ALA A 423 12.23 -31.50 8.21
CA ALA A 423 11.50 -31.58 6.95
C ALA A 423 12.27 -32.40 5.92
N VAL A 424 13.57 -32.12 5.77
CA VAL A 424 14.35 -32.87 4.79
C VAL A 424 14.46 -34.34 5.19
N SER A 425 14.54 -34.62 6.49
CA SER A 425 14.51 -36.02 6.92
C SER A 425 13.19 -36.69 6.56
N LYS A 426 12.10 -35.92 6.52
CA LYS A 426 10.81 -36.43 6.09
C LYS A 426 10.58 -36.28 4.60
N GLY A 427 11.65 -36.22 3.81
CA GLY A 427 11.54 -36.25 2.36
C GLY A 427 11.07 -34.98 1.70
N PHE A 428 11.41 -33.81 2.25
CA PHE A 428 11.00 -32.54 1.67
C PHE A 428 12.19 -31.86 1.00
N PHE A 429 11.86 -30.93 0.10
CA PHE A 429 12.84 -30.05 -0.54
C PHE A 429 13.77 -30.82 -1.48
N LYS A 430 13.26 -31.89 -2.08
CA LYS A 430 14.03 -32.63 -3.07
C LYS A 430 13.88 -32.00 -4.44
N GLU A 431 14.83 -32.31 -5.32
CA GLU A 431 14.78 -31.78 -6.68
C GLU A 431 13.60 -32.38 -7.43
N GLY A 432 12.87 -31.52 -8.13
CA GLY A 432 11.67 -31.94 -8.83
C GLY A 432 10.42 -31.92 -7.99
N SER A 433 10.53 -31.65 -6.69
CA SER A 433 9.35 -31.59 -5.83
C SER A 433 8.47 -30.40 -6.21
N SER A 434 7.16 -30.61 -6.12
CA SER A 434 6.23 -29.53 -6.43
C SER A 434 6.22 -28.46 -5.35
N VAL A 435 6.61 -28.83 -4.12
CA VAL A 435 6.65 -27.90 -3.00
C VAL A 435 8.10 -27.50 -2.78
N GLU A 436 8.40 -26.22 -3.00
CA GLU A 436 9.74 -25.69 -2.83
C GLU A 436 9.65 -24.35 -2.11
N LEU A 437 10.75 -23.97 -1.48
CA LEU A 437 10.80 -22.72 -0.72
C LEU A 437 10.84 -21.54 -1.68
N LYS A 438 9.86 -20.64 -1.56
CA LYS A 438 9.81 -19.43 -2.37
C LYS A 438 9.59 -18.17 -1.56
N HIS A 439 9.24 -18.26 -0.28
CA HIS A 439 9.00 -17.09 0.56
C HIS A 439 10.15 -16.96 1.54
N PHE A 440 10.82 -15.80 1.50
CA PHE A 440 11.97 -15.53 2.34
C PHE A 440 11.85 -14.14 2.93
N PHE A 441 12.79 -13.80 3.81
CA PHE A 441 13.02 -12.44 4.25
C PHE A 441 14.16 -11.87 3.41
N PHE A 442 13.83 -10.96 2.50
CA PHE A 442 14.83 -10.35 1.65
C PHE A 442 15.46 -9.16 2.36
N ALA A 443 16.78 -9.14 2.44
CA ALA A 443 17.49 -8.02 3.04
C ALA A 443 17.54 -6.84 2.08
N GLN A 444 17.64 -5.65 2.65
CA GLN A 444 17.69 -4.42 1.89
C GLN A 444 18.84 -3.57 2.41
N ASP A 445 19.35 -2.69 1.54
CA ASP A 445 20.46 -1.83 1.90
C ASP A 445 19.91 -0.48 2.39
N GLY A 446 20.80 0.50 2.57
CA GLY A 446 20.39 1.76 3.17
C GLY A 446 19.29 2.47 2.39
N ASN A 447 19.40 2.47 1.07
CA ASN A 447 18.43 3.17 0.24
C ASN A 447 17.19 2.30 0.03
N ALA A 448 16.59 1.82 1.12
CA ALA A 448 15.43 0.94 1.07
C ALA A 448 14.13 1.70 1.30
N ALA A 449 14.05 2.47 2.39
CA ALA A 449 12.85 3.25 2.65
C ALA A 449 12.62 4.31 1.59
N ILE A 450 13.70 5.00 1.18
CA ILE A 450 13.55 6.04 0.17
C ILE A 450 13.21 5.44 -1.18
N SER A 451 13.81 4.29 -1.50
CA SER A 451 13.51 3.63 -2.77
C SER A 451 12.05 3.22 -2.87
N ASP A 452 11.48 2.73 -1.76
CA ASP A 452 10.08 2.35 -1.77
C ASP A 452 9.18 3.58 -1.77
N TYR A 453 9.56 4.62 -1.04
CA TYR A 453 8.79 5.87 -1.08
C TYR A 453 8.79 6.47 -2.47
N ASP A 454 9.85 6.25 -3.25
CA ASP A 454 9.91 6.79 -4.60
C ASP A 454 8.88 6.17 -5.53
N TYR A 455 8.24 5.06 -5.13
CA TYR A 455 7.18 4.47 -5.94
C TYR A 455 5.93 5.35 -6.00
N TYR A 456 5.86 6.39 -5.18
CA TYR A 456 4.77 7.36 -5.30
C TYR A 456 4.88 8.19 -6.57
N ARG A 457 5.95 8.02 -7.36
CA ARG A 457 6.03 8.68 -8.65
C ARG A 457 5.02 8.11 -9.64
N TYR A 458 4.44 6.95 -9.35
CA TYR A 458 3.36 6.39 -10.16
C TYR A 458 2.05 7.12 -9.94
N ASN A 459 1.94 7.94 -8.91
CA ASN A 459 0.76 8.76 -8.69
C ASN A 459 0.85 10.00 -9.58
N LEU A 460 -0.16 10.20 -10.42
CA LEU A 460 -0.17 11.31 -11.33
C LEU A 460 -1.47 12.10 -11.16
N PRO A 461 -1.46 13.41 -11.41
CA PRO A 461 -2.71 14.16 -11.41
C PRO A 461 -3.70 13.56 -12.40
N THR A 462 -4.81 13.02 -11.90
CA THR A 462 -5.78 12.31 -12.73
C THR A 462 -7.10 13.06 -12.65
N MET A 463 -7.45 13.76 -13.72
CA MET A 463 -8.79 14.30 -13.88
C MET A 463 -9.73 13.19 -14.30
N CYS A 464 -10.91 13.16 -13.70
CA CYS A 464 -11.88 12.10 -13.94
C CYS A 464 -13.00 12.60 -14.85
N ASP A 465 -13.68 11.66 -15.49
CA ASP A 465 -14.93 11.93 -16.16
C ASP A 465 -15.96 12.25 -15.08
N ILE A 466 -16.25 13.53 -14.88
CA ILE A 466 -17.02 13.93 -13.71
C ILE A 466 -18.47 13.49 -13.82
N ARG A 467 -19.06 13.63 -15.01
CA ARG A 467 -20.44 13.19 -15.17
C ARG A 467 -20.58 11.69 -14.96
N GLN A 468 -19.56 10.93 -15.36
CA GLN A 468 -19.56 9.49 -15.10
C GLN A 468 -19.33 9.20 -13.61
N LEU A 469 -18.40 9.94 -12.98
CA LEU A 469 -18.08 9.67 -11.59
C LEU A 469 -19.23 10.02 -10.66
N LEU A 470 -20.01 11.05 -10.99
CA LEU A 470 -21.12 11.45 -10.13
C LEU A 470 -22.27 10.45 -10.15
N PHE A 471 -22.32 9.58 -11.16
CA PHE A 471 -23.26 8.47 -11.19
C PHE A 471 -22.66 7.22 -10.57
N VAL A 472 -21.38 6.98 -10.83
CA VAL A 472 -20.71 5.84 -10.24
C VAL A 472 -20.69 5.96 -8.72
N VAL A 473 -20.56 7.17 -8.20
CA VAL A 473 -20.53 7.35 -6.75
C VAL A 473 -21.89 7.01 -6.14
N GLU A 474 -22.98 7.36 -6.82
CA GLU A 474 -24.30 6.99 -6.33
C GLU A 474 -24.50 5.48 -6.36
N VAL A 475 -24.08 4.83 -7.45
CA VAL A 475 -24.23 3.38 -7.51
C VAL A 475 -23.35 2.71 -6.46
N VAL A 476 -22.17 3.27 -6.19
CA VAL A 476 -21.29 2.72 -5.19
C VAL A 476 -21.87 2.91 -3.79
N ASP A 477 -22.53 4.04 -3.55
CA ASP A 477 -23.14 4.27 -2.25
C ASP A 477 -24.36 3.38 -2.06
N LYS A 478 -24.96 2.93 -3.16
CA LYS A 478 -25.99 1.91 -3.05
C LYS A 478 -25.46 0.63 -2.41
N TYR A 479 -24.15 0.36 -2.56
CA TYR A 479 -23.54 -0.80 -1.94
C TYR A 479 -23.33 -0.64 -0.45
N PHE A 480 -23.41 0.58 0.08
CA PHE A 480 -23.18 0.88 1.48
C PHE A 480 -24.45 1.42 2.14
N ASP A 481 -25.60 0.88 1.77
CA ASP A 481 -26.87 1.31 2.34
C ASP A 481 -27.33 0.43 3.50
N CYS A 482 -26.74 -0.75 3.68
CA CYS A 482 -27.08 -1.66 4.76
C CYS A 482 -26.16 -1.48 5.96
N TYR A 483 -25.63 -0.28 6.17
CA TYR A 483 -24.67 0.00 7.22
C TYR A 483 -25.10 1.22 7.99
N ASP A 484 -24.65 1.30 9.24
CA ASP A 484 -24.97 2.40 10.13
C ASP A 484 -23.68 3.09 10.57
N GLY A 485 -23.61 4.41 10.34
CA GLY A 485 -22.43 5.17 10.69
C GLY A 485 -22.75 6.34 11.60
N GLY A 486 -21.83 7.29 11.69
CA GLY A 486 -22.01 8.45 12.53
C GLY A 486 -20.90 8.61 13.54
N CYS A 487 -20.69 9.84 14.01
CA CYS A 487 -19.66 10.08 15.01
C CYS A 487 -20.05 9.44 16.33
N ILE A 488 -19.03 9.06 17.11
CA ILE A 488 -19.22 8.51 18.44
C ILE A 488 -18.38 9.33 19.41
N ASN A 489 -18.56 9.07 20.70
CA ASN A 489 -17.83 9.75 21.74
C ASN A 489 -16.49 9.07 21.97
N ALA A 490 -15.61 9.77 22.69
CA ALA A 490 -14.28 9.23 22.94
C ALA A 490 -14.33 7.98 23.81
N ASN A 491 -15.35 7.84 24.65
CA ASN A 491 -15.47 6.67 25.51
C ASN A 491 -16.05 5.46 24.78
N GLN A 492 -16.58 5.64 23.58
CA GLN A 492 -17.13 4.54 22.79
C GLN A 492 -16.13 3.97 21.79
N VAL A 493 -14.91 4.46 21.77
CA VAL A 493 -13.92 4.04 20.79
C VAL A 493 -13.20 2.81 21.28
N ILE A 494 -12.92 1.88 20.37
CA ILE A 494 -12.24 0.64 20.66
C ILE A 494 -10.89 0.66 19.96
N VAL A 495 -9.82 0.46 20.73
CA VAL A 495 -8.46 0.42 20.21
C VAL A 495 -7.94 -1.00 20.38
N ASN A 496 -7.67 -1.67 19.26
CA ASN A 496 -7.25 -3.07 19.31
C ASN A 496 -5.95 -3.23 20.06
N ASN A 497 -4.93 -2.45 19.70
CA ASN A 497 -3.61 -2.55 20.30
C ASN A 497 -3.11 -1.16 20.64
N LEU A 498 -2.92 -0.91 21.94
CA LEU A 498 -2.41 0.36 22.42
C LEU A 498 -0.90 0.39 22.53
N ASP A 499 -0.23 -0.73 22.26
CA ASP A 499 1.23 -0.79 22.26
C ASP A 499 1.82 -0.57 20.88
N LYS A 500 1.10 0.14 20.01
CA LYS A 500 1.58 0.48 18.67
C LYS A 500 2.18 1.87 18.68
N SER A 501 2.87 2.20 17.59
CA SER A 501 3.51 3.50 17.48
C SER A 501 2.47 4.61 17.42
N ALA A 502 2.80 5.74 18.05
CA ALA A 502 1.94 6.92 18.01
C ALA A 502 2.28 7.87 16.87
N GLY A 503 3.22 7.51 16.01
CA GLY A 503 3.61 8.36 14.91
C GLY A 503 4.75 9.29 15.30
N PHE A 504 4.95 10.30 14.45
CA PHE A 504 5.95 11.32 14.67
C PHE A 504 5.28 12.66 14.96
N PRO A 505 5.77 13.44 15.94
CA PRO A 505 6.93 13.23 16.81
C PRO A 505 6.59 12.46 18.07
N PHE A 506 5.41 11.86 18.14
CA PHE A 506 4.93 11.30 19.39
C PHE A 506 5.57 9.95 19.72
N ASN A 507 6.32 9.36 18.80
CA ASN A 507 6.98 8.09 19.07
C ASN A 507 8.25 8.25 19.89
N LYS A 508 8.67 9.48 20.17
CA LYS A 508 9.86 9.72 20.97
C LYS A 508 9.53 10.01 22.43
N TRP A 509 8.27 9.83 22.84
CA TRP A 509 7.89 9.94 24.23
C TRP A 509 7.03 8.78 24.72
N GLY A 510 6.53 7.93 23.83
CA GLY A 510 5.74 6.78 24.26
C GLY A 510 5.03 6.16 23.09
N LYS A 511 4.13 5.23 23.43
CA LYS A 511 3.30 4.55 22.45
C LYS A 511 1.92 5.19 22.44
N ALA A 512 0.99 4.60 21.68
CA ALA A 512 -0.37 5.13 21.65
C ALA A 512 -1.04 5.03 23.00
N ARG A 513 -0.61 4.07 23.83
CA ARG A 513 -1.17 3.94 25.16
C ARG A 513 -0.92 5.19 25.99
N LEU A 514 0.27 5.77 25.87
CA LEU A 514 0.59 6.97 26.63
C LEU A 514 -0.38 8.10 26.33
N TYR A 515 -0.70 8.31 25.05
CA TYR A 515 -1.55 9.43 24.67
C TYR A 515 -3.03 9.13 24.81
N TYR A 516 -3.42 7.85 24.82
CA TYR A 516 -4.79 7.51 25.16
C TYR A 516 -5.04 7.55 26.67
N ASP A 517 -4.00 7.43 27.48
CA ASP A 517 -4.15 7.57 28.93
C ASP A 517 -3.99 9.01 29.38
N SER A 518 -3.12 9.79 28.73
CA SER A 518 -2.96 11.19 29.08
C SER A 518 -4.12 12.04 28.59
N MET A 519 -4.71 11.69 27.45
CA MET A 519 -5.87 12.41 26.92
C MET A 519 -7.12 11.89 27.59
N SER A 520 -7.81 12.76 28.34
CA SER A 520 -9.10 12.38 28.90
C SER A 520 -10.17 12.41 27.81
N TYR A 521 -11.26 11.68 28.05
CA TYR A 521 -12.36 11.67 27.10
C TYR A 521 -12.82 13.10 26.78
N GLU A 522 -12.77 13.99 27.77
CA GLU A 522 -13.05 15.40 27.50
C GLU A 522 -12.06 15.97 26.49
N ASP A 523 -10.76 15.70 26.70
CA ASP A 523 -9.75 16.20 25.78
C ASP A 523 -9.91 15.60 24.39
N GLN A 524 -10.21 14.30 24.31
CA GLN A 524 -10.35 13.66 23.01
C GLN A 524 -11.57 14.21 22.25
N ASP A 525 -12.68 14.42 22.95
CA ASP A 525 -13.85 15.02 22.30
C ASP A 525 -13.58 16.47 21.91
N ALA A 526 -12.81 17.20 22.71
CA ALA A 526 -12.43 18.56 22.34
C ALA A 526 -11.58 18.55 21.08
N LEU A 527 -10.64 17.62 20.98
CA LEU A 527 -9.82 17.52 19.78
C LEU A 527 -10.66 17.17 18.56
N PHE A 528 -11.64 16.27 18.72
CA PHE A 528 -12.52 15.94 17.62
C PHE A 528 -13.34 17.14 17.17
N ALA A 529 -13.94 17.86 18.11
CA ALA A 529 -14.69 19.06 17.76
C ALA A 529 -13.80 20.09 17.09
N TYR A 530 -12.55 20.19 17.53
CA TYR A 530 -11.61 21.09 16.87
C TYR A 530 -11.40 20.68 15.41
N THR A 531 -11.13 19.40 15.17
CA THR A 531 -10.93 18.93 13.81
C THR A 531 -12.18 19.09 12.96
N LYS A 532 -13.35 19.25 13.56
CA LYS A 532 -14.56 19.56 12.80
C LYS A 532 -14.62 21.02 12.35
N ARG A 533 -13.72 21.87 12.83
CA ARG A 533 -13.70 23.28 12.47
C ARG A 533 -12.35 23.77 11.97
N ASN A 534 -11.29 22.99 12.11
CA ASN A 534 -9.96 23.41 11.73
C ASN A 534 -9.23 22.24 11.08
N VAL A 535 -8.22 22.56 10.28
CA VAL A 535 -7.38 21.55 9.63
C VAL A 535 -6.12 21.37 10.46
N ILE A 536 -5.83 20.13 10.83
CA ILE A 536 -4.61 19.79 11.54
C ILE A 536 -3.72 19.03 10.56
N PRO A 537 -2.67 19.64 10.01
CA PRO A 537 -1.72 18.88 9.21
C PRO A 537 -0.78 18.09 10.11
N THR A 538 -0.72 16.79 9.89
CA THR A 538 0.13 15.90 10.67
C THR A 538 1.26 15.38 9.80
N ILE A 539 2.25 14.77 10.45
CA ILE A 539 3.39 14.16 9.79
C ILE A 539 3.20 12.65 9.79
N THR A 540 3.41 12.03 8.64
CA THR A 540 3.34 10.58 8.50
C THR A 540 4.75 10.02 8.44
N GLN A 541 5.01 8.98 9.23
CA GLN A 541 6.33 8.36 9.28
C GLN A 541 6.31 7.09 8.43
N MET A 542 7.23 7.01 7.48
CA MET A 542 7.30 5.85 6.60
C MET A 542 8.16 4.78 7.25
N ASN A 543 7.56 3.63 7.56
CA ASN A 543 8.21 2.55 8.26
C ASN A 543 8.29 1.32 7.37
N LEU A 544 9.48 0.71 7.30
CA LEU A 544 9.65 -0.51 6.54
C LEU A 544 8.98 -1.69 7.25
N LYS A 545 8.49 -2.64 6.45
CA LYS A 545 7.86 -3.85 6.96
C LYS A 545 8.85 -5.01 6.91
N TYR A 546 8.94 -5.74 8.01
CA TYR A 546 9.81 -6.91 8.12
C TYR A 546 8.93 -8.15 8.02
N ALA A 547 8.67 -8.57 6.78
CA ALA A 547 7.74 -9.66 6.51
C ALA A 547 8.34 -10.63 5.51
N ILE A 548 7.79 -11.85 5.52
CA ILE A 548 8.23 -12.90 4.62
C ILE A 548 7.40 -12.81 3.34
N SER A 549 8.07 -12.86 2.19
CA SER A 549 7.39 -12.70 0.91
C SER A 549 8.18 -13.41 -0.17
N ALA A 550 7.54 -13.61 -1.32
CA ALA A 550 8.17 -14.19 -2.48
C ALA A 550 8.72 -13.15 -3.45
N LYS A 551 8.31 -11.90 -3.30
CA LYS A 551 8.74 -10.80 -4.16
C LYS A 551 9.79 -9.98 -3.44
N ASN A 552 10.88 -9.64 -4.13
CA ASN A 552 11.96 -8.87 -3.53
C ASN A 552 11.57 -7.40 -3.53
N ARG A 553 10.67 -7.06 -2.61
CA ARG A 553 10.19 -5.70 -2.43
C ARG A 553 10.17 -5.36 -0.96
N ALA A 554 10.55 -4.13 -0.63
CA ALA A 554 10.55 -3.65 0.75
C ALA A 554 9.29 -2.80 0.93
N ARG A 555 8.25 -3.40 1.51
CA ARG A 555 7.02 -2.68 1.74
C ARG A 555 7.23 -1.58 2.79
N THR A 556 6.67 -0.42 2.53
CA THR A 556 6.67 0.69 3.48
C THR A 556 5.22 1.02 3.82
N VAL A 557 4.94 1.16 5.11
CA VAL A 557 3.62 1.55 5.58
C VAL A 557 3.72 2.91 6.24
N ALA A 558 2.56 3.53 6.44
CA ALA A 558 2.48 4.88 6.97
C ALA A 558 2.04 4.82 8.43
N GLY A 559 2.96 5.12 9.34
CA GLY A 559 2.58 5.37 10.71
C GLY A 559 2.05 6.79 10.82
N VAL A 560 0.74 6.90 10.97
CA VAL A 560 0.08 8.20 11.02
C VAL A 560 0.08 8.70 12.46
N SER A 561 0.20 10.02 12.61
CA SER A 561 0.26 10.62 13.94
C SER A 561 -0.93 10.16 14.79
N ILE A 562 -0.72 10.20 16.10
CA ILE A 562 -1.79 9.81 17.02
C ILE A 562 -2.95 10.78 16.93
N CYS A 563 -2.67 12.07 16.69
CA CYS A 563 -3.75 13.05 16.59
C CYS A 563 -4.69 12.72 15.44
N SER A 564 -4.14 12.34 14.29
CA SER A 564 -4.97 11.97 13.15
C SER A 564 -5.76 10.71 13.43
N THR A 565 -5.10 9.68 13.96
CA THR A 565 -5.74 8.39 14.17
C THR A 565 -6.87 8.48 15.20
N MET A 566 -6.64 9.23 16.28
CA MET A 566 -7.67 9.35 17.31
C MET A 566 -8.97 9.89 16.73
N THR A 567 -8.89 11.00 16.02
CA THR A 567 -10.09 11.62 15.47
C THR A 567 -10.69 10.80 14.34
N ASN A 568 -9.84 10.18 13.51
CA ASN A 568 -10.37 9.33 12.45
C ASN A 568 -11.13 8.15 13.02
N ARG A 569 -10.61 7.53 14.08
CA ARG A 569 -11.37 6.49 14.77
C ARG A 569 -12.70 7.03 15.26
N GLN A 570 -12.66 8.14 15.99
CA GLN A 570 -13.89 8.69 16.55
C GLN A 570 -14.89 9.08 15.46
N PHE A 571 -14.43 9.27 14.22
CA PHE A 571 -15.30 9.68 13.13
C PHE A 571 -15.84 8.51 12.32
N HIS A 572 -15.05 7.44 12.15
CA HIS A 572 -15.41 6.37 11.23
C HIS A 572 -15.68 5.01 11.90
N GLN A 573 -15.34 4.82 13.18
CA GLN A 573 -15.38 3.49 13.75
C GLN A 573 -16.76 2.88 13.72
N LYS A 574 -17.81 3.69 13.91
CA LYS A 574 -19.16 3.14 13.90
C LYS A 574 -19.47 2.47 12.56
N LEU A 575 -19.20 3.17 11.47
CA LEU A 575 -19.42 2.59 10.15
C LEU A 575 -18.49 1.42 9.89
N LEU A 576 -17.23 1.51 10.31
CA LEU A 576 -16.30 0.42 10.04
C LEU A 576 -16.71 -0.85 10.78
N LYS A 577 -17.16 -0.72 12.02
CA LYS A 577 -17.63 -1.86 12.80
C LYS A 577 -18.95 -2.40 12.26
N SER A 578 -19.81 -1.53 11.74
CA SER A 578 -21.01 -2.00 11.07
C SER A 578 -20.66 -2.81 9.84
N ILE A 579 -19.65 -2.37 9.09
CA ILE A 579 -19.21 -3.10 7.90
C ILE A 579 -18.65 -4.45 8.30
N ALA A 580 -17.81 -4.49 9.35
CA ALA A 580 -17.17 -5.74 9.75
C ALA A 580 -18.14 -6.71 10.40
N ALA A 581 -19.26 -6.22 10.92
CA ALA A 581 -20.24 -7.07 11.60
C ALA A 581 -21.30 -7.62 10.66
N THR A 582 -21.25 -7.28 9.38
CA THR A 582 -22.29 -7.66 8.42
C THR A 582 -21.83 -8.86 7.62
N ARG A 583 -22.72 -9.84 7.48
CA ARG A 583 -22.47 -11.04 6.69
C ARG A 583 -23.38 -11.07 5.48
N GLY A 584 -22.85 -11.51 4.35
CA GLY A 584 -23.62 -11.64 3.13
C GLY A 584 -23.58 -10.45 2.21
N ALA A 585 -22.77 -9.44 2.52
CA ALA A 585 -22.69 -8.24 1.70
C ALA A 585 -21.57 -8.37 0.68
N THR A 586 -21.42 -7.34 -0.16
CA THR A 586 -20.36 -7.33 -1.16
C THR A 586 -18.98 -7.24 -0.49
N VAL A 587 -18.83 -6.33 0.46
CA VAL A 587 -17.59 -6.19 1.20
C VAL A 587 -17.55 -7.25 2.28
N VAL A 588 -16.52 -8.10 2.26
CA VAL A 588 -16.45 -9.26 3.12
C VAL A 588 -15.37 -9.07 4.17
N ILE A 589 -15.08 -7.82 4.54
CA ILE A 589 -14.22 -7.55 5.67
C ILE A 589 -14.94 -7.97 6.94
N GLY A 590 -14.20 -8.62 7.85
CA GLY A 590 -14.76 -9.10 9.09
C GLY A 590 -15.42 -10.45 9.00
N THR A 591 -15.38 -11.11 7.85
CA THR A 591 -15.93 -12.44 7.69
C THR A 591 -14.80 -13.45 7.80
N SER A 592 -14.93 -14.39 8.73
CA SER A 592 -13.89 -15.39 8.94
C SER A 592 -13.92 -16.44 7.83
N LYS A 593 -12.76 -17.06 7.60
CA LYS A 593 -12.66 -18.17 6.66
C LYS A 593 -12.80 -19.52 7.34
N PHE A 594 -12.99 -19.55 8.65
CA PHE A 594 -13.11 -20.77 9.42
C PHE A 594 -14.57 -21.08 9.72
N TYR A 595 -14.83 -22.32 10.12
CA TYR A 595 -16.17 -22.76 10.50
C TYR A 595 -17.17 -22.51 9.38
N GLY A 596 -16.75 -22.78 8.15
CA GLY A 596 -17.63 -22.65 7.01
C GLY A 596 -17.78 -21.26 6.44
N GLY A 597 -16.97 -20.30 6.89
CA GLY A 597 -17.10 -18.94 6.38
C GLY A 597 -16.71 -18.83 4.91
N TRP A 598 -15.69 -19.56 4.49
CA TRP A 598 -15.28 -19.54 3.10
C TRP A 598 -16.39 -20.04 2.18
N HIS A 599 -17.01 -21.16 2.57
CA HIS A 599 -18.12 -21.70 1.79
C HIS A 599 -19.28 -20.72 1.74
N ASN A 600 -19.59 -20.07 2.85
CA ASN A 600 -20.66 -19.09 2.87
C ASN A 600 -20.37 -17.92 1.94
N MET A 601 -19.13 -17.42 1.98
CA MET A 601 -18.78 -16.30 1.11
C MET A 601 -18.87 -16.68 -0.35
N LEU A 602 -18.41 -17.88 -0.71
CA LEU A 602 -18.48 -18.29 -2.10
C LEU A 602 -19.91 -18.51 -2.56
N LYS A 603 -20.75 -19.15 -1.73
CA LYS A 603 -22.14 -19.32 -2.10
C LYS A 603 -22.86 -17.98 -2.18
N THR A 604 -22.41 -16.98 -1.42
CA THR A 604 -23.03 -15.67 -1.48
C THR A 604 -22.63 -14.93 -2.76
N VAL A 605 -21.35 -14.99 -3.13
CA VAL A 605 -20.91 -14.30 -4.35
C VAL A 605 -21.51 -14.97 -5.57
N TYR A 606 -21.63 -16.31 -5.55
CA TYR A 606 -22.27 -16.99 -6.67
C TYR A 606 -23.70 -16.53 -6.86
N SER A 607 -24.43 -16.36 -5.76
CA SER A 607 -25.83 -15.92 -5.79
C SER A 607 -26.64 -16.73 -6.80
N ASP A 608 -27.21 -16.07 -7.81
CA ASP A 608 -28.03 -16.74 -8.81
C ASP A 608 -27.71 -16.19 -10.20
N VAL A 609 -26.43 -16.02 -10.51
CA VAL A 609 -26.03 -15.52 -11.82
C VAL A 609 -26.38 -16.56 -12.88
N GLU A 610 -26.89 -16.09 -14.02
CA GLU A 610 -27.50 -17.00 -14.99
C GLU A 610 -26.46 -17.87 -15.67
N ASN A 611 -25.35 -17.29 -16.13
CA ASN A 611 -24.28 -18.01 -16.82
C ASN A 611 -22.99 -17.72 -16.06
N PRO A 612 -22.78 -18.36 -14.92
CA PRO A 612 -21.74 -17.93 -13.99
C PRO A 612 -20.34 -18.23 -14.52
N HIS A 613 -19.54 -17.18 -14.65
CA HIS A 613 -18.09 -17.29 -14.75
C HIS A 613 -17.49 -16.48 -13.63
N LEU A 614 -16.27 -16.84 -13.22
CA LEU A 614 -15.57 -16.12 -12.17
C LEU A 614 -14.41 -15.34 -12.78
N MET A 615 -14.14 -14.16 -12.23
CA MET A 615 -12.95 -13.43 -12.61
C MET A 615 -12.42 -12.70 -11.39
N GLY A 616 -11.15 -12.32 -11.46
CA GLY A 616 -10.51 -11.63 -10.35
C GLY A 616 -9.29 -10.91 -10.83
N TRP A 617 -8.85 -9.95 -10.02
CA TRP A 617 -7.76 -9.07 -10.40
C TRP A 617 -7.10 -8.55 -9.14
N ASP A 618 -5.90 -8.02 -9.31
CA ASP A 618 -5.20 -7.28 -8.27
C ASP A 618 -4.71 -5.97 -8.85
N TYR A 619 -4.80 -4.91 -8.06
CA TYR A 619 -4.30 -3.61 -8.49
C TYR A 619 -2.79 -3.57 -8.33
N PRO A 620 -2.02 -3.30 -9.38
CA PRO A 620 -0.58 -3.17 -9.23
C PRO A 620 -0.22 -1.87 -8.51
N LYS A 621 0.62 -1.99 -7.48
CA LYS A 621 1.01 -0.86 -6.65
C LYS A 621 -0.23 -0.04 -6.27
N CYS A 622 -1.13 -0.70 -5.55
CA CYS A 622 -2.47 -0.15 -5.34
C CYS A 622 -2.41 1.20 -4.64
N ASP A 623 -1.67 1.30 -3.53
CA ASP A 623 -1.69 2.53 -2.75
C ASP A 623 -0.90 3.64 -3.42
N ARG A 624 0.08 3.29 -4.26
CA ARG A 624 0.94 4.31 -4.84
C ARG A 624 0.31 4.97 -6.06
N ALA A 625 -0.60 4.28 -6.74
CA ALA A 625 -1.17 4.77 -7.99
C ALA A 625 -2.63 5.18 -7.87
N MET A 626 -3.19 5.20 -6.67
CA MET A 626 -4.60 5.53 -6.51
C MET A 626 -4.79 7.03 -6.77
N PRO A 627 -5.67 7.43 -7.69
CA PRO A 627 -5.89 8.86 -7.91
C PRO A 627 -6.43 9.54 -6.66
N ASN A 628 -6.08 10.82 -6.52
CA ASN A 628 -6.58 11.61 -5.39
C ASN A 628 -8.09 11.77 -5.45
N MET A 629 -8.65 11.89 -6.66
CA MET A 629 -10.08 12.06 -6.78
C MET A 629 -10.83 10.84 -6.27
N LEU A 630 -10.32 9.64 -6.56
CA LEU A 630 -11.00 8.43 -6.10
C LEU A 630 -10.86 8.26 -4.60
N ARG A 631 -9.73 8.66 -4.02
CA ARG A 631 -9.59 8.61 -2.57
C ARG A 631 -10.54 9.60 -1.89
N ILE A 632 -10.67 10.81 -2.46
CA ILE A 632 -11.62 11.78 -1.94
C ILE A 632 -13.04 11.24 -2.06
N MET A 633 -13.35 10.58 -3.17
CA MET A 633 -14.67 9.99 -3.35
C MET A 633 -14.94 8.91 -2.31
N ALA A 634 -13.93 8.07 -2.03
CA ALA A 634 -14.09 7.04 -1.01
C ALA A 634 -14.33 7.66 0.36
N SER A 635 -13.57 8.69 0.70
CA SER A 635 -13.77 9.36 1.99
C SER A 635 -15.17 9.96 2.08
N LEU A 636 -15.64 10.58 0.99
CA LEU A 636 -16.98 11.15 0.98
C LEU A 636 -18.05 10.07 1.10
N VAL A 637 -17.86 8.92 0.45
CA VAL A 637 -18.82 7.83 0.57
C VAL A 637 -18.88 7.34 2.01
N LEU A 638 -17.72 7.18 2.65
CA LEU A 638 -17.73 6.77 4.05
C LEU A 638 -18.36 7.82 4.95
N ALA A 639 -18.13 9.10 4.67
CA ALA A 639 -18.62 10.19 5.49
C ALA A 639 -20.08 10.53 5.23
N ARG A 640 -20.68 9.95 4.18
CA ARG A 640 -22.09 10.20 3.90
C ARG A 640 -23.01 9.64 4.95
N LYS A 641 -22.51 8.81 5.86
CA LYS A 641 -23.29 8.28 6.98
C LYS A 641 -23.48 9.29 8.10
N HIS A 642 -23.06 10.54 7.90
CA HIS A 642 -23.09 11.58 8.92
C HIS A 642 -24.12 12.64 8.59
N THR A 643 -25.27 12.24 8.08
CA THR A 643 -26.32 13.19 7.71
C THR A 643 -27.13 13.68 8.89
N THR A 644 -26.96 13.08 10.07
CA THR A 644 -27.71 13.48 11.26
C THR A 644 -26.83 14.03 12.39
N CYS A 645 -25.52 13.80 12.35
CA CYS A 645 -24.62 14.24 13.41
C CYS A 645 -23.73 15.40 13.01
N CYS A 646 -23.40 15.52 11.72
CA CYS A 646 -22.49 16.54 11.23
C CYS A 646 -23.20 17.42 10.21
N SER A 647 -22.87 18.70 10.22
CA SER A 647 -23.37 19.65 9.23
C SER A 647 -22.46 19.63 8.00
N LEU A 648 -22.81 20.43 7.01
CA LEU A 648 -22.01 20.47 5.78
C LEU A 648 -20.60 20.98 6.05
N SER A 649 -20.47 22.04 6.86
CA SER A 649 -19.15 22.55 7.19
C SER A 649 -18.35 21.54 8.00
N HIS A 650 -18.99 20.85 8.95
CA HIS A 650 -18.29 19.84 9.73
C HIS A 650 -17.79 18.71 8.84
N ARG A 651 -18.64 18.23 7.94
CA ARG A 651 -18.23 17.16 7.05
C ARG A 651 -17.11 17.61 6.12
N PHE A 652 -17.19 18.84 5.61
CA PHE A 652 -16.13 19.32 4.75
C PHE A 652 -14.81 19.46 5.50
N TYR A 653 -14.84 19.95 6.75
CA TYR A 653 -13.60 20.11 7.48
C TYR A 653 -13.02 18.77 7.90
N ARG A 654 -13.87 17.77 8.16
CA ARG A 654 -13.37 16.43 8.37
C ARG A 654 -12.73 15.87 7.10
N LEU A 655 -13.33 16.14 5.94
CA LEU A 655 -12.71 15.75 4.68
C LEU A 655 -11.36 16.44 4.49
N ALA A 656 -11.30 17.73 4.82
CA ALA A 656 -10.06 18.49 4.67
C ALA A 656 -8.98 17.96 5.58
N ASN A 657 -9.34 17.61 6.82
CA ASN A 657 -8.37 17.01 7.73
C ASN A 657 -7.88 15.67 7.19
N GLU A 658 -8.79 14.85 6.67
CA GLU A 658 -8.38 13.57 6.11
C GLU A 658 -7.42 13.77 4.95
N CYS A 659 -7.70 14.73 4.07
CA CYS A 659 -6.80 15.00 2.95
C CYS A 659 -5.45 15.52 3.45
N ALA A 660 -5.47 16.43 4.42
CA ALA A 660 -4.24 17.03 4.91
C ALA A 660 -3.40 16.06 5.71
N GLN A 661 -3.99 14.97 6.20
CA GLN A 661 -3.27 14.02 7.04
C GLN A 661 -2.89 12.73 6.34
N VAL A 662 -3.70 12.24 5.40
CA VAL A 662 -3.42 10.93 4.80
C VAL A 662 -3.55 10.93 3.28
N LEU A 663 -3.56 12.10 2.66
CA LEU A 663 -3.62 12.19 1.21
C LEU A 663 -2.39 12.84 0.61
N SER A 664 -2.05 14.06 1.03
CA SER A 664 -0.89 14.77 0.53
C SER A 664 -0.11 15.40 1.67
N GLU A 665 -0.12 14.77 2.83
CA GLU A 665 0.50 15.32 4.03
C GLU A 665 2.02 15.29 3.88
N MET A 666 2.70 15.74 4.93
CA MET A 666 4.15 15.66 5.02
C MET A 666 4.54 14.28 5.49
N VAL A 667 5.56 13.71 4.85
CA VAL A 667 6.02 12.35 5.14
C VAL A 667 7.44 12.42 5.66
N MET A 668 7.68 11.81 6.81
CA MET A 668 9.02 11.76 7.41
C MET A 668 9.63 10.41 7.09
N CYS A 669 10.57 10.39 6.15
CA CYS A 669 11.18 9.17 5.64
C CYS A 669 12.69 9.26 5.83
N GLY A 670 13.16 8.84 6.99
CA GLY A 670 14.58 8.82 7.26
C GLY A 670 15.10 10.12 7.85
N GLY A 671 14.33 10.71 8.76
CA GLY A 671 14.72 11.94 9.41
C GLY A 671 14.51 13.19 8.59
N SER A 672 13.94 13.08 7.39
CA SER A 672 13.72 14.22 6.51
C SER A 672 12.27 14.23 6.06
N LEU A 673 11.76 15.43 5.81
CA LEU A 673 10.37 15.63 5.41
C LEU A 673 10.27 15.77 3.90
N TYR A 674 9.28 15.10 3.33
CA TYR A 674 8.96 15.17 1.92
C TYR A 674 7.46 15.43 1.79
N VAL A 675 7.02 15.73 0.57
CA VAL A 675 5.61 15.96 0.28
C VAL A 675 5.10 14.78 -0.53
N LYS A 676 4.09 14.10 -0.01
CA LYS A 676 3.53 12.96 -0.70
C LYS A 676 2.67 13.43 -1.86
N PRO A 677 2.94 13.01 -3.10
CA PRO A 677 2.10 13.47 -4.21
C PRO A 677 0.64 13.10 -4.04
N GLY A 678 0.35 11.93 -3.51
CA GLY A 678 -1.01 11.48 -3.35
C GLY A 678 -1.06 9.99 -3.12
N GLY A 679 -2.26 9.44 -3.23
CA GLY A 679 -2.48 8.04 -2.98
C GLY A 679 -2.70 7.75 -1.51
N THR A 680 -3.20 6.55 -1.23
CA THR A 680 -3.52 6.18 0.14
C THR A 680 -2.27 6.07 0.99
N SER A 681 -2.38 6.53 2.23
CA SER A 681 -1.36 6.25 3.25
C SER A 681 -1.78 4.96 3.93
N SER A 682 -1.19 3.85 3.51
CA SER A 682 -1.51 2.57 4.11
C SER A 682 -1.10 2.60 5.59
N GLY A 683 -2.09 2.70 6.46
CA GLY A 683 -1.83 2.87 7.88
C GLY A 683 -2.76 3.87 8.52
N ASP A 684 -3.65 4.46 7.73
CA ASP A 684 -4.68 5.31 8.27
C ASP A 684 -5.83 4.47 8.83
N ALA A 685 -6.80 5.14 9.46
CA ALA A 685 -7.84 4.43 10.18
C ALA A 685 -8.78 3.67 9.23
N THR A 686 -8.81 4.05 7.96
CA THR A 686 -9.77 3.50 7.02
C THR A 686 -9.12 2.90 5.77
N THR A 687 -7.87 2.44 5.86
CA THR A 687 -7.17 1.98 4.67
C THR A 687 -7.91 0.81 4.02
N ALA A 688 -8.32 -0.18 4.80
CA ALA A 688 -8.93 -1.38 4.25
C ALA A 688 -10.32 -1.11 3.66
N TYR A 689 -11.03 -0.10 4.17
CA TYR A 689 -12.38 0.20 3.69
C TYR A 689 -12.38 1.22 2.57
N ALA A 690 -11.46 2.18 2.60
CA ALA A 690 -11.29 3.06 1.45
C ALA A 690 -10.88 2.26 0.23
N ASN A 691 -10.03 1.24 0.41
CA ASN A 691 -9.66 0.39 -0.70
C ASN A 691 -10.87 -0.37 -1.24
N SER A 692 -11.76 -0.83 -0.36
CA SER A 692 -12.96 -1.53 -0.82
C SER A 692 -13.85 -0.59 -1.62
N VAL A 693 -14.04 0.63 -1.13
CA VAL A 693 -14.84 1.61 -1.86
C VAL A 693 -14.22 1.87 -3.23
N PHE A 694 -12.90 2.01 -3.28
CA PHE A 694 -12.20 2.26 -4.54
C PHE A 694 -12.37 1.09 -5.51
N ASN A 695 -12.30 -0.13 -5.01
CA ASN A 695 -12.47 -1.31 -5.84
C ASN A 695 -13.87 -1.39 -6.42
N ILE A 696 -14.88 -1.13 -5.58
CA ILE A 696 -16.26 -1.15 -6.05
C ILE A 696 -16.48 -0.04 -7.08
N CYS A 697 -15.90 1.13 -6.85
CA CYS A 697 -16.02 2.22 -7.81
C CYS A 697 -15.42 1.85 -9.15
N GLN A 698 -14.24 1.23 -9.13
CA GLN A 698 -13.62 0.82 -10.38
C GLN A 698 -14.47 -0.23 -11.11
N ALA A 699 -15.04 -1.18 -10.37
CA ALA A 699 -15.87 -2.19 -11.01
C ALA A 699 -17.13 -1.58 -11.62
N VAL A 700 -17.79 -0.67 -10.90
CA VAL A 700 -18.98 -0.03 -11.43
C VAL A 700 -18.65 0.82 -12.65
N THR A 701 -17.51 1.51 -12.62
CA THR A 701 -17.07 2.27 -13.78
C THR A 701 -16.83 1.34 -14.97
N ALA A 702 -16.22 0.19 -14.73
CA ALA A 702 -15.98 -0.76 -15.82
C ALA A 702 -17.29 -1.21 -16.44
N ASN A 703 -18.30 -1.48 -15.61
CA ASN A 703 -19.59 -1.89 -16.15
C ASN A 703 -20.26 -0.77 -16.92
N VAL A 704 -20.15 0.46 -16.43
CA VAL A 704 -20.73 1.60 -17.14
C VAL A 704 -20.09 1.75 -18.51
N ASN A 705 -18.75 1.66 -18.56
CA ASN A 705 -18.06 1.80 -19.84
C ASN A 705 -18.36 0.65 -20.78
N ALA A 706 -18.48 -0.57 -20.23
CA ALA A 706 -18.83 -1.71 -21.06
C ALA A 706 -20.20 -1.54 -21.67
N LEU A 707 -21.17 -1.06 -20.89
CA LEU A 707 -22.53 -0.96 -21.40
C LEU A 707 -22.72 0.23 -22.33
N LEU A 708 -22.01 1.34 -22.10
CA LEU A 708 -22.18 2.50 -22.97
C LEU A 708 -21.35 2.40 -24.24
N SER A 709 -20.24 1.67 -24.22
CA SER A 709 -19.39 1.50 -25.39
C SER A 709 -19.84 0.35 -26.27
N THR A 710 -21.05 -0.16 -26.06
CA THR A 710 -21.60 -1.25 -26.85
C THR A 710 -22.59 -0.70 -27.85
N ASP A 711 -22.45 -1.11 -29.11
CA ASP A 711 -23.38 -0.67 -30.14
C ASP A 711 -24.81 -1.00 -29.73
N GLY A 712 -25.62 0.04 -29.58
CA GLY A 712 -26.97 -0.16 -29.05
C GLY A 712 -27.89 -0.87 -30.03
N ASN A 713 -27.60 -0.78 -31.32
CA ASN A 713 -28.43 -1.47 -32.31
C ASN A 713 -28.24 -2.97 -32.26
N LYS A 714 -27.11 -3.45 -31.75
CA LYS A 714 -26.79 -4.87 -31.73
C LYS A 714 -27.26 -5.56 -30.46
N ILE A 715 -27.90 -4.84 -29.54
CA ILE A 715 -28.43 -5.46 -28.33
C ILE A 715 -29.79 -6.06 -28.65
N ALA A 716 -29.90 -7.39 -28.57
CA ALA A 716 -31.14 -8.08 -28.87
C ALA A 716 -32.15 -8.00 -27.75
N ASP A 717 -31.75 -7.51 -26.57
CA ASP A 717 -32.64 -7.41 -25.42
C ASP A 717 -33.12 -5.97 -25.29
N LYS A 718 -34.44 -5.77 -25.37
CA LYS A 718 -35.00 -4.44 -25.24
C LYS A 718 -34.77 -3.84 -23.86
N TYR A 719 -34.82 -4.65 -22.80
CA TYR A 719 -34.57 -4.14 -21.47
C TYR A 719 -33.17 -3.56 -21.36
N VAL A 720 -32.16 -4.29 -21.85
CA VAL A 720 -30.79 -3.79 -21.76
C VAL A 720 -30.60 -2.58 -22.67
N ARG A 721 -31.29 -2.53 -23.80
CA ARG A 721 -31.18 -1.37 -24.68
C ARG A 721 -31.72 -0.12 -24.00
N ASN A 722 -32.90 -0.23 -23.39
CA ASN A 722 -33.46 0.91 -22.68
C ASN A 722 -32.62 1.26 -21.46
N LEU A 723 -32.00 0.25 -20.83
CA LEU A 723 -31.12 0.52 -19.71
C LEU A 723 -29.89 1.30 -20.16
N GLN A 724 -29.34 0.97 -21.32
CA GLN A 724 -28.21 1.73 -21.86
C GLN A 724 -28.63 3.16 -22.18
N HIS A 725 -29.81 3.33 -22.77
CA HIS A 725 -30.30 4.67 -23.10
C HIS A 725 -30.44 5.51 -21.83
N ARG A 726 -31.06 4.93 -20.80
CA ARG A 726 -31.23 5.65 -19.55
C ARG A 726 -29.90 5.91 -18.87
N LEU A 727 -28.94 5.00 -19.01
CA LEU A 727 -27.61 5.22 -18.43
C LEU A 727 -26.95 6.42 -19.08
N TYR A 728 -27.02 6.52 -20.40
CA TYR A 728 -26.45 7.69 -21.07
C TYR A 728 -27.17 8.95 -20.63
N GLU A 729 -28.49 8.92 -20.52
CA GLU A 729 -29.23 10.10 -20.07
C GLU A 729 -28.80 10.51 -18.67
N CYS A 730 -28.66 9.54 -17.77
CA CYS A 730 -28.33 9.85 -16.39
C CYS A 730 -26.89 10.30 -16.23
N LEU A 731 -26.01 9.90 -17.15
CA LEU A 731 -24.64 10.40 -17.10
C LEU A 731 -24.54 11.79 -17.68
N TYR A 732 -24.85 11.94 -18.97
CA TYR A 732 -24.46 13.14 -19.72
C TYR A 732 -25.63 14.04 -20.10
N ARG A 733 -26.83 13.78 -19.58
CA ARG A 733 -27.97 14.64 -19.86
C ARG A 733 -28.80 15.01 -18.64
N ASN A 734 -28.75 14.25 -17.55
CA ASN A 734 -29.45 14.59 -16.33
C ASN A 734 -28.45 15.18 -15.34
N ARG A 735 -28.84 16.27 -14.68
CA ARG A 735 -27.96 16.93 -13.72
C ARG A 735 -28.14 16.39 -12.31
N ASP A 736 -29.38 16.13 -11.90
CA ASP A 736 -29.66 15.62 -10.56
C ASP A 736 -29.41 14.11 -10.54
N VAL A 737 -29.82 13.47 -9.45
CA VAL A 737 -29.68 12.03 -9.29
C VAL A 737 -31.03 11.37 -9.53
N ASP A 738 -31.08 10.41 -10.45
CA ASP A 738 -32.28 9.64 -10.71
C ASP A 738 -32.24 8.40 -9.84
N THR A 739 -32.91 8.46 -8.68
CA THR A 739 -32.84 7.35 -7.73
C THR A 739 -33.43 6.07 -8.33
N ASP A 740 -34.50 6.20 -9.11
CA ASP A 740 -35.12 5.03 -9.71
C ASP A 740 -34.13 4.31 -10.63
N PHE A 741 -33.43 5.05 -11.47
CA PHE A 741 -32.48 4.39 -12.36
C PHE A 741 -31.24 3.94 -11.63
N VAL A 742 -30.82 4.65 -10.58
CA VAL A 742 -29.70 4.16 -9.78
C VAL A 742 -30.04 2.80 -9.18
N ASN A 743 -31.27 2.65 -8.68
CA ASN A 743 -31.70 1.36 -8.16
C ASN A 743 -31.80 0.31 -9.26
N GLU A 744 -32.29 0.70 -10.44
CA GLU A 744 -32.36 -0.26 -11.55
C GLU A 744 -30.98 -0.76 -11.93
N PHE A 745 -30.01 0.15 -12.04
CA PHE A 745 -28.66 -0.25 -12.42
C PHE A 745 -27.98 -1.05 -11.32
N TYR A 746 -28.26 -0.72 -10.06
CA TYR A 746 -27.73 -1.52 -8.96
C TYR A 746 -28.28 -2.93 -9.00
N ALA A 747 -29.58 -3.08 -9.25
CA ALA A 747 -30.17 -4.41 -9.36
C ALA A 747 -29.59 -5.17 -10.54
N TYR A 748 -29.39 -4.48 -11.66
CA TYR A 748 -28.80 -5.12 -12.84
C TYR A 748 -27.40 -5.64 -12.53
N LEU A 749 -26.58 -4.81 -11.87
CA LEU A 749 -25.22 -5.23 -11.51
C LEU A 749 -25.26 -6.40 -10.54
N ARG A 750 -26.13 -6.33 -9.54
CA ARG A 750 -26.23 -7.43 -8.57
C ARG A 750 -26.67 -8.72 -9.24
N LYS A 751 -27.58 -8.63 -10.20
CA LYS A 751 -28.08 -9.83 -10.87
C LYS A 751 -27.05 -10.43 -11.81
N HIS A 752 -26.24 -9.61 -12.47
CA HIS A 752 -25.31 -10.10 -13.48
C HIS A 752 -23.83 -9.90 -13.15
N PHE A 753 -23.50 -9.16 -12.10
CA PHE A 753 -22.11 -8.85 -11.79
C PHE A 753 -21.85 -8.99 -10.29
N SER A 754 -22.24 -10.11 -9.72
CA SER A 754 -22.08 -10.31 -8.28
C SER A 754 -20.61 -10.16 -7.89
N MET A 755 -20.36 -9.47 -6.77
CA MET A 755 -19.01 -9.11 -6.36
C MET A 755 -18.75 -9.56 -4.93
N MET A 756 -17.47 -9.76 -4.64
CA MET A 756 -16.98 -10.10 -3.30
C MET A 756 -15.68 -9.32 -3.12
N ILE A 757 -15.72 -8.29 -2.30
CA ILE A 757 -14.64 -7.29 -2.22
C ILE A 757 -14.00 -7.37 -0.84
N LEU A 758 -12.67 -7.40 -0.80
CA LEU A 758 -11.90 -7.27 0.44
C LEU A 758 -10.68 -6.43 0.10
N SER A 759 -10.77 -5.13 0.38
CA SER A 759 -9.70 -4.18 0.08
C SER A 759 -9.43 -4.26 -1.41
N ASP A 760 -8.18 -4.43 -1.84
CA ASP A 760 -7.87 -4.47 -3.27
C ASP A 760 -8.12 -5.84 -3.88
N ASP A 761 -8.53 -6.84 -3.11
CA ASP A 761 -8.85 -8.15 -3.65
C ASP A 761 -10.33 -8.21 -4.00
N ALA A 762 -10.64 -8.80 -5.16
CA ALA A 762 -12.02 -8.90 -5.60
C ALA A 762 -12.24 -10.21 -6.35
N VAL A 763 -13.43 -10.77 -6.17
CA VAL A 763 -13.89 -11.92 -6.94
C VAL A 763 -15.25 -11.57 -7.50
N VAL A 764 -15.43 -11.76 -8.81
CA VAL A 764 -16.67 -11.44 -9.49
C VAL A 764 -17.24 -12.72 -10.07
N CYS A 765 -18.50 -13.00 -9.76
CA CYS A 765 -19.29 -13.99 -10.49
C CYS A 765 -20.20 -13.21 -11.43
N PHE A 766 -19.98 -13.37 -12.73
CA PHE A 766 -20.65 -12.56 -13.73
C PHE A 766 -21.32 -13.46 -14.76
N ASN A 767 -22.32 -12.89 -15.42
CA ASN A 767 -23.02 -13.56 -16.50
C ASN A 767 -22.14 -13.56 -17.74
N SER A 768 -21.66 -14.74 -18.12
CA SER A 768 -20.71 -14.82 -19.24
C SER A 768 -21.36 -14.47 -20.56
N THR A 769 -22.64 -14.78 -20.74
CA THR A 769 -23.32 -14.41 -21.98
C THR A 769 -23.41 -12.90 -22.12
N TYR A 770 -23.77 -12.20 -21.05
CA TYR A 770 -23.79 -10.74 -21.09
C TYR A 770 -22.40 -10.18 -21.30
N ALA A 771 -21.40 -10.73 -20.64
CA ALA A 771 -20.04 -10.23 -20.81
C ALA A 771 -19.57 -10.41 -22.24
N SER A 772 -19.90 -11.54 -22.87
CA SER A 772 -19.50 -11.77 -24.25
C SER A 772 -20.28 -10.86 -25.20
N GLN A 773 -21.54 -10.58 -24.89
CA GLN A 773 -22.32 -9.64 -25.67
C GLN A 773 -22.00 -8.19 -25.34
N GLY A 774 -21.14 -7.95 -24.35
CA GLY A 774 -20.75 -6.60 -23.98
C GLY A 774 -21.69 -5.90 -23.02
N LEU A 775 -22.63 -6.61 -22.40
CA LEU A 775 -23.60 -5.99 -21.52
C LEU A 775 -23.10 -5.83 -20.09
N VAL A 776 -22.12 -6.63 -19.68
CA VAL A 776 -21.45 -6.45 -18.39
C VAL A 776 -19.96 -6.44 -18.62
N ALA A 777 -19.23 -5.90 -17.65
CA ALA A 777 -17.80 -5.71 -17.79
C ALA A 777 -17.06 -7.05 -17.82
N SER A 778 -16.08 -7.14 -18.69
CA SER A 778 -15.12 -8.23 -18.71
C SER A 778 -13.77 -7.71 -18.23
N ILE A 779 -12.77 -8.59 -18.22
CA ILE A 779 -11.46 -8.19 -17.73
C ILE A 779 -10.84 -7.13 -18.63
N LYS A 780 -11.14 -7.17 -19.93
CA LYS A 780 -10.63 -6.15 -20.83
C LYS A 780 -11.18 -4.78 -20.48
N ASN A 781 -12.47 -4.70 -20.12
CA ASN A 781 -13.04 -3.42 -19.70
C ASN A 781 -12.36 -2.91 -18.45
N PHE A 782 -12.03 -3.81 -17.52
CA PHE A 782 -11.35 -3.40 -16.30
C PHE A 782 -9.95 -2.88 -16.60
N LYS A 783 -9.24 -3.55 -17.51
CA LYS A 783 -7.93 -3.02 -17.93
C LYS A 783 -8.07 -1.64 -18.55
N SER A 784 -9.07 -1.47 -19.42
CA SER A 784 -9.27 -0.18 -20.07
C SER A 784 -9.56 0.91 -19.06
N VAL A 785 -10.41 0.62 -18.07
CA VAL A 785 -10.73 1.63 -17.05
C VAL A 785 -9.49 1.95 -16.23
N LEU A 786 -8.72 0.93 -15.84
CA LEU A 786 -7.54 1.18 -15.03
C LEU A 786 -6.53 2.04 -15.79
N TYR A 787 -6.40 1.81 -17.09
CA TYR A 787 -5.38 2.53 -17.86
C TYR A 787 -5.57 4.03 -17.79
N TYR A 788 -6.81 4.50 -17.96
CA TYR A 788 -7.05 5.94 -18.05
C TYR A 788 -7.53 6.55 -16.75
N GLN A 789 -8.04 5.76 -15.80
CA GLN A 789 -8.55 6.29 -14.55
C GLN A 789 -7.66 5.93 -13.36
N ASN A 790 -6.59 5.17 -13.59
CA ASN A 790 -5.67 4.78 -12.53
C ASN A 790 -4.22 4.94 -12.92
N ASN A 791 -3.93 5.14 -14.21
CA ASN A 791 -2.56 5.34 -14.68
C ASN A 791 -1.69 4.14 -14.36
N VAL A 792 -2.27 2.95 -14.45
CA VAL A 792 -1.53 1.69 -14.31
C VAL A 792 -2.03 0.74 -15.37
N PHE A 793 -1.09 0.07 -16.04
CA PHE A 793 -1.44 -1.00 -16.98
C PHE A 793 -1.54 -2.30 -16.21
N MET A 794 -2.67 -2.99 -16.37
CA MET A 794 -2.93 -4.24 -15.67
C MET A 794 -2.69 -5.40 -16.63
N SER A 795 -1.67 -6.21 -16.36
CA SER A 795 -1.34 -7.34 -17.20
C SER A 795 -2.17 -8.55 -16.81
N GLU A 796 -2.23 -9.53 -17.71
CA GLU A 796 -3.00 -10.74 -17.48
C GLU A 796 -2.35 -11.66 -16.46
N ALA A 797 -1.11 -11.42 -16.07
CA ALA A 797 -0.51 -12.12 -14.96
C ALA A 797 -1.05 -11.64 -13.61
N LYS A 798 -1.76 -10.52 -13.60
CA LYS A 798 -2.38 -9.99 -12.39
C LYS A 798 -3.84 -10.38 -12.26
N CYS A 799 -4.44 -10.91 -13.32
CA CYS A 799 -5.86 -11.23 -13.36
C CYS A 799 -6.04 -12.73 -13.62
N TRP A 800 -7.28 -13.19 -13.44
CA TRP A 800 -7.58 -14.59 -13.67
C TRP A 800 -9.07 -14.73 -13.97
N THR A 801 -9.40 -15.80 -14.69
CA THR A 801 -10.77 -16.16 -15.02
C THR A 801 -10.95 -17.65 -14.85
N GLU A 802 -12.14 -18.05 -14.39
CA GLU A 802 -12.47 -19.45 -14.13
C GLU A 802 -13.83 -19.74 -14.74
N THR A 803 -13.85 -20.67 -15.70
CA THR A 803 -15.11 -21.06 -16.33
C THR A 803 -15.91 -22.02 -15.46
N ASP A 804 -15.23 -22.88 -14.71
CA ASP A 804 -15.88 -23.89 -13.88
C ASP A 804 -15.97 -23.38 -12.45
N LEU A 805 -17.20 -23.14 -11.98
CA LEU A 805 -17.38 -22.60 -10.64
C LEU A 805 -17.12 -23.62 -9.55
N THR A 806 -17.20 -24.91 -9.87
CA THR A 806 -16.87 -25.93 -8.88
C THR A 806 -15.40 -25.92 -8.50
N LYS A 807 -14.55 -25.28 -9.30
CA LYS A 807 -13.16 -25.08 -8.92
C LYS A 807 -12.98 -23.89 -7.99
N GLY A 808 -13.98 -23.02 -7.87
CA GLY A 808 -13.89 -21.85 -7.02
C GLY A 808 -13.01 -20.80 -7.66
N PRO A 809 -12.86 -19.66 -6.98
CA PRO A 809 -11.93 -18.65 -7.46
C PRO A 809 -10.50 -19.17 -7.48
N HIS A 810 -9.73 -18.72 -8.46
CA HIS A 810 -8.33 -19.12 -8.53
C HIS A 810 -7.57 -18.68 -7.30
N GLU A 811 -7.79 -17.45 -6.85
CA GLU A 811 -7.17 -16.96 -5.63
C GLU A 811 -8.01 -15.86 -5.02
N PHE A 812 -8.03 -15.81 -3.70
CA PHE A 812 -8.66 -14.72 -2.97
C PHE A 812 -8.03 -14.64 -1.60
N CYS A 813 -7.43 -13.50 -1.29
CA CYS A 813 -6.71 -13.33 -0.03
C CYS A 813 -5.60 -14.37 0.10
N SER A 814 -4.93 -14.65 -1.01
CA SER A 814 -3.80 -15.57 -1.11
C SER A 814 -4.19 -17.01 -0.86
N GLN A 815 -5.48 -17.34 -0.85
CA GLN A 815 -5.96 -18.69 -0.60
C GLN A 815 -6.55 -19.28 -1.87
N HIS A 816 -6.26 -20.55 -2.10
CA HIS A 816 -6.87 -21.30 -3.18
C HIS A 816 -8.08 -22.05 -2.62
N THR A 817 -8.98 -22.47 -3.50
CA THR A 817 -10.23 -23.10 -3.09
C THR A 817 -10.25 -24.56 -3.54
N MET A 818 -10.79 -25.42 -2.68
CA MET A 818 -10.98 -26.82 -3.02
C MET A 818 -12.39 -27.26 -2.60
N LEU A 819 -13.09 -27.92 -3.50
CA LEU A 819 -14.40 -28.49 -3.19
C LEU A 819 -14.19 -29.90 -2.68
N VAL A 820 -14.38 -30.10 -1.38
CA VAL A 820 -14.06 -31.35 -0.70
C VAL A 820 -15.31 -31.87 0.00
N LYS A 821 -15.52 -33.19 -0.07
CA LYS A 821 -16.61 -33.84 0.65
C LYS A 821 -16.34 -33.77 2.15
N GLN A 822 -17.05 -32.88 2.85
CA GLN A 822 -16.89 -32.71 4.29
C GLN A 822 -18.18 -33.22 4.94
N GLY A 823 -18.19 -34.51 5.30
CA GLY A 823 -19.37 -35.12 5.86
C GLY A 823 -20.32 -35.61 4.80
N ASP A 824 -21.54 -35.04 4.78
CA ASP A 824 -22.56 -35.45 3.82
C ASP A 824 -22.63 -34.55 2.60
N ASP A 825 -21.94 -33.41 2.60
CA ASP A 825 -22.03 -32.44 1.52
C ASP A 825 -20.64 -31.95 1.14
N TYR A 826 -20.53 -31.42 -0.08
CA TYR A 826 -19.29 -30.80 -0.52
C TYR A 826 -19.22 -29.36 -0.03
N VAL A 827 -18.03 -28.96 0.42
CA VAL A 827 -17.80 -27.62 0.92
C VAL A 827 -16.54 -27.06 0.27
N TYR A 828 -16.50 -25.75 0.15
CA TYR A 828 -15.31 -25.06 -0.36
C TYR A 828 -14.40 -24.72 0.82
N LEU A 829 -13.18 -25.25 0.78
CA LEU A 829 -12.20 -24.98 1.80
C LEU A 829 -11.04 -24.17 1.23
N PRO A 830 -10.50 -23.23 2.00
CA PRO A 830 -9.32 -22.50 1.53
C PRO A 830 -8.02 -23.17 1.97
N TYR A 831 -7.06 -23.27 1.05
CA TYR A 831 -5.74 -23.75 1.42
C TYR A 831 -4.68 -22.79 0.91
N PRO A 832 -3.58 -22.63 1.66
CA PRO A 832 -2.56 -21.67 1.24
C PRO A 832 -1.53 -22.27 0.31
N ASP A 833 -0.56 -21.47 -0.10
CA ASP A 833 0.58 -21.98 -0.83
C ASP A 833 1.45 -22.79 0.12
N PRO A 834 1.72 -24.07 -0.15
CA PRO A 834 2.56 -24.83 0.79
C PRO A 834 3.91 -24.19 1.04
N SER A 835 4.49 -23.54 0.03
CA SER A 835 5.74 -22.82 0.23
C SER A 835 5.60 -21.73 1.28
N ARG A 836 4.45 -21.08 1.34
CA ARG A 836 4.24 -20.03 2.34
C ARG A 836 4.32 -20.59 3.75
N ILE A 837 3.61 -21.69 4.00
CA ILE A 837 3.61 -22.29 5.33
C ILE A 837 4.98 -22.85 5.67
N LEU A 838 5.65 -23.48 4.70
CA LEU A 838 6.99 -24.01 4.97
C LEU A 838 7.98 -22.89 5.25
N GLY A 839 7.88 -21.76 4.55
CA GLY A 839 8.75 -20.64 4.83
C GLY A 839 8.47 -20.03 6.19
N ALA A 840 7.21 -19.97 6.58
CA ALA A 840 6.89 -19.53 7.94
C ALA A 840 7.50 -20.44 8.97
N GLY A 841 7.47 -21.75 8.73
CA GLY A 841 8.08 -22.68 9.65
C GLY A 841 9.59 -22.56 9.71
N CYS A 842 10.23 -22.41 8.55
CA CYS A 842 11.69 -22.45 8.45
C CYS A 842 12.34 -21.11 8.74
N PHE A 843 11.81 -20.02 8.20
CA PHE A 843 12.40 -18.69 8.34
C PHE A 843 11.54 -17.86 9.27
N VAL A 844 12.18 -17.16 10.21
CA VAL A 844 11.51 -16.36 11.21
C VAL A 844 12.17 -14.99 11.27
N ASP A 845 11.52 -14.07 11.96
CA ASP A 845 12.00 -12.70 12.12
C ASP A 845 12.44 -12.42 13.56
N ASP A 846 12.83 -13.45 14.29
CA ASP A 846 13.30 -13.29 15.66
C ASP A 846 14.17 -14.49 16.00
N ILE A 847 15.28 -14.23 16.70
CA ILE A 847 16.20 -15.32 17.04
C ILE A 847 15.55 -16.30 18.01
N VAL A 848 14.72 -15.81 18.92
CA VAL A 848 14.08 -16.69 19.89
C VAL A 848 13.06 -17.61 19.23
N LYS A 849 12.56 -17.24 18.06
CA LYS A 849 11.58 -18.07 17.36
C LYS A 849 12.20 -19.25 16.62
N THR A 850 13.52 -19.28 16.48
CA THR A 850 14.18 -20.43 15.87
C THR A 850 14.26 -21.62 16.81
N ASP A 851 13.92 -21.44 18.07
CA ASP A 851 13.78 -22.53 19.04
C ASP A 851 12.30 -22.88 19.12
N GLY A 852 11.94 -24.02 18.52
CA GLY A 852 10.53 -24.37 18.43
C GLY A 852 9.90 -24.71 19.75
N THR A 853 10.70 -25.18 20.71
CA THR A 853 10.14 -25.65 21.97
C THR A 853 9.44 -24.53 22.73
N LEU A 854 10.00 -23.32 22.68
CA LEU A 854 9.34 -22.18 23.30
C LEU A 854 8.11 -21.75 22.51
N MET A 855 8.18 -21.85 21.19
CA MET A 855 7.11 -21.41 20.31
C MET A 855 6.44 -22.64 19.71
N ILE A 856 5.46 -23.17 20.43
CA ILE A 856 4.72 -24.35 19.98
C ILE A 856 3.34 -23.91 19.48
N GLU A 857 2.78 -22.88 20.10
CA GLU A 857 1.51 -22.35 19.59
C GLU A 857 1.69 -21.76 18.20
N ARG A 858 2.90 -21.30 17.90
CA ARG A 858 3.21 -20.82 16.55
C ARG A 858 3.00 -21.92 15.52
N PHE A 859 3.56 -23.11 15.78
CA PHE A 859 3.39 -24.21 14.85
C PHE A 859 1.97 -24.76 14.87
N VAL A 860 1.27 -24.63 15.99
CA VAL A 860 -0.14 -25.02 16.02
C VAL A 860 -0.95 -24.11 15.10
N SER A 861 -0.68 -22.81 15.13
CA SER A 861 -1.36 -21.90 14.20
C SER A 861 -1.00 -22.20 12.76
N LEU A 862 0.27 -22.48 12.50
CA LEU A 862 0.68 -22.83 11.14
C LEU A 862 -0.03 -24.10 10.66
N ALA A 863 -0.18 -25.09 11.55
CA ALA A 863 -0.89 -26.31 11.19
C ALA A 863 -2.37 -26.05 10.97
N ILE A 864 -2.96 -25.15 11.76
CA ILE A 864 -4.34 -24.77 11.52
C ILE A 864 -4.49 -24.19 10.13
N ASP A 865 -3.53 -23.35 9.72
CA ASP A 865 -3.56 -22.80 8.37
C ASP A 865 -3.37 -23.88 7.32
N ALA A 866 -2.50 -24.84 7.57
CA ALA A 866 -2.11 -25.83 6.58
C ALA A 866 -3.06 -27.04 6.50
N TYR A 867 -4.00 -27.18 7.43
CA TYR A 867 -4.85 -28.37 7.44
C TYR A 867 -5.55 -28.65 6.12
N PRO A 868 -6.17 -27.67 5.45
CA PRO A 868 -6.96 -28.00 4.26
C PRO A 868 -6.14 -28.59 3.13
N LEU A 869 -4.81 -28.63 3.28
CA LEU A 869 -3.96 -29.25 2.28
C LEU A 869 -4.03 -30.77 2.31
N THR A 870 -4.47 -31.37 3.43
CA THR A 870 -4.62 -32.81 3.47
C THR A 870 -5.65 -33.29 2.46
N LYS A 871 -6.65 -32.46 2.16
CA LYS A 871 -7.68 -32.80 1.19
C LYS A 871 -7.23 -32.57 -0.25
N HIS A 872 -6.06 -31.97 -0.45
CA HIS A 872 -5.59 -31.73 -1.80
C HIS A 872 -5.27 -33.06 -2.49
N PRO A 873 -5.55 -33.18 -3.79
CA PRO A 873 -5.20 -34.42 -4.50
C PRO A 873 -3.71 -34.66 -4.65
N ASN A 874 -2.88 -33.68 -4.29
CA ASN A 874 -1.43 -33.81 -4.40
C ASN A 874 -0.87 -34.28 -3.07
N GLN A 875 -0.03 -35.33 -3.11
CA GLN A 875 0.44 -35.94 -1.87
C GLN A 875 1.48 -35.08 -1.17
N GLU A 876 2.22 -34.25 -1.90
CA GLU A 876 3.18 -33.36 -1.25
C GLU A 876 2.46 -32.31 -0.40
N TYR A 877 1.42 -31.69 -0.96
CA TYR A 877 0.64 -30.72 -0.21
C TYR A 877 0.02 -31.36 1.02
N ALA A 878 -0.52 -32.58 0.87
CA ALA A 878 -1.07 -33.29 2.01
C ALA A 878 0.00 -33.57 3.06
N ASP A 879 1.19 -33.96 2.63
CA ASP A 879 2.26 -34.25 3.58
C ASP A 879 2.74 -33.02 4.32
N VAL A 880 2.50 -31.83 3.76
CA VAL A 880 2.90 -30.61 4.48
C VAL A 880 2.24 -30.53 5.85
N PHE A 881 0.95 -30.86 5.96
CA PHE A 881 0.25 -30.78 7.23
C PHE A 881 0.72 -31.85 8.20
N HIS A 882 0.93 -33.08 7.70
CA HIS A 882 1.41 -34.14 8.58
C HIS A 882 2.82 -33.82 9.09
N LEU A 883 3.61 -33.12 8.28
CA LEU A 883 4.93 -32.68 8.75
C LEU A 883 4.80 -31.79 9.97
N TYR A 884 3.88 -30.84 9.94
CA TYR A 884 3.68 -29.96 11.07
C TYR A 884 3.17 -30.72 12.28
N LEU A 885 2.27 -31.68 12.08
CA LEU A 885 1.78 -32.46 13.23
C LEU A 885 2.91 -33.24 13.87
N GLN A 886 3.73 -33.91 13.06
CA GLN A 886 4.85 -34.67 13.60
C GLN A 886 5.83 -33.76 14.32
N TYR A 887 6.11 -32.59 13.75
CA TYR A 887 7.04 -31.68 14.40
C TYR A 887 6.48 -31.13 15.70
N ILE A 888 5.16 -30.91 15.78
CA ILE A 888 4.56 -30.48 17.03
C ILE A 888 4.70 -31.58 18.09
N ARG A 889 4.48 -32.83 17.70
CA ARG A 889 4.69 -33.92 18.64
C ARG A 889 6.14 -33.96 19.13
N LYS A 890 7.10 -33.80 18.20
CA LYS A 890 8.50 -33.81 18.58
C LYS A 890 8.83 -32.65 19.52
N LEU A 891 8.28 -31.46 19.24
CA LEU A 891 8.53 -30.31 20.09
C LEU A 891 7.97 -30.55 21.49
N HIS A 892 6.79 -31.15 21.60
CA HIS A 892 6.25 -31.43 22.93
C HIS A 892 7.11 -32.44 23.66
N ASP A 893 7.60 -33.46 22.96
CA ASP A 893 8.51 -34.42 23.60
C ASP A 893 9.77 -33.74 24.09
N GLU A 894 10.37 -32.88 23.25
CA GLU A 894 11.59 -32.18 23.64
C GLU A 894 11.34 -31.26 24.83
N LEU A 895 10.20 -30.57 24.83
CA LEU A 895 9.89 -29.68 25.95
C LEU A 895 9.74 -30.47 27.23
N THR A 896 9.05 -31.61 27.19
CA THR A 896 8.90 -32.44 28.38
C THR A 896 10.27 -32.92 28.87
N GLY A 897 11.13 -33.36 27.95
CA GLY A 897 12.46 -33.80 28.35
C GLY A 897 13.27 -32.69 28.97
N HIS A 898 13.23 -31.49 28.40
CA HIS A 898 13.97 -30.37 28.95
C HIS A 898 13.44 -30.00 30.34
N MET A 899 12.12 -30.02 30.51
CA MET A 899 11.56 -29.70 31.83
C MET A 899 11.95 -30.74 32.86
N LEU A 900 12.03 -32.01 32.45
CA LEU A 900 12.50 -33.06 33.34
C LEU A 900 13.99 -32.91 33.68
N ASP A 901 14.81 -32.46 32.72
CA ASP A 901 16.24 -32.35 32.98
C ASP A 901 16.55 -31.15 33.86
N MET A 902 16.01 -29.97 33.50
CA MET A 902 16.30 -28.76 34.27
C MET A 902 15.71 -28.85 35.68
N TYR A 903 14.53 -29.45 35.81
CA TYR A 903 13.83 -29.52 37.09
C TYR A 903 13.65 -30.98 37.48
N SER A 904 12.94 -31.21 38.58
CA SER A 904 12.63 -32.54 39.07
C SER A 904 11.12 -32.72 39.11
N VAL A 905 10.48 -32.30 38.03
CA VAL A 905 9.05 -32.23 37.90
C VAL A 905 8.61 -33.23 36.84
N MET A 906 7.30 -33.35 36.69
CA MET A 906 6.67 -34.08 35.58
C MET A 906 5.56 -33.21 35.02
N LEU A 907 5.70 -32.77 33.77
CA LEU A 907 4.62 -32.00 33.15
C LEU A 907 3.38 -32.86 32.95
N THR A 908 3.56 -34.05 32.40
CA THR A 908 2.47 -34.97 32.09
C THR A 908 1.26 -34.21 31.56
N ASN A 909 1.50 -33.43 30.52
CA ASN A 909 0.58 -32.41 30.04
C ASN A 909 -0.25 -32.84 28.83
N ASP A 910 -0.68 -34.09 28.75
CA ASP A 910 -1.37 -34.53 27.55
C ASP A 910 -2.84 -34.13 27.55
N ASN A 911 -3.11 -32.87 27.89
CA ASN A 911 -4.18 -32.12 27.25
C ASN A 911 -3.72 -31.55 25.93
N THR A 912 -2.40 -31.50 25.73
CA THR A 912 -1.78 -31.05 24.50
C THR A 912 -1.67 -32.15 23.46
N SER A 913 -2.09 -33.37 23.79
CA SER A 913 -2.08 -34.46 22.83
C SER A 913 -3.03 -34.23 21.67
N ARG A 914 -3.93 -33.26 21.78
CA ARG A 914 -4.87 -32.93 20.72
C ARG A 914 -4.24 -32.06 19.64
N TYR A 915 -3.03 -31.57 19.85
CA TYR A 915 -2.38 -30.70 18.89
C TYR A 915 -1.62 -31.45 17.80
N TRP A 916 -1.44 -32.76 17.96
CA TRP A 916 -0.83 -33.56 16.91
C TRP A 916 -1.78 -34.65 16.43
N GLU A 917 -3.08 -34.36 16.46
CA GLU A 917 -4.10 -35.21 15.87
C GLU A 917 -5.03 -34.35 15.03
N PRO A 918 -5.53 -34.88 13.91
CA PRO A 918 -6.23 -34.02 12.93
C PRO A 918 -7.56 -33.45 13.40
N GLU A 919 -8.19 -34.02 14.43
CA GLU A 919 -9.53 -33.58 14.81
C GLU A 919 -9.54 -32.12 15.26
N PHE A 920 -8.53 -31.71 16.02
CA PHE A 920 -8.48 -30.32 16.48
C PHE A 920 -8.51 -29.36 15.30
N TYR A 921 -7.81 -29.69 14.22
CA TYR A 921 -7.76 -28.83 13.05
C TYR A 921 -8.91 -29.07 12.09
N GLU A 922 -9.42 -30.30 12.03
CA GLU A 922 -10.59 -30.58 11.22
C GLU A 922 -11.80 -29.81 11.72
N ALA A 923 -11.91 -29.65 13.04
CA ALA A 923 -13.04 -28.92 13.62
C ALA A 923 -13.00 -27.43 13.32
N MET A 924 -11.89 -26.91 12.79
CA MET A 924 -11.79 -25.49 12.51
C MET A 924 -12.47 -25.09 11.21
N TYR A 925 -12.78 -26.06 10.34
CA TYR A 925 -13.42 -25.78 9.06
C TYR A 925 -14.79 -26.40 8.94
N THR A 926 -15.38 -26.86 10.05
CA THR A 926 -16.74 -27.39 10.02
C THR A 926 -17.71 -26.32 10.51
N PRO A 927 -18.92 -26.21 9.93
CA PRO A 927 -19.77 -25.04 10.23
C PRO A 927 -20.40 -25.04 11.60
N HIS A 928 -19.95 -25.93 12.50
CA HIS A 928 -20.60 -26.04 13.81
C HIS A 928 -20.64 -24.71 14.53
N THR A 929 -19.51 -24.00 14.56
CA THR A 929 -19.43 -22.72 15.24
C THR A 929 -18.72 -21.68 14.40
N PHE B 6 -14.19 -13.31 59.28
CA PHE B 6 -13.02 -14.09 59.68
C PHE B 6 -12.81 -13.99 61.20
N SER B 7 -11.57 -14.21 61.63
CA SER B 7 -11.28 -14.18 63.06
C SER B 7 -11.60 -12.83 63.67
N SER B 8 -11.27 -11.74 62.97
CA SER B 8 -11.52 -10.41 63.51
C SER B 8 -13.01 -10.18 63.74
N LEU B 9 -13.85 -10.62 62.82
CA LEU B 9 -15.28 -10.40 62.96
C LEU B 9 -15.81 -11.16 64.16
N PRO B 10 -16.66 -10.53 64.99
CA PRO B 10 -17.19 -11.24 66.17
C PRO B 10 -18.08 -12.42 65.83
N SER B 11 -18.59 -12.51 64.59
CA SER B 11 -19.41 -13.66 64.22
C SER B 11 -18.60 -14.95 64.29
N TYR B 12 -17.33 -14.91 63.89
CA TYR B 12 -16.49 -16.08 64.02
C TYR B 12 -16.30 -16.46 65.48
N ALA B 13 -16.17 -15.47 66.36
CA ALA B 13 -16.07 -15.75 67.79
C ALA B 13 -17.34 -16.41 68.31
N ALA B 14 -18.50 -15.92 67.88
CA ALA B 14 -19.76 -16.52 68.29
C ALA B 14 -19.86 -17.96 67.81
N PHE B 15 -19.49 -18.22 66.56
CA PHE B 15 -19.48 -19.60 66.07
C PHE B 15 -18.52 -20.46 66.87
N ALA B 16 -17.34 -19.95 67.18
CA ALA B 16 -16.36 -20.74 67.92
C ALA B 16 -16.90 -21.10 69.29
N THR B 17 -17.52 -20.13 69.97
CA THR B 17 -18.12 -20.42 71.28
C THR B 17 -19.22 -21.47 71.16
N ALA B 18 -20.09 -21.34 70.15
CA ALA B 18 -21.18 -22.30 69.99
C ALA B 18 -20.63 -23.70 69.72
N GLN B 19 -19.65 -23.80 68.83
CA GLN B 19 -19.07 -25.10 68.49
C GLN B 19 -18.36 -25.71 69.69
N GLU B 20 -17.63 -24.90 70.46
CA GLU B 20 -16.97 -25.42 71.64
C GLU B 20 -17.99 -25.93 72.65
N ALA B 21 -19.08 -25.18 72.85
CA ALA B 21 -20.12 -25.64 73.76
C ALA B 21 -20.74 -26.95 73.28
N TYR B 22 -21.03 -27.06 71.98
CA TYR B 22 -21.60 -28.28 71.45
C TYR B 22 -20.64 -29.46 71.61
N GLU B 23 -19.36 -29.24 71.32
CA GLU B 23 -18.37 -30.31 71.46
C GLU B 23 -18.25 -30.76 72.91
N GLN B 24 -18.21 -29.80 73.85
CA GLN B 24 -18.14 -30.15 75.26
C GLN B 24 -19.38 -30.93 75.70
N ALA B 25 -20.56 -30.50 75.26
CA ALA B 25 -21.78 -31.21 75.62
C ALA B 25 -21.78 -32.63 75.06
N VAL B 26 -21.33 -32.80 73.82
CA VAL B 26 -21.26 -34.12 73.22
C VAL B 26 -20.28 -35.01 73.98
N ALA B 27 -19.11 -34.46 74.31
CA ALA B 27 -18.10 -35.25 75.02
C ALA B 27 -18.60 -35.66 76.40
N ASN B 28 -19.24 -34.73 77.11
CA ASN B 28 -19.77 -35.04 78.44
C ASN B 28 -20.98 -35.96 78.36
N GLY B 29 -21.65 -36.04 77.21
CA GLY B 29 -22.83 -36.86 77.06
C GLY B 29 -24.10 -36.04 76.94
N ASP B 30 -24.59 -35.89 75.71
CA ASP B 30 -25.80 -35.11 75.49
C ASP B 30 -27.03 -35.84 76.01
N SER B 31 -28.08 -35.07 76.28
CA SER B 31 -29.31 -35.65 76.83
C SER B 31 -29.91 -36.67 75.86
N GLU B 32 -30.35 -36.20 74.70
CA GLU B 32 -30.96 -37.07 73.70
C GLU B 32 -31.38 -36.27 72.47
N VAL B 33 -32.48 -35.53 72.59
CA VAL B 33 -33.02 -34.78 71.46
C VAL B 33 -32.53 -33.34 71.42
N VAL B 34 -32.04 -32.79 72.54
CA VAL B 34 -31.58 -31.40 72.58
C VAL B 34 -30.16 -31.24 72.08
N LEU B 35 -29.36 -32.31 72.06
CA LEU B 35 -28.08 -32.25 71.38
C LEU B 35 -28.26 -31.87 69.92
N LYS B 36 -29.34 -32.37 69.31
CA LYS B 36 -29.68 -31.93 67.96
C LYS B 36 -29.95 -30.44 67.93
N LYS B 37 -30.47 -29.87 69.01
CA LYS B 37 -30.75 -28.43 69.03
C LYS B 37 -29.46 -27.62 69.19
N LEU B 38 -28.51 -28.11 69.97
CA LEU B 38 -27.22 -27.43 70.03
C LEU B 38 -26.49 -27.52 68.70
N LYS B 39 -26.58 -28.67 68.04
CA LYS B 39 -26.09 -28.79 66.67
C LYS B 39 -26.82 -27.83 65.74
N LYS B 40 -28.11 -27.61 65.99
CA LYS B 40 -28.88 -26.66 65.21
C LYS B 40 -28.35 -25.24 65.37
N SER B 41 -28.04 -24.86 66.61
CA SER B 41 -27.41 -23.55 66.85
C SER B 41 -26.08 -23.46 66.13
N LEU B 42 -25.29 -24.54 66.19
CA LEU B 42 -24.04 -24.58 65.43
C LEU B 42 -24.29 -24.31 63.95
N ASN B 43 -25.31 -24.97 63.39
CA ASN B 43 -25.59 -24.82 61.96
C ASN B 43 -26.01 -23.39 61.62
N VAL B 44 -26.84 -22.79 62.47
CA VAL B 44 -27.25 -21.40 62.22
C VAL B 44 -26.02 -20.49 62.24
N ALA B 45 -25.13 -20.70 63.22
CA ALA B 45 -23.90 -19.91 63.27
C ALA B 45 -23.07 -20.13 62.03
N LYS B 46 -22.97 -21.38 61.55
CA LYS B 46 -22.18 -21.65 60.36
C LYS B 46 -22.74 -20.90 59.16
N SER B 47 -24.06 -20.96 58.94
CA SER B 47 -24.65 -20.27 57.80
C SER B 47 -24.41 -18.77 57.89
N GLU B 48 -24.68 -18.17 59.05
CA GLU B 48 -24.52 -16.72 59.17
C GLU B 48 -23.07 -16.31 59.01
N PHE B 49 -22.14 -17.05 59.60
CA PHE B 49 -20.73 -16.71 59.50
C PHE B 49 -20.23 -16.87 58.08
N ASP B 50 -20.66 -17.91 57.37
CA ASP B 50 -20.26 -18.07 55.98
C ASP B 50 -20.79 -16.93 55.13
N ARG B 51 -22.03 -16.52 55.37
CA ARG B 51 -22.56 -15.38 54.62
C ARG B 51 -21.77 -14.10 54.91
N ASP B 52 -21.40 -13.89 56.18
CA ASP B 52 -20.60 -12.72 56.52
C ASP B 52 -19.22 -12.77 55.87
N ALA B 53 -18.58 -13.94 55.89
CA ALA B 53 -17.25 -14.09 55.31
C ALA B 53 -17.25 -13.93 53.80
N ALA B 54 -18.33 -14.35 53.12
CA ALA B 54 -18.41 -14.11 51.69
C ALA B 54 -18.35 -12.61 51.37
N MET B 55 -19.16 -11.82 52.08
CA MET B 55 -19.12 -10.37 51.88
C MET B 55 -17.76 -9.81 52.30
N GLN B 56 -17.14 -10.39 53.33
CA GLN B 56 -15.81 -9.94 53.71
C GLN B 56 -14.84 -10.06 52.56
N ARG B 57 -14.77 -11.25 51.95
CA ARG B 57 -13.86 -11.45 50.81
C ARG B 57 -14.23 -10.55 49.65
N LYS B 58 -15.52 -10.41 49.36
CA LYS B 58 -15.95 -9.57 48.25
C LYS B 58 -15.49 -8.13 48.45
N LEU B 59 -15.72 -7.58 49.65
CA LEU B 59 -15.32 -6.21 49.92
C LEU B 59 -13.80 -6.07 49.90
N GLU B 60 -13.07 -7.05 50.42
CA GLU B 60 -11.62 -6.97 50.39
C GLU B 60 -11.10 -6.92 48.96
N LYS B 61 -11.63 -7.78 48.09
CA LYS B 61 -11.16 -7.78 46.71
C LYS B 61 -11.61 -6.52 45.96
N MET B 62 -12.79 -5.99 46.27
CA MET B 62 -13.21 -4.74 45.66
C MET B 62 -12.29 -3.59 46.08
N ALA B 63 -11.91 -3.56 47.36
CA ALA B 63 -10.97 -2.54 47.84
C ALA B 63 -9.60 -2.71 47.18
N ASP B 64 -9.15 -3.95 47.00
CA ASP B 64 -7.89 -4.17 46.29
C ASP B 64 -7.98 -3.66 44.85
N GLN B 65 -9.11 -3.94 44.18
CA GLN B 65 -9.29 -3.44 42.83
C GLN B 65 -9.26 -1.91 42.79
N ALA B 66 -9.91 -1.27 43.76
CA ALA B 66 -9.90 0.18 43.83
C ALA B 66 -8.50 0.74 44.10
N MET B 67 -7.71 0.08 44.95
CA MET B 67 -6.34 0.52 45.19
C MET B 67 -5.51 0.38 43.93
N THR B 68 -5.67 -0.72 43.19
CA THR B 68 -4.98 -0.87 41.92
C THR B 68 -5.40 0.22 40.93
N GLN B 69 -6.70 0.54 40.91
CA GLN B 69 -7.18 1.61 40.04
C GLN B 69 -6.53 2.95 40.41
N MET B 70 -6.42 3.24 41.71
CA MET B 70 -5.79 4.48 42.14
C MET B 70 -4.32 4.52 41.74
N TYR B 71 -3.61 3.40 41.92
CA TYR B 71 -2.21 3.36 41.51
C TYR B 71 -2.07 3.62 40.01
N LYS B 72 -2.91 2.97 39.20
CA LYS B 72 -2.81 3.17 37.75
C LYS B 72 -3.14 4.60 37.38
N GLN B 73 -4.17 5.19 38.01
CA GLN B 73 -4.54 6.57 37.71
C GLN B 73 -3.42 7.53 38.08
N ALA B 74 -2.77 7.31 39.23
CA ALA B 74 -1.65 8.16 39.62
C ALA B 74 -0.52 8.05 38.62
N ARG B 75 -0.21 6.82 38.18
CA ARG B 75 0.85 6.65 37.18
C ARG B 75 0.49 7.34 35.87
N SER B 76 -0.76 7.25 35.45
CA SER B 76 -1.19 7.92 34.21
C SER B 76 -1.04 9.43 34.35
N GLU B 77 -1.45 9.99 35.49
CA GLU B 77 -1.33 11.42 35.68
C GLU B 77 0.13 11.86 35.77
N ASP B 78 1.01 10.99 36.27
CA ASP B 78 2.43 11.30 36.36
C ASP B 78 3.15 11.18 35.02
N LYS B 79 2.68 10.30 34.14
CA LYS B 79 3.23 10.24 32.79
C LYS B 79 2.70 11.33 31.89
N ARG B 80 1.46 11.78 32.14
CA ARG B 80 0.94 12.91 31.38
C ARG B 80 1.80 14.14 31.60
N ALA B 81 2.23 14.37 32.84
CA ALA B 81 3.12 15.49 33.12
C ALA B 81 4.45 15.34 32.41
N LYS B 82 4.99 14.12 32.39
CA LYS B 82 6.26 13.89 31.71
C LYS B 82 6.15 14.22 30.23
N VAL B 83 5.10 13.71 29.56
CA VAL B 83 4.98 13.95 28.14
C VAL B 83 4.69 15.42 27.86
N THR B 84 3.92 16.08 28.74
CA THR B 84 3.68 17.51 28.57
C THR B 84 4.98 18.30 28.63
N SER B 85 5.81 18.00 29.63
CA SER B 85 7.08 18.70 29.76
C SER B 85 7.98 18.42 28.56
N ALA B 86 7.99 17.17 28.09
CA ALA B 86 8.82 16.83 26.93
C ALA B 86 8.38 17.60 25.69
N MET B 87 7.06 17.66 25.44
CA MET B 87 6.57 18.41 24.29
C MET B 87 6.89 19.89 24.42
N GLN B 88 6.74 20.45 25.63
CA GLN B 88 7.08 21.86 25.82
C GLN B 88 8.56 22.11 25.56
N THR B 89 9.42 21.22 26.04
CA THR B 89 10.85 21.39 25.82
C THR B 89 11.18 21.30 24.33
N MET B 90 10.57 20.36 23.62
CA MET B 90 10.80 20.26 22.18
C MET B 90 10.35 21.52 21.47
N LEU B 91 9.17 22.04 21.82
CA LEU B 91 8.67 23.24 21.17
C LEU B 91 9.56 24.43 21.44
N PHE B 92 10.03 24.59 22.69
CA PHE B 92 10.92 25.70 23.00
C PHE B 92 12.25 25.56 22.27
N THR B 93 12.77 24.34 22.16
CA THR B 93 14.01 24.12 21.42
C THR B 93 13.84 24.53 19.96
N MET B 94 12.73 24.12 19.34
CA MET B 94 12.50 24.48 17.95
C MET B 94 12.31 25.99 17.80
N LEU B 95 11.68 26.63 18.79
CA LEU B 95 11.55 28.08 18.77
C LEU B 95 12.91 28.75 18.77
N ARG B 96 13.79 28.33 19.67
CA ARG B 96 15.13 28.90 19.74
C ARG B 96 16.07 28.34 18.69
N LYS B 97 15.58 27.47 17.81
CA LYS B 97 16.40 26.87 16.76
C LYS B 97 16.18 27.45 15.38
N LEU B 98 15.12 28.24 15.20
CA LEU B 98 14.83 28.85 13.90
C LEU B 98 15.24 30.32 13.91
N ASP B 99 15.83 30.76 12.81
CA ASP B 99 16.27 32.15 12.69
C ASP B 99 15.06 33.08 12.60
N ASN B 100 14.97 34.02 13.54
CA ASN B 100 13.83 34.91 13.59
C ASN B 100 13.89 36.02 12.55
N ASP B 101 15.08 36.44 12.12
CA ASP B 101 15.19 37.59 11.24
C ASP B 101 14.57 37.31 9.87
N ALA B 102 15.09 36.29 9.17
CA ALA B 102 14.57 35.99 7.84
C ALA B 102 13.11 35.57 7.89
N LEU B 103 12.74 34.77 8.90
CA LEU B 103 11.36 34.33 9.02
C LEU B 103 10.42 35.52 9.20
N ASN B 104 10.80 36.45 10.08
CA ASN B 104 9.99 37.65 10.28
C ASN B 104 9.90 38.47 9.01
N ASN B 105 11.02 38.60 8.28
CA ASN B 105 11.00 39.38 7.05
C ASN B 105 10.03 38.78 6.03
N ILE B 106 10.10 37.47 5.82
CA ILE B 106 9.23 36.85 4.81
C ILE B 106 7.78 36.89 5.27
N ILE B 107 7.53 36.73 6.58
CA ILE B 107 6.17 36.76 7.06
C ILE B 107 5.58 38.16 6.94
N ASN B 108 6.40 39.20 7.16
CA ASN B 108 5.91 40.56 6.99
C ASN B 108 5.69 40.89 5.52
N ASN B 109 6.50 40.32 4.62
CA ASN B 109 6.26 40.50 3.20
C ASN B 109 4.95 39.85 2.75
N ALA B 110 4.40 38.94 3.55
CA ALA B 110 3.14 38.30 3.20
C ALA B 110 2.01 39.32 3.15
N ARG B 111 1.08 39.11 2.20
CA ARG B 111 0.02 40.08 2.02
C ARG B 111 -0.92 40.13 3.21
N ASP B 112 -1.20 38.98 3.82
CA ASP B 112 -2.15 38.90 4.93
C ASP B 112 -1.59 38.27 6.20
N GLY B 113 -0.47 37.56 6.12
CA GLY B 113 0.10 36.92 7.30
C GLY B 113 0.43 35.46 7.08
N CYS B 114 -0.40 34.77 6.30
CA CYS B 114 -0.14 33.38 5.96
C CYS B 114 0.91 33.29 4.87
N VAL B 115 1.79 32.30 5.00
CA VAL B 115 2.74 31.99 3.94
C VAL B 115 2.73 30.48 3.75
N PRO B 116 3.04 29.97 2.56
CA PRO B 116 3.22 28.51 2.42
C PRO B 116 4.33 28.03 3.34
N LEU B 117 4.12 26.84 3.93
CA LEU B 117 5.16 26.26 4.76
C LEU B 117 6.37 25.84 3.92
N ASN B 118 6.12 25.32 2.72
CA ASN B 118 7.20 24.75 1.92
C ASN B 118 8.25 25.78 1.52
N ILE B 119 7.96 27.08 1.65
CA ILE B 119 8.93 28.11 1.32
C ILE B 119 9.74 28.56 2.54
N ILE B 120 9.32 28.21 3.75
CA ILE B 120 10.04 28.66 4.94
C ILE B 120 11.48 28.16 4.93
N PRO B 121 11.76 26.86 4.79
CA PRO B 121 13.16 26.44 4.66
C PRO B 121 13.83 26.97 3.41
N LEU B 122 13.11 27.09 2.30
CA LEU B 122 13.73 27.53 1.05
C LEU B 122 14.33 28.92 1.19
N THR B 123 13.60 29.84 1.82
CA THR B 123 13.99 31.24 1.88
C THR B 123 14.71 31.61 3.17
N THR B 124 14.65 30.77 4.21
CA THR B 124 15.21 31.12 5.50
C THR B 124 16.25 30.13 6.02
N ALA B 125 16.27 28.89 5.54
CA ALA B 125 17.23 27.93 6.03
C ALA B 125 18.64 28.41 5.75
N ALA B 126 19.49 28.37 6.78
CA ALA B 126 20.88 28.78 6.64
C ALA B 126 21.79 27.63 6.24
N LYS B 127 21.32 26.39 6.31
CA LYS B 127 22.12 25.23 5.94
C LYS B 127 21.30 24.35 5.00
N LEU B 128 21.97 23.87 3.96
CA LEU B 128 21.37 23.00 2.95
C LEU B 128 22.03 21.62 3.02
N MET B 129 21.22 20.60 2.78
CA MET B 129 21.72 19.21 2.71
C MET B 129 21.28 18.64 1.37
N VAL B 130 22.26 18.27 0.54
CA VAL B 130 22.01 17.69 -0.78
C VAL B 130 22.43 16.23 -0.74
N VAL B 131 21.51 15.34 -1.09
CA VAL B 131 21.79 13.91 -1.15
C VAL B 131 21.96 13.52 -2.60
N ILE B 132 23.17 13.10 -2.96
CA ILE B 132 23.57 12.81 -4.33
C ILE B 132 23.66 11.31 -4.50
N PRO B 133 22.87 10.71 -5.40
CA PRO B 133 22.92 9.24 -5.56
C PRO B 133 24.09 8.76 -6.41
N ASP B 134 24.53 9.57 -7.37
CA ASP B 134 25.59 9.17 -8.29
C ASP B 134 26.39 10.40 -8.69
N TYR B 135 27.49 10.15 -9.43
CA TYR B 135 28.41 11.24 -9.77
C TYR B 135 27.85 12.14 -10.85
N ASN B 136 27.01 11.63 -11.75
CA ASN B 136 26.39 12.49 -12.75
C ASN B 136 25.53 13.55 -12.07
N THR B 137 24.74 13.15 -11.07
CA THR B 137 23.95 14.11 -10.32
C THR B 137 24.85 15.09 -9.58
N TYR B 138 25.99 14.62 -9.07
CA TYR B 138 26.92 15.52 -8.39
C TYR B 138 27.42 16.61 -9.33
N LYS B 139 27.90 16.21 -10.51
CA LYS B 139 28.40 17.21 -11.46
C LYS B 139 27.27 18.11 -11.95
N ASN B 140 26.04 17.61 -11.98
CA ASN B 140 24.92 18.42 -12.47
C ASN B 140 24.45 19.44 -11.44
N THR B 141 24.48 19.12 -10.15
CA THR B 141 23.82 19.92 -9.13
C THR B 141 24.79 20.75 -8.31
N CYS B 142 25.77 20.12 -7.64
CA CYS B 142 26.59 20.78 -6.65
C CYS B 142 28.07 20.64 -6.96
N ASP B 143 28.45 20.84 -8.22
CA ASP B 143 29.85 20.82 -8.59
C ASP B 143 30.55 22.08 -8.10
N GLY B 144 31.83 21.93 -7.74
CA GLY B 144 32.62 23.03 -7.26
C GLY B 144 32.41 23.30 -5.77
N THR B 145 33.13 24.32 -5.29
CA THR B 145 33.03 24.70 -3.88
C THR B 145 31.74 25.44 -3.57
N THR B 146 31.21 26.21 -4.52
CA THR B 146 29.98 26.96 -4.34
C THR B 146 29.02 26.64 -5.48
N PHE B 147 27.72 26.68 -5.18
CA PHE B 147 26.73 26.38 -6.20
C PHE B 147 25.45 27.15 -5.90
N THR B 148 24.63 27.32 -6.93
CA THR B 148 23.41 28.09 -6.84
C THR B 148 22.21 27.15 -6.79
N TYR B 149 21.39 27.31 -5.76
CA TYR B 149 20.15 26.55 -5.63
C TYR B 149 19.10 27.44 -4.97
N ALA B 150 17.85 27.28 -5.38
CA ALA B 150 16.74 28.02 -4.80
C ALA B 150 17.01 29.53 -4.83
N SER B 151 17.58 29.98 -5.94
CA SER B 151 17.87 31.41 -6.14
C SER B 151 18.75 31.95 -5.02
N ALA B 152 19.67 31.11 -4.54
CA ALA B 152 20.60 31.52 -3.50
C ALA B 152 21.93 30.82 -3.75
N LEU B 153 22.99 31.36 -3.15
CA LEU B 153 24.33 30.82 -3.29
C LEU B 153 24.70 30.05 -2.03
N TRP B 154 25.22 28.84 -2.21
CA TRP B 154 25.57 27.96 -1.12
C TRP B 154 27.04 27.58 -1.23
N GLU B 155 27.77 27.80 -0.13
CA GLU B 155 29.18 27.46 -0.03
C GLU B 155 29.29 26.09 0.64
N ILE B 156 29.74 25.10 -0.13
CA ILE B 156 29.82 23.74 0.41
C ILE B 156 30.68 23.74 1.65
N GLN B 157 30.10 23.30 2.76
CA GLN B 157 30.79 23.21 4.04
C GLN B 157 31.45 21.85 4.25
N GLN B 158 30.75 20.77 3.91
CA GLN B 158 31.24 19.44 4.18
C GLN B 158 30.62 18.46 3.19
N VAL B 159 31.30 17.34 2.99
CA VAL B 159 30.76 16.23 2.21
C VAL B 159 31.05 14.93 2.96
N VAL B 160 30.05 14.07 3.09
CA VAL B 160 30.20 12.78 3.73
C VAL B 160 29.55 11.73 2.84
N ASP B 161 29.86 10.47 3.12
CA ASP B 161 29.29 9.36 2.38
C ASP B 161 28.20 8.67 3.22
N ALA B 162 27.65 7.59 2.67
CA ALA B 162 26.61 6.85 3.38
C ALA B 162 27.13 6.31 4.72
N ASP B 163 28.43 6.15 4.87
CA ASP B 163 29.03 5.70 6.11
C ASP B 163 29.41 6.85 7.03
N SER B 164 29.12 8.09 6.63
CA SER B 164 29.44 9.29 7.40
C SER B 164 30.94 9.58 7.45
N LYS B 165 31.71 9.05 6.50
CA LYS B 165 33.13 9.35 6.40
C LYS B 165 33.32 10.63 5.63
N ILE B 166 34.20 11.51 6.14
CA ILE B 166 34.45 12.78 5.47
C ILE B 166 35.04 12.53 4.11
N VAL B 167 34.51 13.22 3.10
CA VAL B 167 34.98 13.10 1.72
C VAL B 167 35.49 14.47 1.28
N GLN B 168 36.70 14.49 0.73
CA GLN B 168 37.25 15.72 0.17
C GLN B 168 36.73 15.91 -1.25
N LEU B 169 36.56 17.18 -1.64
CA LEU B 169 36.00 17.46 -2.96
C LEU B 169 36.89 16.94 -4.08
N SER B 170 38.17 16.72 -3.80
CA SER B 170 39.05 16.13 -4.81
C SER B 170 38.81 14.64 -4.97
N GLU B 171 38.34 13.97 -3.92
CA GLU B 171 38.02 12.55 -4.02
C GLU B 171 36.91 12.30 -5.03
N ILE B 172 35.89 13.16 -5.04
CA ILE B 172 34.77 13.00 -5.96
C ILE B 172 35.28 13.24 -7.38
N SER B 173 35.33 12.18 -8.17
CA SER B 173 35.77 12.28 -9.55
C SER B 173 35.18 11.12 -10.34
N MET B 174 35.21 11.26 -11.66
CA MET B 174 34.60 10.23 -12.51
C MET B 174 35.27 8.88 -12.32
N ASP B 175 36.60 8.87 -12.22
CA ASP B 175 37.33 7.61 -12.06
C ASP B 175 37.24 7.07 -10.64
N ASN B 176 37.17 7.96 -9.64
CA ASN B 176 37.14 7.54 -8.24
C ASN B 176 35.73 7.33 -7.70
N SER B 177 34.72 7.58 -8.51
CA SER B 177 33.34 7.36 -8.06
C SER B 177 33.10 5.96 -7.55
N PRO B 178 33.58 4.89 -8.20
CA PRO B 178 33.31 3.54 -7.69
C PRO B 178 33.85 3.31 -6.29
N ASN B 179 34.84 4.05 -5.84
CA ASN B 179 35.43 3.87 -4.52
C ASN B 179 34.68 4.60 -3.42
N LEU B 180 33.73 5.46 -3.77
CA LEU B 180 32.98 6.21 -2.77
C LEU B 180 31.70 5.46 -2.41
N ALA B 181 31.30 5.59 -1.15
CA ALA B 181 30.08 4.95 -0.64
C ALA B 181 28.90 5.90 -0.86
N TRP B 182 28.36 5.85 -2.07
CA TRP B 182 27.22 6.68 -2.40
C TRP B 182 25.99 6.24 -1.62
N PRO B 183 25.02 7.13 -1.38
CA PRO B 183 24.96 8.54 -1.81
C PRO B 183 25.82 9.45 -0.96
N LEU B 184 26.26 10.58 -1.52
CA LEU B 184 27.00 11.57 -0.75
C LEU B 184 26.05 12.62 -0.20
N ILE B 185 26.29 13.05 1.03
CA ILE B 185 25.55 14.13 1.66
C ILE B 185 26.45 15.35 1.69
N VAL B 186 26.04 16.40 1.00
CA VAL B 186 26.77 17.66 0.93
C VAL B 186 26.04 18.66 1.82
N THR B 187 26.73 19.15 2.83
CA THR B 187 26.20 20.18 3.71
C THR B 187 26.81 21.51 3.29
N ALA B 188 25.96 22.49 2.97
CA ALA B 188 26.39 23.79 2.49
C ALA B 188 25.75 24.87 3.35
N LEU B 189 26.38 26.04 3.36
CA LEU B 189 25.89 27.20 4.11
C LEU B 189 25.46 28.29 3.15
N ARG B 190 24.31 28.89 3.42
CA ARG B 190 23.84 30.00 2.61
C ARG B 190 24.87 31.13 2.64
N ALA B 191 25.37 31.49 1.47
CA ALA B 191 26.44 32.47 1.34
C ALA B 191 25.85 33.88 1.40
N ASN B 192 26.36 34.69 2.32
CA ASN B 192 25.89 36.07 2.50
C ASN B 192 24.38 36.11 2.72
N SER B 193 23.88 35.15 3.50
CA SER B 193 22.46 35.06 3.79
C SER B 193 21.65 34.93 2.51
N SER C 10 18.15 -31.15 -4.32
CA SER C 10 19.51 -31.50 -4.81
C SER C 10 20.44 -30.29 -4.73
N LYS C 11 20.64 -29.79 -3.52
CA LYS C 11 21.52 -28.67 -3.24
C LYS C 11 21.01 -27.36 -3.84
N MET C 12 19.70 -27.12 -3.80
CA MET C 12 19.13 -25.83 -4.17
C MET C 12 18.37 -25.18 -3.03
N SER C 13 17.79 -25.95 -2.13
CA SER C 13 17.27 -25.43 -0.88
C SER C 13 18.34 -25.33 0.20
N ASP C 14 19.39 -26.14 0.11
CA ASP C 14 20.53 -25.99 1.01
C ASP C 14 21.26 -24.69 0.74
N VAL C 15 21.39 -24.30 -0.54
CA VAL C 15 22.12 -23.09 -0.86
C VAL C 15 21.38 -21.86 -0.37
N LYS C 16 20.06 -21.82 -0.49
CA LYS C 16 19.31 -20.64 -0.07
C LYS C 16 19.31 -20.48 1.45
N CYS C 17 19.10 -21.58 2.17
CA CYS C 17 19.19 -21.52 3.63
C CYS C 17 20.60 -21.14 4.07
N THR C 18 21.61 -21.68 3.40
CA THR C 18 23.00 -21.35 3.73
C THR C 18 23.28 -19.88 3.47
N SER C 19 22.73 -19.33 2.39
CA SER C 19 22.91 -17.90 2.10
C SER C 19 22.23 -17.04 3.15
N VAL C 20 21.05 -17.46 3.62
CA VAL C 20 20.38 -16.73 4.69
C VAL C 20 21.25 -16.72 5.94
N VAL C 21 21.79 -17.89 6.31
CA VAL C 21 22.62 -17.97 7.50
C VAL C 21 23.90 -17.16 7.32
N LEU C 22 24.45 -17.17 6.11
CA LEU C 22 25.69 -16.44 5.85
C LEU C 22 25.47 -14.94 5.93
N LEU C 23 24.36 -14.44 5.41
CA LEU C 23 24.10 -13.01 5.53
C LEU C 23 23.78 -12.65 6.98
N SER C 24 23.14 -13.54 7.73
CA SER C 24 22.96 -13.29 9.16
C SER C 24 24.30 -13.18 9.88
N VAL C 25 25.23 -14.08 9.55
CA VAL C 25 26.56 -14.04 10.17
C VAL C 25 27.29 -12.76 9.79
N LEU C 26 27.21 -12.35 8.53
CA LEU C 26 27.83 -11.10 8.11
C LEU C 26 27.20 -9.92 8.85
N GLN C 27 25.89 -9.94 9.03
CA GLN C 27 25.22 -8.87 9.77
C GLN C 27 25.71 -8.84 11.21
N GLN C 28 25.92 -10.01 11.82
CA GLN C 28 26.44 -10.05 13.18
C GLN C 28 27.84 -9.44 13.25
N LEU C 29 28.66 -9.68 12.23
CA LEU C 29 30.02 -9.15 12.17
C LEU C 29 30.07 -7.67 11.85
N ARG C 30 28.94 -6.98 11.87
CA ARG C 30 28.90 -5.53 11.65
C ARG C 30 29.41 -5.17 10.27
N VAL C 31 28.80 -5.77 9.25
CA VAL C 31 29.12 -5.43 7.87
C VAL C 31 28.27 -4.29 7.33
N GLU C 32 27.15 -3.97 7.98
CA GLU C 32 26.36 -2.82 7.54
C GLU C 32 27.11 -1.52 7.73
N SER C 33 28.18 -1.51 8.53
CA SER C 33 28.99 -0.31 8.70
C SER C 33 29.68 0.09 7.40
N SER C 34 29.76 -0.80 6.43
CA SER C 34 30.29 -0.50 5.11
C SER C 34 29.12 -0.54 4.12
N SER C 35 28.72 0.64 3.64
CA SER C 35 27.56 0.72 2.76
C SER C 35 27.77 -0.07 1.47
N LYS C 36 28.94 0.06 0.85
CA LYS C 36 29.20 -0.67 -0.39
C LYS C 36 29.19 -2.17 -0.17
N LEU C 37 29.93 -2.62 0.85
CA LEU C 37 30.02 -4.05 1.10
C LEU C 37 28.66 -4.65 1.45
N TRP C 38 27.89 -3.95 2.28
CA TRP C 38 26.57 -4.46 2.63
C TRP C 38 25.64 -4.46 1.42
N ALA C 39 25.75 -3.45 0.56
CA ALA C 39 24.93 -3.44 -0.65
C ALA C 39 25.25 -4.64 -1.52
N GLN C 40 26.53 -4.94 -1.71
CA GLN C 40 26.92 -6.11 -2.50
C GLN C 40 26.44 -7.41 -1.85
N CYS C 41 26.58 -7.51 -0.52
CA CYS C 41 26.10 -8.70 0.18
C CYS C 41 24.60 -8.89 0.01
N VAL C 42 23.83 -7.81 0.16
CA VAL C 42 22.38 -7.90 0.00
C VAL C 42 22.03 -8.30 -1.42
N GLN C 43 22.72 -7.72 -2.41
CA GLN C 43 22.45 -8.09 -3.79
C GLN C 43 22.68 -9.59 -4.01
N LEU C 44 23.82 -10.09 -3.54
CA LEU C 44 24.11 -11.52 -3.70
C LEU C 44 23.08 -12.37 -3.00
N HIS C 45 22.72 -12.02 -1.76
CA HIS C 45 21.76 -12.80 -1.00
C HIS C 45 20.41 -12.86 -1.70
N ASN C 46 19.89 -11.69 -2.11
CA ASN C 46 18.59 -11.65 -2.76
C ASN C 46 18.61 -12.35 -4.12
N ASP C 47 19.73 -12.27 -4.84
CA ASP C 47 19.83 -12.98 -6.11
C ASP C 47 19.82 -14.49 -5.90
N ILE C 48 20.53 -14.96 -4.87
CA ILE C 48 20.53 -16.40 -4.58
C ILE C 48 19.13 -16.86 -4.20
N LEU C 49 18.43 -16.07 -3.38
CA LEU C 49 17.08 -16.46 -2.99
C LEU C 49 16.15 -16.52 -4.21
N LEU C 50 16.28 -15.55 -5.12
CA LEU C 50 15.49 -15.55 -6.36
C LEU C 50 16.28 -16.20 -7.50
N ALA C 51 16.63 -17.48 -7.29
CA ALA C 51 17.44 -18.22 -8.24
C ALA C 51 16.78 -19.56 -8.54
N LYS C 52 16.82 -19.96 -9.82
CA LYS C 52 16.39 -21.28 -10.25
C LYS C 52 17.53 -22.17 -10.69
N ASP C 53 18.67 -21.60 -11.04
CA ASP C 53 19.82 -22.37 -11.53
C ASP C 53 20.78 -22.62 -10.38
N THR C 54 21.20 -23.88 -10.23
CA THR C 54 22.07 -24.24 -9.13
C THR C 54 23.48 -23.70 -9.32
N THR C 55 23.97 -23.66 -10.56
CA THR C 55 25.33 -23.16 -10.81
C THR C 55 25.43 -21.66 -10.54
N GLU C 56 24.45 -20.89 -11.01
CA GLU C 56 24.44 -19.47 -10.72
C GLU C 56 24.36 -19.22 -9.22
N ALA C 57 23.52 -19.97 -8.53
CA ALA C 57 23.41 -19.82 -7.08
C ALA C 57 24.72 -20.15 -6.39
N PHE C 58 25.43 -21.18 -6.86
CA PHE C 58 26.68 -21.56 -6.20
C PHE C 58 27.78 -20.55 -6.47
N GLU C 59 27.85 -19.99 -7.68
CA GLU C 59 28.85 -18.96 -7.91
C GLU C 59 28.56 -17.71 -7.09
N LYS C 60 27.30 -17.30 -7.00
CA LYS C 60 26.96 -16.18 -6.13
C LYS C 60 27.25 -16.52 -4.66
N MET C 61 27.08 -17.78 -4.28
CA MET C 61 27.40 -18.19 -2.92
C MET C 61 28.89 -18.10 -2.65
N VAL C 62 29.72 -18.46 -3.63
CA VAL C 62 31.16 -18.30 -3.49
C VAL C 62 31.52 -16.83 -3.33
N SER C 63 30.92 -15.97 -4.15
CA SER C 63 31.17 -14.54 -4.01
C SER C 63 30.77 -14.04 -2.63
N LEU C 64 29.60 -14.48 -2.14
CA LEU C 64 29.12 -14.04 -0.84
C LEU C 64 30.02 -14.52 0.29
N LEU C 65 30.49 -15.76 0.21
CA LEU C 65 31.40 -16.28 1.23
C LEU C 65 32.75 -15.59 1.17
N SER C 66 33.13 -15.07 0.00
CA SER C 66 34.35 -14.29 -0.09
C SER C 66 34.33 -13.07 0.82
N VAL C 67 33.14 -12.50 1.07
CA VAL C 67 33.06 -11.38 1.99
C VAL C 67 33.45 -11.81 3.40
N LEU C 68 32.91 -12.94 3.85
CA LEU C 68 33.25 -13.45 5.18
C LEU C 68 34.73 -13.79 5.27
N LEU C 69 35.27 -14.43 4.24
CA LEU C 69 36.67 -14.87 4.28
C LEU C 69 37.64 -13.72 4.10
N SER C 70 37.21 -12.60 3.50
CA SER C 70 38.11 -11.47 3.30
C SER C 70 38.56 -10.88 4.63
N MET C 71 37.62 -10.70 5.55
CA MET C 71 37.94 -10.15 6.88
C MET C 71 38.66 -11.23 7.67
N GLN C 72 39.99 -11.17 7.66
CA GLN C 72 40.79 -12.24 8.25
C GLN C 72 40.61 -12.33 9.76
N GLY C 73 40.56 -11.19 10.43
CA GLY C 73 40.52 -11.19 11.89
C GLY C 73 39.12 -11.25 12.48
N ALA C 74 38.10 -10.98 11.66
CA ALA C 74 36.74 -10.94 12.19
C ALA C 74 36.31 -12.30 12.73
N VAL C 75 36.68 -13.38 12.05
CA VAL C 75 36.30 -14.73 12.45
C VAL C 75 37.55 -15.60 12.51
N ASP C 76 37.46 -16.66 13.31
CA ASP C 76 38.55 -17.62 13.49
C ASP C 76 38.15 -18.89 12.74
N ILE C 77 38.54 -18.96 11.47
CA ILE C 77 38.06 -20.03 10.59
C ILE C 77 38.56 -21.39 11.07
N ASN C 78 39.82 -21.45 11.51
CA ASN C 78 40.41 -22.73 11.85
C ASN C 78 39.64 -23.43 12.96
N LYS C 79 39.24 -22.68 14.00
CA LYS C 79 38.45 -23.26 15.07
C LYS C 79 37.06 -23.66 14.58
N LEU C 80 36.42 -22.81 13.77
CA LEU C 80 35.07 -23.12 13.29
C LEU C 80 35.07 -24.38 12.44
N CYS C 81 36.04 -24.51 11.55
CA CYS C 81 36.16 -25.70 10.70
C CYS C 81 37.24 -26.60 11.31
N GLU C 82 36.85 -27.34 12.34
CA GLU C 82 37.77 -28.22 13.04
C GLU C 82 38.50 -29.14 12.06
N PHE D 6 -4.96 -37.69 44.00
CA PHE D 6 -4.73 -36.98 45.25
C PHE D 6 -4.66 -37.96 46.42
N SER D 7 -3.55 -37.90 47.15
CA SER D 7 -3.33 -38.77 48.30
C SER D 7 -2.45 -38.07 49.31
N SER D 8 -2.49 -38.55 50.55
CA SER D 8 -1.70 -38.00 51.65
C SER D 8 -2.26 -36.64 52.10
N LEU D 9 -3.58 -36.50 52.07
CA LEU D 9 -4.23 -35.31 52.59
C LEU D 9 -5.02 -35.65 53.85
N PRO D 10 -5.18 -34.70 54.78
CA PRO D 10 -5.93 -35.01 56.01
C PRO D 10 -7.34 -35.50 55.75
N SER D 11 -8.02 -34.94 54.74
CA SER D 11 -9.36 -35.41 54.40
C SER D 11 -9.33 -36.68 53.57
N TYR D 12 -8.19 -37.03 52.96
CA TYR D 12 -8.10 -38.29 52.24
C TYR D 12 -8.24 -39.47 53.19
N ALA D 13 -7.64 -39.38 54.38
CA ALA D 13 -7.80 -40.44 55.37
C ALA D 13 -9.25 -40.54 55.85
N ALA D 14 -9.90 -39.41 56.07
CA ALA D 14 -11.31 -39.43 56.41
C ALA D 14 -12.12 -40.11 55.32
N PHE D 15 -11.83 -39.79 54.05
CA PHE D 15 -12.54 -40.43 52.96
C PHE D 15 -12.30 -41.93 52.92
N ALA D 16 -11.04 -42.36 53.09
CA ALA D 16 -10.76 -43.80 53.06
C ALA D 16 -11.50 -44.51 54.17
N THR D 17 -11.46 -43.95 55.38
CA THR D 17 -12.12 -44.60 56.51
C THR D 17 -13.62 -44.68 56.30
N ALA D 18 -14.25 -43.58 55.89
CA ALA D 18 -15.70 -43.59 55.70
C ALA D 18 -16.10 -44.56 54.60
N GLN D 19 -15.36 -44.57 53.48
CA GLN D 19 -15.75 -45.44 52.38
C GLN D 19 -15.52 -46.90 52.72
N GLU D 20 -14.46 -47.21 53.47
CA GLU D 20 -14.26 -48.58 53.94
C GLU D 20 -15.36 -49.00 54.90
N ALA D 21 -15.78 -48.10 55.79
CA ALA D 21 -16.84 -48.42 56.73
C ALA D 21 -18.20 -48.52 56.05
N TYR D 22 -18.36 -47.94 54.86
CA TYR D 22 -19.62 -48.07 54.14
C TYR D 22 -19.92 -49.53 53.84
N GLU D 23 -18.92 -50.28 53.38
CA GLU D 23 -19.12 -51.69 53.07
C GLU D 23 -19.53 -52.48 54.31
N GLN D 24 -18.85 -52.23 55.43
CA GLN D 24 -19.21 -52.91 56.67
C GLN D 24 -20.62 -52.57 57.11
N ALA D 25 -20.99 -51.29 57.02
CA ALA D 25 -22.32 -50.87 57.45
C ALA D 25 -23.40 -51.51 56.60
N VAL D 26 -23.22 -51.49 55.27
CA VAL D 26 -24.23 -52.06 54.39
C VAL D 26 -24.31 -53.57 54.56
N ALA D 27 -23.17 -54.22 54.77
CA ALA D 27 -23.12 -55.67 54.93
C ALA D 27 -23.25 -56.12 56.39
N ASN D 28 -23.41 -55.19 57.32
CA ASN D 28 -23.56 -55.54 58.73
C ASN D 28 -25.02 -55.73 59.15
N GLY D 29 -25.96 -55.49 58.24
CA GLY D 29 -27.37 -55.63 58.59
C GLY D 29 -27.80 -54.66 59.67
N ASP D 30 -27.33 -53.41 59.59
CA ASP D 30 -27.67 -52.40 60.58
C ASP D 30 -28.93 -51.64 60.16
N SER D 31 -29.44 -50.84 61.09
CA SER D 31 -30.64 -50.06 60.83
C SER D 31 -30.36 -48.95 59.82
N GLU D 32 -31.42 -48.48 59.18
CA GLU D 32 -31.28 -47.44 58.16
C GLU D 32 -30.86 -46.11 58.76
N VAL D 33 -31.04 -45.90 60.07
CA VAL D 33 -30.52 -44.70 60.71
C VAL D 33 -29.00 -44.68 60.62
N VAL D 34 -28.37 -45.83 60.82
CA VAL D 34 -26.93 -45.93 60.63
C VAL D 34 -26.58 -45.63 59.18
N LEU D 35 -27.41 -46.07 58.24
CA LEU D 35 -27.17 -45.78 56.83
C LEU D 35 -27.18 -44.28 56.58
N LYS D 36 -28.16 -43.56 57.13
CA LYS D 36 -28.21 -42.12 56.96
C LYS D 36 -27.02 -41.44 57.62
N LYS D 37 -26.64 -41.88 58.81
CA LYS D 37 -25.48 -41.30 59.48
C LYS D 37 -24.23 -41.48 58.64
N LEU D 38 -24.01 -42.68 58.10
CA LEU D 38 -22.83 -42.93 57.29
C LEU D 38 -22.88 -42.13 56.00
N LYS D 39 -24.06 -42.02 55.39
CA LYS D 39 -24.18 -41.18 54.20
C LYS D 39 -23.77 -39.75 54.51
N LYS D 40 -24.27 -39.20 55.61
CA LYS D 40 -23.96 -37.82 55.97
C LYS D 40 -22.46 -37.65 56.18
N SER D 41 -21.85 -38.51 57.00
CA SER D 41 -20.44 -38.37 57.29
C SER D 41 -19.59 -38.55 56.03
N LEU D 42 -19.90 -39.58 55.24
CA LEU D 42 -19.13 -39.85 54.03
C LEU D 42 -19.22 -38.68 53.05
N ASN D 43 -20.42 -38.12 52.87
CA ASN D 43 -20.58 -37.03 51.92
C ASN D 43 -19.92 -35.75 52.42
N VAL D 44 -19.98 -35.49 53.72
CA VAL D 44 -19.29 -34.33 54.28
C VAL D 44 -17.79 -34.46 54.04
N ALA D 45 -17.22 -35.62 54.35
CA ALA D 45 -15.80 -35.84 54.09
C ALA D 45 -15.50 -35.73 52.60
N LYS D 46 -16.41 -36.21 51.75
CA LYS D 46 -16.20 -36.13 50.30
C LYS D 46 -16.09 -34.69 49.85
N SER D 47 -17.00 -33.84 50.32
CA SER D 47 -16.97 -32.44 49.92
C SER D 47 -15.71 -31.74 50.47
N GLU D 48 -15.35 -32.02 51.72
CA GLU D 48 -14.15 -31.39 52.27
C GLU D 48 -12.90 -31.82 51.51
N PHE D 49 -12.78 -33.11 51.22
CA PHE D 49 -11.66 -33.60 50.43
C PHE D 49 -11.66 -33.04 49.02
N ASP D 50 -12.83 -32.85 48.42
CA ASP D 50 -12.89 -32.22 47.11
C ASP D 50 -12.38 -30.79 47.16
N ARG D 51 -12.76 -30.05 48.20
CA ARG D 51 -12.25 -28.69 48.35
C ARG D 51 -10.73 -28.69 48.48
N ASP D 52 -10.21 -29.55 49.35
CA ASP D 52 -8.75 -29.60 49.54
C ASP D 52 -8.05 -30.00 48.25
N ALA D 53 -8.58 -31.00 47.54
CA ALA D 53 -7.97 -31.45 46.30
C ALA D 53 -8.02 -30.36 45.23
N ALA D 54 -9.12 -29.62 45.16
CA ALA D 54 -9.20 -28.53 44.18
C ALA D 54 -8.18 -27.45 44.49
N MET D 55 -8.04 -27.08 45.76
CA MET D 55 -7.05 -26.05 46.10
C MET D 55 -5.63 -26.55 45.81
N GLN D 56 -5.34 -27.81 46.14
CA GLN D 56 -4.02 -28.36 45.85
C GLN D 56 -3.77 -28.42 44.35
N ARG D 57 -4.79 -28.76 43.58
CA ARG D 57 -4.66 -28.77 42.13
C ARG D 57 -4.36 -27.37 41.60
N LYS D 58 -5.04 -26.36 42.15
CA LYS D 58 -4.75 -24.99 41.73
C LYS D 58 -3.31 -24.61 42.07
N LEU D 59 -2.82 -25.01 43.25
CA LEU D 59 -1.44 -24.71 43.61
C LEU D 59 -0.47 -25.39 42.66
N GLU D 60 -0.72 -26.66 42.33
CA GLU D 60 0.16 -27.37 41.39
C GLU D 60 0.12 -26.73 40.02
N LYS D 61 -1.07 -26.29 39.58
CA LYS D 61 -1.18 -25.63 38.28
C LYS D 61 -0.42 -24.32 38.26
N MET D 62 -0.50 -23.55 39.34
CA MET D 62 0.26 -22.31 39.42
C MET D 62 1.76 -22.58 39.41
N ALA D 63 2.20 -23.60 40.13
CA ALA D 63 3.61 -23.97 40.11
C ALA D 63 4.04 -24.36 38.70
N ASP D 64 3.20 -25.14 38.00
CA ASP D 64 3.53 -25.54 36.64
C ASP D 64 3.64 -24.34 35.71
N GLN D 65 2.71 -23.39 35.83
CA GLN D 65 2.76 -22.20 34.98
C GLN D 65 4.02 -21.38 35.26
N ALA D 66 4.32 -21.13 36.53
CA ALA D 66 5.51 -20.34 36.87
C ALA D 66 6.77 -21.04 36.39
N MET D 67 6.84 -22.36 36.58
CA MET D 67 7.99 -23.12 36.13
C MET D 67 8.16 -23.03 34.61
N THR D 68 7.05 -23.14 33.87
CA THR D 68 7.13 -23.03 32.42
C THR D 68 7.63 -21.66 32.01
N GLN D 69 7.11 -20.60 32.65
CA GLN D 69 7.55 -19.25 32.27
C GLN D 69 9.02 -19.03 32.57
N MET D 70 9.50 -19.52 33.71
CA MET D 70 10.92 -19.37 34.01
C MET D 70 11.78 -20.16 33.03
N TYR D 71 11.35 -21.37 32.67
CA TYR D 71 12.06 -22.13 31.66
C TYR D 71 12.13 -21.36 30.34
N LYS D 72 11.01 -20.75 29.95
CA LYS D 72 10.98 -20.01 28.69
C LYS D 72 11.92 -18.82 28.74
N GLN D 73 11.92 -18.06 29.83
CA GLN D 73 12.82 -16.91 29.92
C GLN D 73 14.27 -17.35 29.91
N ALA D 74 14.60 -18.41 30.65
CA ALA D 74 15.97 -18.90 30.66
C ALA D 74 16.40 -19.32 29.26
N ARG D 75 15.55 -20.06 28.56
CA ARG D 75 15.90 -20.51 27.21
C ARG D 75 16.04 -19.33 26.25
N SER D 76 15.16 -18.33 26.37
CA SER D 76 15.27 -17.16 25.51
C SER D 76 16.59 -16.42 25.76
N GLU D 77 16.96 -16.24 27.03
CA GLU D 77 18.23 -15.60 27.35
C GLU D 77 19.39 -16.40 26.78
N ASP D 78 19.37 -17.72 26.94
CA ASP D 78 20.44 -18.55 26.40
C ASP D 78 20.51 -18.43 24.88
N LYS D 79 19.36 -18.46 24.22
CA LYS D 79 19.32 -18.40 22.76
C LYS D 79 19.84 -17.06 22.25
N ARG D 80 19.47 -15.96 22.91
CA ARG D 80 19.93 -14.65 22.46
C ARG D 80 21.39 -14.40 22.78
N ALA D 81 21.87 -14.83 23.95
CA ALA D 81 23.24 -14.55 24.34
C ALA D 81 24.23 -15.24 23.40
N LYS D 82 23.95 -16.48 23.01
CA LYS D 82 24.86 -17.28 22.19
C LYS D 82 24.48 -17.26 20.72
N VAL D 83 23.92 -16.14 20.25
CA VAL D 83 23.48 -16.07 18.86
C VAL D 83 24.67 -16.09 17.91
N THR D 84 25.73 -15.35 18.24
CA THR D 84 26.84 -15.20 17.31
C THR D 84 27.53 -16.53 17.04
N SER D 85 28.05 -17.17 18.09
CA SER D 85 28.78 -18.42 17.91
C SER D 85 27.87 -19.50 17.36
N ALA D 86 26.63 -19.56 17.81
CA ALA D 86 25.70 -20.56 17.30
C ALA D 86 25.49 -20.38 15.80
N MET D 87 25.28 -19.14 15.36
CA MET D 87 25.07 -18.91 13.92
C MET D 87 26.32 -19.24 13.12
N GLN D 88 27.50 -18.91 13.64
CA GLN D 88 28.72 -19.23 12.91
C GLN D 88 28.92 -20.75 12.79
N THR D 89 28.71 -21.48 13.88
CA THR D 89 28.82 -22.93 13.83
C THR D 89 27.80 -23.53 12.88
N MET D 90 26.56 -23.01 12.92
CA MET D 90 25.55 -23.48 11.98
C MET D 90 25.96 -23.21 10.54
N LEU D 91 26.50 -22.02 10.28
CA LEU D 91 26.91 -21.67 8.93
C LEU D 91 27.95 -22.64 8.41
N PHE D 92 28.96 -22.94 9.22
CA PHE D 92 30.01 -23.81 8.72
C PHE D 92 29.58 -25.26 8.65
N THR D 93 28.66 -25.69 9.52
CA THR D 93 28.07 -27.02 9.35
C THR D 93 27.33 -27.12 8.03
N MET D 94 26.53 -26.10 7.69
CA MET D 94 25.80 -26.13 6.43
C MET D 94 26.75 -26.08 5.24
N LEU D 95 27.81 -25.27 5.33
CA LEU D 95 28.79 -25.21 4.26
C LEU D 95 29.46 -26.58 4.05
N ARG D 96 29.81 -27.25 5.15
CA ARG D 96 30.40 -28.57 5.04
C ARG D 96 29.41 -29.55 4.41
N LYS D 97 28.14 -29.45 4.77
CA LYS D 97 27.13 -30.33 4.16
C LYS D 97 26.97 -30.06 2.67
N LEU D 98 27.13 -28.81 2.24
CA LEU D 98 26.97 -28.50 0.82
C LEU D 98 27.98 -29.27 -0.03
N ASP D 99 29.23 -29.35 0.42
CA ASP D 99 30.27 -30.11 -0.28
C ASP D 99 30.45 -29.62 -1.71
N ASN D 100 30.54 -28.30 -1.88
CA ASN D 100 30.85 -27.75 -3.19
C ASN D 100 32.35 -27.67 -3.38
N ASP D 101 32.77 -27.73 -4.65
CA ASP D 101 34.19 -27.66 -4.96
C ASP D 101 34.77 -26.29 -4.66
N ALA D 102 34.11 -25.22 -5.12
CA ALA D 102 34.65 -23.88 -4.95
C ALA D 102 34.61 -23.45 -3.49
N LEU D 103 33.49 -23.72 -2.80
CA LEU D 103 33.39 -23.34 -1.40
C LEU D 103 34.44 -24.06 -0.56
N ASN D 104 34.60 -25.37 -0.78
CA ASN D 104 35.62 -26.11 -0.03
C ASN D 104 37.00 -25.59 -0.36
N ASN D 105 37.27 -25.29 -1.63
CA ASN D 105 38.58 -24.77 -2.02
C ASN D 105 38.90 -23.47 -1.29
N ILE D 106 37.97 -22.51 -1.34
CA ILE D 106 38.25 -21.21 -0.72
C ILE D 106 38.32 -21.33 0.79
N ILE D 107 37.48 -22.20 1.38
CA ILE D 107 37.51 -22.37 2.83
C ILE D 107 38.82 -23.01 3.28
N ASN D 108 39.31 -24.01 2.54
CA ASN D 108 40.59 -24.62 2.87
C ASN D 108 41.72 -23.63 2.72
N ASN D 109 41.70 -22.83 1.66
CA ASN D 109 42.73 -21.81 1.48
C ASN D 109 42.69 -20.81 2.64
N ALA D 110 41.50 -20.41 3.07
CA ALA D 110 41.39 -19.51 4.21
C ALA D 110 41.93 -20.15 5.48
N ARG D 111 41.67 -21.44 5.69
CA ARG D 111 42.24 -22.13 6.84
C ARG D 111 43.77 -22.13 6.76
N ASP D 112 44.32 -22.20 5.56
CA ASP D 112 45.76 -22.13 5.36
C ASP D 112 46.31 -20.72 5.39
N GLY D 113 45.45 -19.70 5.43
CA GLY D 113 45.88 -18.32 5.47
C GLY D 113 45.84 -17.59 4.15
N CYS D 114 45.52 -18.28 3.05
CA CYS D 114 45.42 -17.66 1.73
C CYS D 114 43.98 -17.15 1.55
N VAL D 115 43.77 -15.88 1.83
CA VAL D 115 42.43 -15.31 1.83
C VAL D 115 42.37 -14.19 0.80
N PRO D 116 41.19 -13.87 0.25
CA PRO D 116 41.08 -12.75 -0.68
C PRO D 116 41.01 -11.42 0.05
N LEU D 117 41.17 -10.35 -0.73
CA LEU D 117 41.02 -9.00 -0.23
C LEU D 117 39.78 -8.30 -0.77
N ASN D 118 38.98 -9.00 -1.57
CA ASN D 118 37.76 -8.45 -2.14
C ASN D 118 36.85 -9.59 -2.55
N ILE D 119 35.59 -9.25 -2.79
CA ILE D 119 34.63 -10.25 -3.26
C ILE D 119 35.20 -10.96 -4.49
N ILE D 120 35.06 -12.27 -4.53
CA ILE D 120 35.55 -13.06 -5.65
C ILE D 120 34.66 -12.77 -6.86
N PRO D 121 35.14 -12.06 -7.87
CA PRO D 121 34.28 -11.70 -9.00
C PRO D 121 33.89 -12.91 -9.84
N LEU D 122 32.79 -12.76 -10.56
CA LEU D 122 32.23 -13.83 -11.38
C LEU D 122 32.40 -13.62 -12.87
N THR D 123 32.44 -12.38 -13.33
CA THR D 123 32.58 -12.10 -14.76
C THR D 123 34.01 -12.36 -15.22
N THR D 124 34.17 -12.47 -16.54
CA THR D 124 35.50 -12.70 -17.09
C THR D 124 36.41 -11.50 -16.85
N ALA D 125 35.89 -10.29 -17.01
CA ALA D 125 36.61 -9.07 -16.65
C ALA D 125 36.57 -8.94 -15.14
N ALA D 126 37.51 -9.60 -14.47
CA ALA D 126 37.44 -9.83 -13.04
C ALA D 126 38.82 -9.69 -12.42
N LYS D 127 39.00 -8.69 -11.57
CA LYS D 127 40.25 -8.49 -10.84
C LYS D 127 40.09 -9.04 -9.44
N LEU D 128 40.95 -10.00 -9.07
CA LEU D 128 40.92 -10.64 -7.77
C LEU D 128 42.28 -10.49 -7.11
N MET D 129 42.30 -10.01 -5.87
CA MET D 129 43.52 -9.90 -5.07
C MET D 129 43.48 -10.96 -3.97
N VAL D 130 44.48 -11.84 -3.97
CA VAL D 130 44.55 -12.95 -3.04
C VAL D 130 45.84 -12.86 -2.26
N VAL D 131 45.75 -12.98 -0.94
CA VAL D 131 46.93 -12.95 -0.07
C VAL D 131 47.53 -14.35 -0.02
N ILE D 132 48.85 -14.39 0.19
CA ILE D 132 49.59 -15.65 0.23
C ILE D 132 50.61 -15.55 1.37
N PRO D 133 50.45 -16.30 2.46
CA PRO D 133 51.33 -16.15 3.62
C PRO D 133 52.56 -17.05 3.64
N ASP D 134 52.89 -17.73 2.54
CA ASP D 134 53.96 -18.73 2.57
C ASP D 134 54.23 -19.16 1.14
N TYR D 135 55.42 -19.75 0.94
CA TYR D 135 55.77 -20.29 -0.37
C TYR D 135 55.08 -21.62 -0.64
N ASN D 136 54.86 -22.44 0.39
CA ASN D 136 54.24 -23.74 0.17
C ASN D 136 52.83 -23.60 -0.40
N THR D 137 52.03 -22.72 0.20
CA THR D 137 50.69 -22.49 -0.34
C THR D 137 50.76 -21.87 -1.73
N TYR D 138 51.77 -21.05 -2.00
CA TYR D 138 51.94 -20.50 -3.33
C TYR D 138 52.13 -21.62 -4.35
N LYS D 139 53.08 -22.52 -4.10
CA LYS D 139 53.36 -23.57 -5.07
C LYS D 139 52.19 -24.55 -5.17
N ASN D 140 51.48 -24.78 -4.06
CA ASN D 140 50.33 -25.67 -4.12
C ASN D 140 49.21 -25.07 -4.96
N THR D 141 48.91 -23.79 -4.76
CA THR D 141 47.80 -23.13 -5.42
C THR D 141 48.22 -22.30 -6.63
N CYS D 142 49.50 -22.26 -6.96
CA CYS D 142 49.97 -21.48 -8.09
C CYS D 142 51.16 -22.17 -8.74
N ASP D 143 51.30 -21.96 -10.04
CA ASP D 143 52.44 -22.46 -10.81
C ASP D 143 52.47 -21.73 -12.15
N GLY D 144 53.67 -21.44 -12.63
CA GLY D 144 53.78 -20.68 -13.86
C GLY D 144 53.10 -19.34 -13.73
N THR D 145 52.25 -19.01 -14.71
CA THR D 145 51.49 -17.77 -14.70
C THR D 145 49.99 -18.02 -14.58
N THR D 146 49.60 -19.15 -14.01
CA THR D 146 48.20 -19.50 -13.81
C THR D 146 47.96 -19.77 -12.34
N PHE D 147 46.80 -19.31 -11.84
CA PHE D 147 46.48 -19.33 -10.43
C PHE D 147 45.10 -19.98 -10.27
N THR D 148 45.07 -21.13 -9.61
CA THR D 148 43.83 -21.89 -9.45
C THR D 148 43.21 -21.53 -8.10
N TYR D 149 41.97 -21.04 -8.14
CA TYR D 149 41.31 -20.56 -6.94
C TYR D 149 39.81 -20.59 -7.15
N ALA D 150 39.08 -21.05 -6.14
CA ALA D 150 37.62 -21.12 -6.19
C ALA D 150 37.14 -21.93 -7.40
N SER D 151 37.85 -23.02 -7.69
CA SER D 151 37.52 -23.89 -8.82
C SER D 151 37.44 -23.08 -10.11
N ALA D 152 38.44 -22.23 -10.32
CA ALA D 152 38.52 -21.45 -11.54
C ALA D 152 39.99 -21.11 -11.79
N LEU D 153 40.28 -20.74 -13.02
CA LEU D 153 41.63 -20.36 -13.43
C LEU D 153 41.71 -18.85 -13.54
N TRP D 154 42.79 -18.28 -13.02
CA TRP D 154 43.04 -16.85 -13.09
C TRP D 154 44.43 -16.63 -13.69
N GLU D 155 44.59 -15.52 -14.40
CA GLU D 155 45.89 -15.15 -14.97
C GLU D 155 46.50 -14.06 -14.11
N ILE D 156 47.66 -14.36 -13.52
CA ILE D 156 48.31 -13.42 -12.61
C ILE D 156 48.72 -12.16 -13.38
N GLN D 157 48.67 -11.03 -12.70
CA GLN D 157 49.15 -9.76 -13.24
C GLN D 157 50.35 -9.23 -12.47
N GLN D 158 50.26 -9.13 -11.15
CA GLN D 158 51.38 -8.65 -10.35
C GLN D 158 51.31 -9.19 -8.93
N VAL D 159 52.49 -9.26 -8.31
CA VAL D 159 52.65 -9.64 -6.91
C VAL D 159 53.43 -8.52 -6.23
N VAL D 160 52.94 -8.05 -5.09
CA VAL D 160 53.44 -6.82 -4.50
C VAL D 160 53.93 -7.01 -3.07
N ASP D 161 54.18 -8.25 -2.64
CA ASP D 161 54.85 -8.50 -1.38
C ASP D 161 54.13 -7.85 -0.19
N ALA D 162 54.76 -7.90 0.98
CA ALA D 162 54.19 -7.26 2.17
C ALA D 162 54.30 -5.75 2.06
N ASP D 163 55.52 -5.22 2.03
CA ASP D 163 55.74 -3.82 1.70
C ASP D 163 55.69 -3.66 0.19
N SER D 164 54.76 -2.83 -0.29
CA SER D 164 54.44 -2.77 -1.71
C SER D 164 55.70 -2.69 -2.57
N LYS D 165 55.95 -3.73 -3.35
CA LYS D 165 57.08 -3.75 -4.27
C LYS D 165 56.86 -4.90 -5.24
N ILE D 166 56.82 -4.60 -6.53
CA ILE D 166 56.52 -5.59 -7.56
C ILE D 166 57.54 -6.73 -7.46
N VAL D 167 57.10 -7.94 -7.77
CA VAL D 167 57.97 -9.11 -7.80
C VAL D 167 57.70 -9.88 -9.08
N GLN D 168 58.76 -10.18 -9.83
CA GLN D 168 58.63 -11.01 -11.02
C GLN D 168 58.38 -12.46 -10.61
N LEU D 169 57.61 -13.17 -11.44
CA LEU D 169 57.27 -14.56 -11.11
C LEU D 169 58.53 -15.40 -10.95
N SER D 170 59.54 -15.15 -11.78
CA SER D 170 60.79 -15.92 -11.69
C SER D 170 61.48 -15.73 -10.36
N GLU D 171 61.17 -14.65 -9.64
CA GLU D 171 61.82 -14.37 -8.36
C GLU D 171 61.21 -15.16 -7.21
N ILE D 172 60.12 -15.89 -7.46
CA ILE D 172 59.47 -16.71 -6.44
C ILE D 172 59.81 -18.16 -6.74
N SER D 173 60.58 -18.78 -5.85
CA SER D 173 61.00 -20.16 -6.02
C SER D 173 61.47 -20.67 -4.67
N MET D 174 61.69 -21.98 -4.60
CA MET D 174 62.04 -22.61 -3.33
C MET D 174 63.33 -22.02 -2.78
N ASP D 175 64.32 -21.77 -3.64
CA ASP D 175 65.57 -21.15 -3.20
C ASP D 175 65.36 -19.69 -2.83
N ASN D 176 64.48 -19.00 -3.55
CA ASN D 176 64.32 -17.56 -3.38
C ASN D 176 63.33 -17.20 -2.27
N SER D 177 62.61 -18.17 -1.72
CA SER D 177 61.55 -17.84 -0.77
C SER D 177 62.06 -17.07 0.44
N PRO D 178 63.19 -17.41 1.07
CA PRO D 178 63.60 -16.67 2.27
C PRO D 178 63.82 -15.19 2.01
N ASN D 179 64.26 -14.83 0.80
CA ASN D 179 64.53 -13.44 0.48
C ASN D 179 63.25 -12.61 0.43
N LEU D 180 62.20 -13.16 -0.15
CA LEU D 180 60.97 -12.41 -0.38
C LEU D 180 60.32 -11.99 0.93
N ALA D 181 59.61 -10.86 0.88
CA ALA D 181 58.96 -10.27 2.04
C ALA D 181 57.50 -10.72 2.06
N TRP D 182 57.24 -11.81 2.79
CA TRP D 182 55.89 -12.33 2.90
C TRP D 182 55.08 -11.47 3.88
N PRO D 183 53.74 -11.50 3.78
CA PRO D 183 52.92 -12.21 2.79
C PRO D 183 52.87 -11.48 1.46
N LEU D 184 52.55 -12.19 0.38
CA LEU D 184 52.44 -11.59 -0.94
C LEU D 184 50.96 -11.35 -1.26
N ILE D 185 50.72 -10.49 -2.25
CA ILE D 185 49.37 -10.20 -2.72
C ILE D 185 49.37 -10.34 -4.23
N VAL D 186 48.69 -11.36 -4.73
CA VAL D 186 48.65 -11.68 -6.15
C VAL D 186 47.34 -11.13 -6.71
N THR D 187 47.44 -10.29 -7.73
CA THR D 187 46.26 -9.79 -8.43
C THR D 187 46.16 -10.49 -9.77
N ALA D 188 44.98 -11.03 -10.06
CA ALA D 188 44.80 -11.92 -11.20
C ALA D 188 43.46 -11.66 -11.87
N LEU D 189 43.39 -12.05 -13.15
CA LEU D 189 42.19 -11.93 -13.95
C LEU D 189 41.57 -13.30 -14.16
N ARG D 190 40.24 -13.38 -14.05
CA ARG D 190 39.57 -14.65 -14.25
C ARG D 190 39.79 -15.14 -15.68
N ALA D 191 40.01 -16.45 -15.82
CA ALA D 191 40.21 -17.06 -17.13
C ALA D 191 38.89 -17.15 -17.88
#